data_2Z67
#
_entry.id   2Z67
#
_cell.length_a   75.745
_cell.length_b   108.143
_cell.length_c   110.390
_cell.angle_alpha   90.00
_cell.angle_beta   96.50
_cell.angle_gamma   90.00
#
_symmetry.space_group_name_H-M   'P 1 21 1'
#
loop_
_entity.id
_entity.type
_entity.pdbx_description
1 polymer 'O-phosphoseryl-tRNA(Sec) selenium transferase'
2 non-polymer "PYRIDOXAL-5'-PHOSPHATE"
3 non-polymer 'SULFATE ION'
4 water water
#
_entity_poly.entity_id   1
_entity_poly.type   'polypeptide(L)'
_entity_poly.pdbx_seq_one_letter_code
;MGSSHHHHHHSSGLVPRGSH(MSE)LDFNIEGLIPKN(MSE)EKRGELVLNEYLKEIEDVFNHRKIPENGIDDEKIKLFL
KFLS(MSE)(MSE)DTDKDPKSVRIGEREARTYSKIHEELSSGFCHGIGRSGNLVDPQPKASGASI(MSE)YALTNKILE
SFFKQLGLNVHAIATPISTG(MSE)SISLCLSAARKKYGSNVVIYPYASHKSPIKAVSFVG(MSE)N(MSE)RLVETVLD
GDRVYVPVEDIENAIKKEIELGNRPCVLSTLTFFPPRNSDDIVEIAKICENYDIPHIINGAYAIQNNYYLEKLKKAFKYR
VDAVVSSSDKNLLTPIGGGLVYSTDAEFIKEISLSYPGRASATPVVNTLVSLLS(MSE)GSKNYLELVKNQKNSKKLLDE
LLNDLSKKTGGKFLDVESPIASCISVNSDPVEIAAKLYNLRVTGPRGIKKTDHFGNCYLGTYTHDYIV(MSE)NAAIGVR
TEDIVNSVSKLEKILL
;
_entity_poly.pdbx_strand_id   A,B,C,D
#
loop_
_chem_comp.id
_chem_comp.type
_chem_comp.name
_chem_comp.formula
PLP non-polymer PYRIDOXAL-5'-PHOSPHATE 'C8 H10 N O6 P'
SO4 non-polymer 'SULFATE ION' 'O4 S -2'
#
# COMPACT_ATOMS: atom_id res chain seq x y z
N MSE A 21 -5.58 22.22 11.67
CA MSE A 21 -6.05 21.17 10.70
C MSE A 21 -6.39 19.88 11.43
O MSE A 21 -7.52 19.41 11.39
CB MSE A 21 -4.98 20.92 9.64
CG MSE A 21 -5.40 19.92 8.56
SE MSE A 21 -4.75 20.35 6.76
CE MSE A 21 -6.00 21.77 6.36
N LEU A 22 -5.39 19.31 12.11
CA LEU A 22 -5.59 18.08 12.86
C LEU A 22 -5.64 18.36 14.35
N ASP A 23 -6.70 17.89 15.01
CA ASP A 23 -6.85 18.08 16.43
C ASP A 23 -7.60 16.92 17.07
N PHE A 24 -6.93 16.24 17.98
CA PHE A 24 -7.53 15.12 18.69
C PHE A 24 -6.99 15.12 20.11
N ASN A 25 -7.74 14.50 21.01
CA ASN A 25 -7.38 14.43 22.43
C ASN A 25 -6.14 13.58 22.71
N ILE A 26 -5.08 14.24 23.17
CA ILE A 26 -3.83 13.54 23.43
C ILE A 26 -3.31 13.78 24.84
N GLU A 27 -4.06 14.54 25.63
CA GLU A 27 -3.64 14.89 26.98
C GLU A 27 -3.63 13.73 27.96
N GLY A 28 -2.85 13.90 29.03
CA GLY A 28 -2.74 12.88 30.06
C GLY A 28 -2.09 11.63 29.51
N LEU A 29 -0.99 11.81 28.78
CA LEU A 29 -0.28 10.70 28.19
C LEU A 29 1.21 11.01 28.02
N ILE A 30 1.53 12.27 27.78
CA ILE A 30 2.91 12.70 27.57
C ILE A 30 3.18 14.02 28.28
N PRO A 31 4.43 14.26 28.73
CA PRO A 31 4.67 15.54 29.40
C PRO A 31 4.31 16.69 28.44
N LYS A 32 3.70 17.73 28.99
CA LYS A 32 3.24 18.87 28.21
C LYS A 32 4.18 19.47 27.16
N ASN A 33 5.45 19.69 27.50
CA ASN A 33 6.35 20.27 26.51
C ASN A 33 6.54 19.35 25.29
N MSE A 34 6.52 18.05 25.52
CA MSE A 34 6.65 17.09 24.42
C MSE A 34 5.37 17.17 23.60
O MSE A 34 5.39 17.09 22.37
CB MSE A 34 6.82 15.66 24.97
CG MSE A 34 8.25 15.25 25.30
SE MSE A 34 8.40 13.37 25.87
CE MSE A 34 7.68 12.54 24.27
N GLU A 35 4.26 17.34 24.30
CA GLU A 35 2.93 17.43 23.68
C GLU A 35 2.86 18.59 22.71
N LYS A 36 3.50 19.69 23.08
CA LYS A 36 3.53 20.89 22.25
C LYS A 36 4.39 20.59 21.02
N ARG A 37 5.58 20.04 21.28
CA ARG A 37 6.52 19.72 20.22
C ARG A 37 5.93 18.81 19.15
N GLY A 38 5.22 17.78 19.58
CA GLY A 38 4.61 16.87 18.63
C GLY A 38 3.53 17.58 17.83
N GLU A 39 2.93 18.58 18.44
CA GLU A 39 1.86 19.33 17.80
C GLU A 39 2.42 20.31 16.77
N LEU A 40 3.65 20.77 17.01
CA LEU A 40 4.31 21.69 16.09
C LEU A 40 4.78 20.92 14.87
N VAL A 41 5.43 19.78 15.10
CA VAL A 41 5.92 18.94 14.01
C VAL A 41 4.75 18.56 13.12
N LEU A 42 3.66 18.09 13.74
CA LEU A 42 2.49 17.70 12.98
C LEU A 42 2.00 18.82 12.07
N ASN A 43 1.83 20.01 12.63
CA ASN A 43 1.36 21.13 11.84
C ASN A 43 2.32 21.50 10.71
N GLU A 44 3.63 21.47 10.98
CA GLU A 44 4.64 21.78 9.96
C GLU A 44 4.63 20.72 8.84
N TYR A 45 4.35 19.48 9.21
CA TYR A 45 4.30 18.40 8.25
C TYR A 45 3.08 18.52 7.35
N LEU A 46 2.00 19.11 7.87
CA LEU A 46 0.77 19.29 7.10
C LEU A 46 0.66 20.62 6.37
N LYS A 47 1.71 21.43 6.40
CA LYS A 47 1.73 22.73 5.73
C LYS A 47 1.46 22.60 4.23
N GLU A 48 2.28 21.81 3.55
CA GLU A 48 2.14 21.62 2.11
C GLU A 48 0.73 21.21 1.74
N ILE A 49 0.08 20.43 2.61
CA ILE A 49 -1.29 20.01 2.35
C ILE A 49 -2.20 21.17 2.65
N GLU A 50 -1.91 21.87 3.73
CA GLU A 50 -2.72 23.02 4.13
C GLU A 50 -2.69 24.08 3.02
N ASP A 51 -1.55 24.25 2.37
CA ASP A 51 -1.43 25.23 1.31
C ASP A 51 -2.24 24.92 0.07
N VAL A 52 -2.33 23.65 -0.29
CA VAL A 52 -3.10 23.26 -1.47
C VAL A 52 -4.54 23.73 -1.29
N PHE A 53 -5.06 23.64 -0.06
CA PHE A 53 -6.44 24.04 0.24
C PHE A 53 -6.62 25.55 0.31
N ASN A 54 -5.64 26.25 0.88
CA ASN A 54 -5.75 27.70 1.00
C ASN A 54 -5.33 28.43 -0.27
N HIS A 55 -4.23 27.99 -0.89
CA HIS A 55 -3.76 28.67 -2.10
C HIS A 55 -4.37 28.12 -3.40
N ARG A 56 -4.59 26.81 -3.46
CA ARG A 56 -5.17 26.18 -4.65
C ARG A 56 -4.36 26.41 -5.91
N LYS A 57 -3.03 26.39 -5.75
CA LYS A 57 -2.11 26.59 -6.85
C LYS A 57 -1.04 25.50 -6.82
N ILE A 58 -0.34 25.34 -7.94
CA ILE A 58 0.71 24.35 -8.02
C ILE A 58 1.83 24.86 -7.12
N PRO A 59 2.34 24.01 -6.21
CA PRO A 59 3.41 24.43 -5.31
C PRO A 59 4.79 24.52 -5.96
N GLU A 60 5.54 25.55 -5.61
CA GLU A 60 6.89 25.74 -6.12
C GLU A 60 7.66 24.41 -6.01
N ASN A 61 7.50 23.73 -4.88
CA ASN A 61 8.16 22.45 -4.65
C ASN A 61 7.20 21.26 -4.68
N GLY A 62 7.69 20.14 -5.21
CA GLY A 62 6.88 18.94 -5.30
C GLY A 62 6.61 18.35 -3.94
N ILE A 63 5.42 17.80 -3.77
CA ILE A 63 5.05 17.20 -2.50
C ILE A 63 5.28 15.68 -2.60
N ASP A 64 5.83 15.08 -1.54
CA ASP A 64 6.08 13.65 -1.60
C ASP A 64 4.78 12.84 -1.70
N ASP A 65 4.86 11.68 -2.35
CA ASP A 65 3.70 10.85 -2.56
C ASP A 65 2.86 10.53 -1.35
N GLU A 66 3.51 10.36 -0.21
CA GLU A 66 2.76 10.03 0.99
C GLU A 66 1.77 11.13 1.38
N LYS A 67 2.21 12.38 1.35
CA LYS A 67 1.32 13.47 1.70
C LYS A 67 0.23 13.62 0.66
N ILE A 68 0.53 13.30 -0.59
CA ILE A 68 -0.47 13.42 -1.65
C ILE A 68 -1.61 12.42 -1.37
N LYS A 69 -1.25 11.21 -0.95
CA LYS A 69 -2.26 10.20 -0.66
C LYS A 69 -3.15 10.64 0.50
N LEU A 70 -2.53 11.18 1.55
CA LEU A 70 -3.27 11.66 2.72
C LEU A 70 -4.26 12.73 2.25
N PHE A 71 -3.76 13.69 1.50
CA PHE A 71 -4.58 14.77 0.96
C PHE A 71 -5.80 14.19 0.23
N LEU A 72 -5.58 13.15 -0.58
CA LEU A 72 -6.67 12.53 -1.31
C LEU A 72 -7.62 11.82 -0.37
N LYS A 73 -7.07 11.30 0.72
CA LYS A 73 -7.85 10.60 1.73
C LYS A 73 -8.83 11.54 2.44
N PHE A 74 -8.35 12.72 2.82
CA PHE A 74 -9.21 13.70 3.49
C PHE A 74 -10.39 13.99 2.58
N LEU A 75 -10.17 13.93 1.27
CA LEU A 75 -11.25 14.21 0.34
C LEU A 75 -12.18 13.02 0.12
N SER A 76 -11.62 11.83 -0.12
CA SER A 76 -12.48 10.68 -0.35
C SER A 76 -13.42 10.40 0.83
N MSE A 77 -12.98 10.75 2.04
CA MSE A 77 -13.79 10.54 3.23
C MSE A 77 -15.07 11.37 3.25
O MSE A 77 -15.95 11.13 4.06
CB MSE A 77 -12.98 10.82 4.49
CG MSE A 77 -11.85 9.85 4.77
SE MSE A 77 -11.00 10.15 6.50
CE MSE A 77 -10.02 11.78 6.11
N MSE A 78 -15.17 12.34 2.37
CA MSE A 78 -16.36 13.18 2.31
C MSE A 78 -17.44 12.62 1.39
O MSE A 78 -18.60 12.98 1.50
CB MSE A 78 -15.99 14.59 1.87
CG MSE A 78 -15.11 15.30 2.90
SE MSE A 78 -14.70 17.14 2.45
CE MSE A 78 -13.08 16.87 1.48
N ASP A 79 -17.04 11.72 0.49
CA ASP A 79 -18.01 11.12 -0.40
C ASP A 79 -19.06 10.41 0.46
N THR A 80 -20.30 10.45 -0.02
CA THR A 80 -21.44 9.88 0.68
C THR A 80 -21.48 8.38 0.96
N ASP A 81 -20.66 7.60 0.26
CA ASP A 81 -20.65 6.15 0.46
C ASP A 81 -19.77 5.71 1.64
N LYS A 82 -18.85 6.57 2.06
CA LYS A 82 -17.96 6.26 3.18
C LYS A 82 -18.62 6.53 4.53
N ASP A 83 -19.89 6.93 4.49
CA ASP A 83 -20.68 7.24 5.69
C ASP A 83 -21.22 5.96 6.34
N PRO A 84 -20.68 5.60 7.52
CA PRO A 84 -21.09 4.40 8.25
C PRO A 84 -22.53 4.34 8.76
N LYS A 85 -23.03 5.45 9.29
CA LYS A 85 -24.40 5.49 9.82
C LYS A 85 -25.49 5.52 8.74
N SER A 86 -25.09 5.52 7.48
CA SER A 86 -26.04 5.59 6.37
C SER A 86 -26.79 4.30 6.04
N VAL A 87 -28.05 4.45 5.61
CA VAL A 87 -28.89 3.31 5.21
C VAL A 87 -29.01 3.35 3.68
N ARG A 88 -28.23 2.50 3.03
CA ARG A 88 -28.14 2.44 1.57
C ARG A 88 -29.12 1.54 0.79
N ILE A 89 -30.17 2.15 0.25
CA ILE A 89 -31.13 1.39 -0.53
C ILE A 89 -31.41 2.07 -1.87
N GLY A 90 -30.39 2.72 -2.41
CA GLY A 90 -30.54 3.41 -3.68
C GLY A 90 -30.18 2.55 -4.88
N GLU A 91 -30.48 3.09 -6.06
CA GLU A 91 -30.21 2.41 -7.33
C GLU A 91 -28.73 2.36 -7.68
N ARG A 92 -27.96 3.32 -7.18
CA ARG A 92 -26.53 3.42 -7.46
C ARG A 92 -25.76 3.89 -6.23
N GLU A 93 -25.60 2.99 -5.26
CA GLU A 93 -24.91 3.28 -4.00
C GLU A 93 -23.39 3.30 -4.08
N ALA A 94 -22.83 2.96 -5.23
CA ALA A 94 -21.39 2.96 -5.40
C ALA A 94 -20.73 1.94 -4.47
N ARG A 95 -21.38 0.79 -4.30
CA ARG A 95 -20.82 -0.27 -3.46
C ARG A 95 -19.63 -0.84 -4.23
N THR A 96 -18.64 -1.27 -3.48
CA THR A 96 -17.43 -1.81 -4.08
C THR A 96 -17.16 -3.20 -3.51
N TYR A 97 -16.68 -4.12 -4.33
CA TYR A 97 -16.43 -5.46 -3.84
C TYR A 97 -15.05 -5.71 -3.28
N SER A 98 -14.03 -5.13 -3.91
CA SER A 98 -12.64 -5.32 -3.49
C SER A 98 -11.96 -4.04 -3.02
N LYS A 99 -11.04 -4.15 -2.07
CA LYS A 99 -10.31 -3.00 -1.58
C LYS A 99 -9.47 -2.41 -2.72
N ILE A 100 -9.17 -3.25 -3.70
CA ILE A 100 -8.39 -2.81 -4.82
C ILE A 100 -9.18 -1.74 -5.56
N HIS A 101 -10.50 -1.89 -5.55
CA HIS A 101 -11.37 -0.93 -6.22
C HIS A 101 -11.13 0.46 -5.63
N GLU A 102 -11.17 0.55 -4.30
CA GLU A 102 -10.97 1.82 -3.62
C GLU A 102 -9.57 2.37 -3.83
N GLU A 103 -8.67 1.51 -4.27
CA GLU A 103 -7.28 1.90 -4.50
C GLU A 103 -7.10 2.46 -5.92
N LEU A 104 -7.72 1.82 -6.90
CA LEU A 104 -7.60 2.25 -8.28
C LEU A 104 -8.39 3.52 -8.54
N SER A 105 -9.37 3.79 -7.69
CA SER A 105 -10.18 5.00 -7.82
C SER A 105 -9.76 6.06 -6.79
N SER A 106 -8.74 5.75 -6.02
CA SER A 106 -8.23 6.64 -4.99
C SER A 106 -9.30 7.04 -3.96
N GLY A 107 -10.32 6.20 -3.80
CA GLY A 107 -11.36 6.48 -2.84
C GLY A 107 -12.63 7.07 -3.44
N PHE A 108 -12.53 7.63 -4.64
CA PHE A 108 -13.69 8.22 -5.28
C PHE A 108 -14.47 7.19 -6.08
N CYS A 109 -15.19 6.33 -5.35
CA CYS A 109 -15.96 5.26 -5.96
C CYS A 109 -17.19 5.74 -6.71
N HIS A 110 -17.62 6.96 -6.44
CA HIS A 110 -18.80 7.52 -7.11
C HIS A 110 -18.43 8.23 -8.42
N GLY A 111 -17.15 8.24 -8.75
CA GLY A 111 -16.70 8.89 -9.96
C GLY A 111 -16.79 10.40 -9.82
N ILE A 112 -16.82 11.10 -10.95
CA ILE A 112 -16.90 12.56 -10.92
C ILE A 112 -18.02 13.11 -11.76
N GLY A 113 -18.44 14.31 -11.41
CA GLY A 113 -19.49 14.99 -12.15
C GLY A 113 -20.89 14.43 -12.04
N ARG A 114 -21.87 15.29 -12.33
CA ARG A 114 -23.25 14.87 -12.29
C ARG A 114 -23.54 14.36 -13.68
N SER A 115 -24.67 13.70 -13.86
CA SER A 115 -25.02 13.19 -15.16
C SER A 115 -25.06 14.29 -16.21
N GLY A 116 -24.22 14.15 -17.23
CA GLY A 116 -24.18 15.13 -18.31
C GLY A 116 -23.65 16.49 -17.94
N ASN A 117 -22.67 16.53 -17.06
CA ASN A 117 -22.05 17.78 -16.63
C ASN A 117 -20.89 17.48 -15.70
N LEU A 118 -19.70 17.31 -16.26
CA LEU A 118 -18.49 17.00 -15.51
C LEU A 118 -18.11 17.96 -14.38
N VAL A 119 -17.81 19.20 -14.76
CA VAL A 119 -17.38 20.24 -13.82
C VAL A 119 -18.41 20.64 -12.79
N ASP A 120 -19.59 20.02 -12.86
CA ASP A 120 -20.65 20.31 -11.91
C ASP A 120 -20.60 19.30 -10.75
N PRO A 121 -20.51 19.80 -9.50
CA PRO A 121 -20.44 18.94 -8.32
C PRO A 121 -21.55 17.90 -8.14
N GLN A 122 -21.14 16.67 -7.83
CA GLN A 122 -22.05 15.54 -7.63
C GLN A 122 -22.54 15.49 -6.19
N PRO A 123 -23.83 15.74 -5.97
CA PRO A 123 -24.40 15.72 -4.62
C PRO A 123 -24.10 14.44 -3.83
N LYS A 124 -23.79 13.37 -4.54
CA LYS A 124 -23.48 12.10 -3.90
C LYS A 124 -22.02 11.99 -3.48
N ALA A 125 -21.18 12.88 -4.00
CA ALA A 125 -19.75 12.83 -3.69
C ALA A 125 -19.11 14.19 -3.54
N SER A 126 -19.17 14.76 -2.34
CA SER A 126 -18.56 16.06 -2.11
C SER A 126 -17.05 15.99 -2.24
N GLY A 127 -16.48 14.84 -1.90
CA GLY A 127 -15.03 14.69 -1.98
C GLY A 127 -14.51 14.75 -3.40
N ALA A 128 -15.06 13.90 -4.27
CA ALA A 128 -14.67 13.88 -5.67
C ALA A 128 -14.87 15.27 -6.28
N SER A 129 -15.98 15.90 -5.94
CA SER A 129 -16.29 17.24 -6.45
C SER A 129 -15.27 18.26 -5.95
N ILE A 130 -14.88 18.16 -4.68
CA ILE A 130 -13.90 19.09 -4.13
C ILE A 130 -12.58 18.86 -4.87
N MSE A 131 -12.16 17.60 -4.97
CA MSE A 131 -10.89 17.30 -5.61
C MSE A 131 -10.87 17.77 -7.07
O MSE A 131 -9.91 18.38 -7.50
CB MSE A 131 -10.57 15.81 -5.51
CG MSE A 131 -11.01 14.95 -6.67
SE MSE A 131 -9.76 14.85 -8.17
CE MSE A 131 -10.77 13.59 -9.25
N TYR A 132 -11.94 17.51 -7.80
CA TYR A 132 -12.04 17.91 -9.19
C TYR A 132 -11.87 19.42 -9.30
N ALA A 133 -12.60 20.14 -8.46
CA ALA A 133 -12.52 21.60 -8.46
C ALA A 133 -11.13 22.10 -8.15
N LEU A 134 -10.47 21.50 -7.16
CA LEU A 134 -9.13 21.92 -6.82
C LEU A 134 -8.22 21.69 -8.01
N THR A 135 -8.36 20.51 -8.62
CA THR A 135 -7.55 20.14 -9.76
C THR A 135 -7.67 21.15 -10.90
N ASN A 136 -8.90 21.58 -11.17
CA ASN A 136 -9.07 22.56 -12.22
C ASN A 136 -8.43 23.90 -11.86
N LYS A 137 -8.50 24.30 -10.60
CA LYS A 137 -7.90 25.58 -10.20
C LYS A 137 -6.39 25.48 -10.19
N ILE A 138 -5.87 24.34 -9.75
CA ILE A 138 -4.44 24.12 -9.72
C ILE A 138 -3.92 23.98 -11.14
N LEU A 139 -4.71 23.37 -12.02
CA LEU A 139 -4.32 23.26 -13.41
C LEU A 139 -4.26 24.70 -13.97
N GLU A 140 -5.23 25.54 -13.60
CA GLU A 140 -5.24 26.92 -14.09
C GLU A 140 -4.08 27.78 -13.61
N SER A 141 -3.51 27.47 -12.44
CA SER A 141 -2.41 28.27 -11.93
C SER A 141 -1.11 27.79 -12.55
N PHE A 142 -1.17 26.62 -13.17
CA PHE A 142 -0.02 26.05 -13.84
C PHE A 142 0.10 26.74 -15.20
N PHE A 143 -1.04 26.97 -15.86
CA PHE A 143 -1.04 27.65 -17.15
C PHE A 143 -0.63 29.11 -16.94
N LYS A 144 -1.26 29.77 -15.96
CA LYS A 144 -0.94 31.16 -15.64
C LYS A 144 0.57 31.32 -15.47
N GLN A 145 1.21 30.33 -14.86
CA GLN A 145 2.64 30.39 -14.66
C GLN A 145 3.46 30.16 -15.94
N LEU A 146 2.81 29.61 -16.96
CA LEU A 146 3.46 29.36 -18.23
C LEU A 146 3.15 30.53 -19.17
N GLY A 147 2.41 31.51 -18.68
CA GLY A 147 2.08 32.66 -19.50
C GLY A 147 0.69 32.69 -20.12
N LEU A 148 -0.13 31.70 -19.81
CA LEU A 148 -1.48 31.65 -20.36
C LEU A 148 -2.53 31.86 -19.26
N ASN A 149 -3.31 32.93 -19.39
CA ASN A 149 -4.35 33.22 -18.41
C ASN A 149 -5.60 32.58 -18.97
N VAL A 150 -5.78 31.30 -18.68
CA VAL A 150 -6.90 30.58 -19.23
C VAL A 150 -7.81 29.89 -18.24
N HIS A 151 -8.99 29.51 -18.73
CA HIS A 151 -9.94 28.77 -17.93
C HIS A 151 -9.68 27.34 -18.39
N ALA A 152 -9.34 26.48 -17.45
CA ALA A 152 -9.01 25.12 -17.81
C ALA A 152 -9.83 24.07 -17.08
N ILE A 153 -9.90 22.89 -17.66
CA ILE A 153 -10.64 21.79 -17.07
C ILE A 153 -9.88 20.48 -17.38
N ALA A 154 -9.75 19.61 -16.39
CA ALA A 154 -9.10 18.32 -16.62
C ALA A 154 -10.22 17.39 -17.03
N THR A 155 -9.99 16.55 -18.04
CA THR A 155 -11.05 15.63 -18.48
C THR A 155 -10.69 14.18 -18.19
N PRO A 156 -11.70 13.33 -17.98
CA PRO A 156 -11.52 11.91 -17.68
C PRO A 156 -11.38 11.01 -18.92
N ILE A 157 -11.15 11.63 -20.08
CA ILE A 157 -11.01 10.88 -21.32
C ILE A 157 -9.90 11.41 -22.22
N SER A 158 -9.57 10.64 -23.26
CA SER A 158 -8.51 10.97 -24.21
C SER A 158 -8.62 12.33 -24.85
N THR A 159 -7.49 12.87 -25.29
CA THR A 159 -7.50 14.17 -25.94
C THR A 159 -8.44 14.12 -27.15
N GLY A 160 -8.42 13.00 -27.86
CA GLY A 160 -9.30 12.86 -29.00
C GLY A 160 -10.75 12.93 -28.58
N MSE A 161 -11.14 12.15 -27.57
CA MSE A 161 -12.51 12.17 -27.07
C MSE A 161 -12.79 13.57 -26.55
O MSE A 161 -13.90 14.06 -26.64
CB MSE A 161 -12.70 11.13 -25.96
CG MSE A 161 -14.14 11.01 -25.42
SE MSE A 161 -15.47 10.41 -26.73
CE MSE A 161 -15.20 8.50 -26.55
N SER A 162 -11.76 14.22 -26.00
CA SER A 162 -11.90 15.59 -25.50
C SER A 162 -12.16 16.55 -26.66
N ILE A 163 -11.60 16.27 -27.84
CA ILE A 163 -11.83 17.13 -28.99
C ILE A 163 -13.30 16.96 -29.42
N SER A 164 -13.83 15.75 -29.29
CA SER A 164 -15.22 15.50 -29.66
C SER A 164 -16.13 16.34 -28.77
N LEU A 165 -15.70 16.50 -27.52
CA LEU A 165 -16.42 17.28 -26.52
C LEU A 165 -16.55 18.74 -26.97
N CYS A 166 -15.46 19.30 -27.50
CA CYS A 166 -15.46 20.67 -27.97
C CYS A 166 -16.30 20.81 -29.22
N LEU A 167 -16.08 19.93 -30.19
CA LEU A 167 -16.86 19.98 -31.41
C LEU A 167 -18.34 19.98 -31.02
N SER A 168 -18.70 19.10 -30.09
CA SER A 168 -20.08 19.00 -29.65
C SER A 168 -20.56 20.33 -29.04
N ALA A 169 -19.69 20.95 -28.24
CA ALA A 169 -20.00 22.21 -27.61
C ALA A 169 -20.21 23.26 -28.68
N ALA A 170 -19.36 23.25 -29.71
CA ALA A 170 -19.46 24.21 -30.80
C ALA A 170 -20.79 24.03 -31.53
N ARG A 171 -21.19 22.77 -31.73
CA ARG A 171 -22.45 22.49 -32.42
C ARG A 171 -23.67 23.05 -31.71
N LYS A 172 -23.72 22.88 -30.39
CA LYS A 172 -24.87 23.35 -29.63
C LYS A 172 -24.89 24.84 -29.37
N LYS A 173 -23.79 25.39 -28.88
CA LYS A 173 -23.69 26.80 -28.59
C LYS A 173 -23.77 27.71 -29.84
N TYR A 174 -23.10 27.33 -30.93
CA TYR A 174 -23.09 28.15 -32.15
C TYR A 174 -23.79 27.58 -33.38
N GLY A 175 -24.33 26.37 -33.29
CA GLY A 175 -25.01 25.79 -34.43
C GLY A 175 -24.12 25.24 -35.54
N SER A 176 -22.88 24.90 -35.22
CA SER A 176 -21.93 24.36 -36.21
C SER A 176 -22.39 23.00 -36.74
N ASN A 177 -22.13 22.74 -38.02
CA ASN A 177 -22.52 21.47 -38.63
C ASN A 177 -21.57 20.94 -39.69
N VAL A 178 -20.34 21.47 -39.71
CA VAL A 178 -19.32 21.03 -40.66
C VAL A 178 -17.95 21.48 -40.16
N VAL A 179 -17.02 20.55 -40.05
CA VAL A 179 -15.68 20.87 -39.56
C VAL A 179 -14.69 21.13 -40.68
N ILE A 180 -14.08 22.31 -40.68
CA ILE A 180 -13.06 22.64 -41.67
C ILE A 180 -11.81 22.06 -41.00
N TYR A 181 -11.12 21.16 -41.69
CA TYR A 181 -9.99 20.50 -41.07
C TYR A 181 -8.66 20.48 -41.83
N PRO A 182 -7.73 21.37 -41.46
CA PRO A 182 -6.43 21.35 -42.16
C PRO A 182 -5.89 19.93 -41.95
N TYR A 183 -5.57 19.24 -43.03
CA TYR A 183 -5.11 17.86 -42.91
C TYR A 183 -4.08 17.58 -41.84
N ALA A 184 -4.50 16.75 -40.88
CA ALA A 184 -3.67 16.29 -39.77
C ALA A 184 -4.03 14.81 -39.69
N SER A 185 -3.23 13.99 -40.35
CA SER A 185 -3.46 12.57 -40.40
C SER A 185 -3.05 11.80 -39.15
N HIS A 186 -3.91 11.86 -38.15
CA HIS A 186 -3.73 11.13 -36.90
C HIS A 186 -5.10 10.51 -36.66
N LYS A 187 -5.15 9.20 -36.45
CA LYS A 187 -6.42 8.52 -36.23
C LYS A 187 -7.31 9.15 -35.16
N SER A 188 -6.70 9.64 -34.09
CA SER A 188 -7.46 10.21 -32.98
C SER A 188 -8.35 11.42 -33.33
N PRO A 189 -7.78 12.56 -33.70
CA PRO A 189 -8.66 13.69 -34.04
C PRO A 189 -9.60 13.39 -35.20
N ILE A 190 -9.15 12.59 -36.16
CA ILE A 190 -9.99 12.25 -37.28
C ILE A 190 -11.20 11.47 -36.78
N LYS A 191 -10.95 10.56 -35.85
CA LYS A 191 -12.03 9.74 -35.29
C LYS A 191 -12.96 10.59 -34.40
N ALA A 192 -12.42 11.65 -33.80
CA ALA A 192 -13.20 12.53 -32.93
C ALA A 192 -14.27 13.29 -33.73
N VAL A 193 -13.90 13.77 -34.92
CA VAL A 193 -14.82 14.49 -35.77
C VAL A 193 -15.88 13.53 -36.31
N SER A 194 -15.46 12.30 -36.57
CA SER A 194 -16.36 11.27 -37.08
C SER A 194 -17.34 10.82 -35.99
N PHE A 195 -16.81 10.57 -34.80
CA PHE A 195 -17.61 10.15 -33.65
C PHE A 195 -18.81 11.06 -33.47
N VAL A 196 -18.55 12.36 -33.37
CA VAL A 196 -19.57 13.38 -33.18
C VAL A 196 -20.51 13.50 -34.41
N GLY A 197 -20.27 12.66 -35.42
CA GLY A 197 -21.12 12.67 -36.60
C GLY A 197 -21.23 13.97 -37.35
N MSE A 198 -20.10 14.63 -37.58
CA MSE A 198 -20.08 15.88 -38.31
C MSE A 198 -19.34 15.74 -39.65
O MSE A 198 -18.35 15.03 -39.76
CB MSE A 198 -19.45 16.99 -37.46
CG MSE A 198 -20.41 17.50 -36.38
SE MSE A 198 -19.67 18.85 -35.19
CE MSE A 198 -19.49 20.33 -36.41
N ASN A 199 -19.87 16.42 -40.67
CA ASN A 199 -19.27 16.40 -42.00
C ASN A 199 -17.95 17.17 -41.93
N MSE A 200 -16.90 16.53 -42.41
CA MSE A 200 -15.58 17.13 -42.39
C MSE A 200 -15.10 17.59 -43.75
O MSE A 200 -15.08 16.80 -44.71
CB MSE A 200 -14.58 16.13 -41.81
CG MSE A 200 -13.15 16.58 -41.88
SE MSE A 200 -11.96 15.33 -41.01
CE MSE A 200 -11.59 14.20 -42.54
N ARG A 201 -14.73 18.86 -43.87
CA ARG A 201 -14.19 19.36 -45.12
C ARG A 201 -12.67 19.46 -44.96
N LEU A 202 -11.96 18.61 -45.68
CA LEU A 202 -10.50 18.59 -45.58
C LEU A 202 -9.85 19.71 -46.39
N VAL A 203 -8.81 20.30 -45.82
CA VAL A 203 -8.05 21.34 -46.50
C VAL A 203 -6.67 20.73 -46.67
N GLU A 204 -6.38 20.26 -47.88
CA GLU A 204 -5.11 19.61 -48.21
C GLU A 204 -3.85 20.36 -47.82
N THR A 205 -2.76 19.60 -47.74
CA THR A 205 -1.45 20.15 -47.41
C THR A 205 -0.69 20.40 -48.71
N VAL A 206 0.34 21.22 -48.65
CA VAL A 206 1.15 21.52 -49.82
C VAL A 206 2.59 21.15 -49.47
N LEU A 207 3.36 20.77 -50.48
CA LEU A 207 4.75 20.39 -50.31
C LEU A 207 5.67 21.58 -50.56
N ASP A 208 6.58 21.81 -49.63
CA ASP A 208 7.52 22.91 -49.74
C ASP A 208 8.84 22.50 -49.12
N GLY A 209 9.73 21.96 -49.94
CA GLY A 209 11.02 21.51 -49.44
C GLY A 209 10.79 20.24 -48.67
N ASP A 210 11.27 20.17 -47.45
CA ASP A 210 11.07 18.98 -46.63
C ASP A 210 9.86 19.21 -45.74
N ARG A 211 9.16 20.30 -46.01
CA ARG A 211 7.99 20.65 -45.22
C ARG A 211 6.67 20.51 -45.93
N VAL A 212 5.64 20.33 -45.13
CA VAL A 212 4.28 20.14 -45.60
C VAL A 212 3.47 21.06 -44.71
N TYR A 213 2.61 21.88 -45.32
CA TYR A 213 1.83 22.82 -44.53
C TYR A 213 0.50 23.13 -45.19
N VAL A 214 -0.42 23.69 -44.42
CA VAL A 214 -1.73 24.02 -44.96
C VAL A 214 -1.80 25.52 -45.11
N PRO A 215 -1.80 26.01 -46.36
CA PRO A 215 -1.87 27.45 -46.63
C PRO A 215 -3.15 28.01 -46.04
N VAL A 216 -3.02 29.08 -45.25
CA VAL A 216 -4.17 29.71 -44.61
C VAL A 216 -5.18 30.17 -45.65
N GLU A 217 -4.69 30.58 -46.82
CA GLU A 217 -5.55 31.03 -47.90
C GLU A 217 -6.52 29.90 -48.27
N ASP A 218 -6.03 28.66 -48.21
CA ASP A 218 -6.82 27.46 -48.51
C ASP A 218 -7.92 27.30 -47.45
N ILE A 219 -7.55 27.51 -46.20
CA ILE A 219 -8.47 27.41 -45.07
C ILE A 219 -9.60 28.42 -45.18
N GLU A 220 -9.24 29.68 -45.40
CA GLU A 220 -10.26 30.74 -45.48
C GLU A 220 -11.30 30.57 -46.58
N ASN A 221 -10.87 30.10 -47.76
CA ASN A 221 -11.81 29.90 -48.85
C ASN A 221 -12.74 28.76 -48.50
N ALA A 222 -12.22 27.79 -47.75
CA ALA A 222 -13.01 26.64 -47.33
C ALA A 222 -14.13 27.14 -46.43
N ILE A 223 -13.79 27.98 -45.47
CA ILE A 223 -14.76 28.57 -44.56
C ILE A 223 -15.80 29.30 -45.39
N LYS A 224 -15.30 30.25 -46.19
CA LYS A 224 -16.13 31.05 -47.08
C LYS A 224 -17.08 30.18 -47.90
N LYS A 225 -16.54 29.13 -48.52
CA LYS A 225 -17.32 28.22 -49.35
C LYS A 225 -18.40 27.50 -48.57
N GLU A 226 -18.08 27.06 -47.36
CA GLU A 226 -19.05 26.36 -46.55
C GLU A 226 -20.16 27.30 -46.11
N ILE A 227 -19.81 28.57 -45.85
CA ILE A 227 -20.81 29.54 -45.46
C ILE A 227 -21.72 29.78 -46.66
N GLU A 228 -21.08 29.78 -47.83
CA GLU A 228 -21.77 30.00 -49.10
C GLU A 228 -22.99 29.10 -49.26
N LEU A 229 -22.84 27.81 -48.99
CA LEU A 229 -23.95 26.89 -49.14
C LEU A 229 -24.81 26.73 -47.89
N GLY A 230 -25.01 27.82 -47.17
CA GLY A 230 -25.84 27.80 -45.97
C GLY A 230 -25.30 27.23 -44.68
N ASN A 231 -24.29 26.35 -44.77
CA ASN A 231 -23.69 25.73 -43.59
C ASN A 231 -23.01 26.69 -42.61
N ARG A 232 -22.76 26.22 -41.39
CA ARG A 232 -22.11 26.99 -40.32
C ARG A 232 -20.79 26.29 -39.94
N PRO A 233 -19.68 26.71 -40.58
CA PRO A 233 -18.33 26.15 -40.37
C PRO A 233 -17.66 26.34 -39.02
N CYS A 234 -16.90 25.31 -38.65
CA CYS A 234 -16.15 25.28 -37.41
C CYS A 234 -14.72 24.86 -37.80
N VAL A 235 -13.71 25.58 -37.31
CA VAL A 235 -12.34 25.23 -37.66
C VAL A 235 -11.59 24.43 -36.59
N LEU A 236 -11.09 23.26 -36.98
CA LEU A 236 -10.32 22.42 -36.07
C LEU A 236 -8.88 22.46 -36.58
N SER A 237 -8.08 23.39 -36.05
CA SER A 237 -6.69 23.51 -36.47
C SER A 237 -5.78 22.64 -35.59
N THR A 238 -4.63 22.26 -36.12
CA THR A 238 -3.69 21.43 -35.39
C THR A 238 -2.38 22.13 -35.15
N LEU A 239 -2.07 22.35 -33.88
CA LEU A 239 -0.86 23.04 -33.48
C LEU A 239 0.38 22.16 -33.29
N THR A 240 0.21 20.93 -32.81
CA THR A 240 1.35 20.03 -32.59
C THR A 240 1.18 18.75 -33.41
N PHE A 241 2.16 18.41 -34.24
CA PHE A 241 2.04 17.21 -35.07
C PHE A 241 3.40 16.67 -35.49
N PHE A 242 3.43 15.41 -35.94
CA PHE A 242 4.66 14.76 -36.38
C PHE A 242 5.48 15.67 -37.29
N PRO A 243 6.81 15.65 -37.12
CA PRO A 243 7.87 16.39 -37.80
C PRO A 243 7.64 16.98 -39.18
N PRO A 244 7.26 16.15 -40.16
CA PRO A 244 7.04 16.69 -41.52
C PRO A 244 6.14 17.94 -41.59
N ARG A 245 4.92 17.80 -41.09
CA ARG A 245 3.93 18.87 -41.10
C ARG A 245 4.28 20.05 -40.20
N ASN A 246 4.12 21.26 -40.73
CA ASN A 246 4.37 22.43 -39.92
C ASN A 246 3.12 22.60 -39.06
N SER A 247 3.22 23.38 -37.99
CA SER A 247 2.06 23.61 -37.14
C SER A 247 1.18 24.60 -37.88
N ASP A 248 -0.13 24.39 -37.86
CA ASP A 248 -1.01 25.31 -38.54
C ASP A 248 -0.75 26.74 -38.06
N ASP A 249 -0.95 27.70 -38.96
CA ASP A 249 -0.76 29.10 -38.61
C ASP A 249 -1.90 29.45 -37.68
N ILE A 250 -1.83 28.93 -36.46
CA ILE A 250 -2.84 29.13 -35.43
C ILE A 250 -3.24 30.59 -35.19
N VAL A 251 -2.28 31.50 -35.23
CA VAL A 251 -2.56 32.90 -34.99
C VAL A 251 -3.39 33.49 -36.11
N GLU A 252 -2.96 33.26 -37.35
CA GLU A 252 -3.69 33.77 -38.50
C GLU A 252 -5.10 33.16 -38.59
N ILE A 253 -5.20 31.86 -38.33
CA ILE A 253 -6.50 31.18 -38.38
C ILE A 253 -7.40 31.77 -37.32
N ALA A 254 -6.82 32.10 -36.17
CA ALA A 254 -7.58 32.69 -35.07
C ALA A 254 -8.09 34.07 -35.48
N LYS A 255 -7.24 34.86 -36.15
CA LYS A 255 -7.62 36.19 -36.60
C LYS A 255 -8.75 36.04 -37.63
N ILE A 256 -8.52 35.17 -38.60
CA ILE A 256 -9.51 34.91 -39.64
C ILE A 256 -10.83 34.43 -39.07
N CYS A 257 -10.77 33.54 -38.09
CA CYS A 257 -11.97 33.00 -37.46
C CYS A 257 -12.74 34.07 -36.70
N GLU A 258 -12.03 35.07 -36.20
CA GLU A 258 -12.67 36.16 -35.47
C GLU A 258 -13.38 37.06 -36.48
N ASN A 259 -12.74 37.29 -37.62
CA ASN A 259 -13.31 38.14 -38.66
C ASN A 259 -14.59 37.53 -39.22
N TYR A 260 -14.67 36.20 -39.26
CA TYR A 260 -15.87 35.55 -39.79
C TYR A 260 -16.87 35.15 -38.72
N ASP A 261 -16.49 35.28 -37.46
CA ASP A 261 -17.37 34.93 -36.34
C ASP A 261 -17.69 33.45 -36.49
N ILE A 262 -16.64 32.64 -36.42
CA ILE A 262 -16.76 31.20 -36.55
C ILE A 262 -16.01 30.55 -35.40
N PRO A 263 -16.51 29.41 -34.88
CA PRO A 263 -15.79 28.77 -33.78
C PRO A 263 -14.44 28.24 -34.23
N HIS A 264 -13.51 28.15 -33.28
CA HIS A 264 -12.16 27.69 -33.58
C HIS A 264 -11.67 26.77 -32.45
N ILE A 265 -11.35 25.53 -32.80
CA ILE A 265 -10.84 24.59 -31.82
C ILE A 265 -9.45 24.12 -32.26
N ILE A 266 -8.51 24.11 -31.33
CA ILE A 266 -7.16 23.69 -31.67
C ILE A 266 -6.75 22.40 -31.01
N ASN A 267 -6.14 21.52 -31.79
CA ASN A 267 -5.64 20.28 -31.25
C ASN A 267 -4.21 20.61 -30.83
N GLY A 268 -3.99 20.71 -29.53
CA GLY A 268 -2.65 21.00 -29.05
C GLY A 268 -2.15 19.84 -28.22
N ALA A 269 -2.29 18.62 -28.78
CA ALA A 269 -1.89 17.41 -28.09
C ALA A 269 -0.71 17.62 -27.17
N TYR A 270 0.44 18.01 -27.70
CA TYR A 270 1.61 18.23 -26.85
C TYR A 270 2.23 19.61 -26.93
N ALA A 271 1.38 20.64 -26.83
CA ALA A 271 1.82 22.03 -26.90
C ALA A 271 2.31 22.57 -25.55
N ILE A 272 1.63 22.21 -24.47
CA ILE A 272 2.02 22.71 -23.17
C ILE A 272 3.49 22.52 -22.81
N GLN A 273 4.07 21.38 -23.19
CA GLN A 273 5.46 21.09 -22.84
C GLN A 273 6.55 21.91 -23.50
N ASN A 274 6.22 22.63 -24.56
CA ASN A 274 7.25 23.42 -25.24
C ASN A 274 6.86 24.86 -25.50
N ASN A 275 7.70 25.77 -25.02
CA ASN A 275 7.49 27.20 -25.15
C ASN A 275 7.25 27.61 -26.59
N TYR A 276 7.85 26.88 -27.52
CA TYR A 276 7.67 27.20 -28.93
C TYR A 276 6.17 27.25 -29.24
N TYR A 277 5.44 26.28 -28.73
CA TYR A 277 4.01 26.25 -28.97
C TYR A 277 3.21 27.18 -28.07
N LEU A 278 3.68 27.40 -26.85
CA LEU A 278 2.98 28.29 -25.91
C LEU A 278 2.99 29.74 -26.43
N GLU A 279 4.11 30.16 -27.01
CA GLU A 279 4.17 31.53 -27.55
C GLU A 279 3.14 31.69 -28.65
N LYS A 280 2.93 30.64 -29.43
CA LYS A 280 1.96 30.71 -30.51
C LYS A 280 0.56 30.84 -29.96
N LEU A 281 0.26 30.10 -28.90
CA LEU A 281 -1.06 30.16 -28.28
C LEU A 281 -1.34 31.54 -27.65
N LYS A 282 -0.29 32.15 -27.07
CA LYS A 282 -0.44 33.46 -26.45
C LYS A 282 -0.89 34.46 -27.49
N LYS A 283 -0.21 34.47 -28.63
CA LYS A 283 -0.53 35.40 -29.70
C LYS A 283 -1.87 35.02 -30.27
N ALA A 284 -2.20 33.74 -30.21
CA ALA A 284 -3.46 33.22 -30.76
C ALA A 284 -4.69 33.58 -29.95
N PHE A 285 -4.53 33.66 -28.64
CA PHE A 285 -5.64 34.01 -27.77
C PHE A 285 -5.98 35.47 -27.91
N LYS A 286 -5.08 36.20 -28.55
CA LYS A 286 -5.25 37.62 -28.79
C LYS A 286 -6.44 37.77 -29.74
N TYR A 287 -6.83 36.67 -30.39
CA TYR A 287 -7.95 36.71 -31.30
C TYR A 287 -9.07 35.75 -30.94
N ARG A 288 -9.41 34.85 -31.88
CA ARG A 288 -10.50 33.90 -31.68
C ARG A 288 -10.13 32.41 -31.48
N VAL A 289 -10.14 31.96 -30.23
CA VAL A 289 -9.87 30.56 -29.94
C VAL A 289 -10.88 30.05 -28.93
N ASP A 290 -11.84 29.26 -29.39
CA ASP A 290 -12.84 28.73 -28.48
C ASP A 290 -12.27 27.76 -27.46
N ALA A 291 -11.31 26.93 -27.87
CA ALA A 291 -10.74 26.00 -26.91
C ALA A 291 -9.55 25.24 -27.47
N VAL A 292 -8.61 24.92 -26.59
CA VAL A 292 -7.44 24.17 -26.96
C VAL A 292 -7.56 22.83 -26.24
N VAL A 293 -7.06 21.76 -26.85
CA VAL A 293 -7.13 20.47 -26.22
C VAL A 293 -5.72 19.90 -26.18
N SER A 294 -5.32 19.40 -25.03
CA SER A 294 -3.99 18.83 -24.92
C SER A 294 -4.01 17.52 -24.15
N SER A 295 -3.00 16.71 -24.38
CA SER A 295 -2.89 15.42 -23.71
C SER A 295 -2.19 15.61 -22.38
N SER A 296 -2.74 15.02 -21.32
CA SER A 296 -2.17 15.12 -19.97
C SER A 296 -1.03 14.13 -19.75
N ASP A 297 -0.93 13.13 -20.61
CA ASP A 297 0.14 12.16 -20.45
C ASP A 297 1.38 12.72 -21.12
N LYS A 298 1.21 13.27 -22.32
CA LYS A 298 2.33 13.84 -23.06
C LYS A 298 2.89 15.12 -22.44
N ASN A 299 2.07 15.84 -21.67
CA ASN A 299 2.51 17.09 -21.07
C ASN A 299 2.68 17.07 -19.56
N LEU A 300 1.97 16.17 -18.89
CA LEU A 300 2.04 16.11 -17.44
C LEU A 300 2.56 14.78 -16.91
N LEU A 301 3.23 14.02 -17.78
CA LEU A 301 3.81 12.73 -17.40
C LEU A 301 2.80 11.94 -16.59
N THR A 302 1.59 11.92 -17.12
CA THR A 302 0.46 11.22 -16.52
C THR A 302 0.31 9.92 -17.30
N PRO A 303 -0.38 8.92 -16.73
CA PRO A 303 -0.54 7.70 -17.53
C PRO A 303 -1.55 7.99 -18.66
N ILE A 304 -1.55 7.20 -19.73
CA ILE A 304 -2.47 7.46 -20.83
C ILE A 304 -3.93 7.46 -20.38
N GLY A 305 -4.73 8.37 -20.95
CA GLY A 305 -6.14 8.42 -20.59
C GLY A 305 -6.80 9.74 -20.20
N GLY A 306 -6.03 10.81 -20.06
CA GLY A 306 -6.64 12.07 -19.67
C GLY A 306 -6.42 13.24 -20.63
N GLY A 307 -7.32 14.22 -20.56
CA GLY A 307 -7.21 15.40 -21.39
C GLY A 307 -7.18 16.71 -20.63
N LEU A 308 -6.84 17.78 -21.34
CA LEU A 308 -6.77 19.12 -20.77
C LEU A 308 -7.41 20.02 -21.81
N VAL A 309 -8.48 20.70 -21.41
CA VAL A 309 -9.21 21.60 -22.30
C VAL A 309 -9.08 22.99 -21.69
N TYR A 310 -8.72 23.97 -22.50
CA TYR A 310 -8.56 25.31 -21.99
C TYR A 310 -8.90 26.41 -22.99
N SER A 311 -9.25 27.58 -22.46
CA SER A 311 -9.66 28.72 -23.28
C SER A 311 -9.87 29.96 -22.43
N THR A 312 -9.84 31.14 -23.05
CA THR A 312 -10.05 32.38 -22.33
C THR A 312 -11.54 32.63 -22.12
N ASP A 313 -12.37 31.78 -22.71
CA ASP A 313 -13.83 31.91 -22.61
C ASP A 313 -14.42 30.94 -21.58
N ALA A 314 -14.77 31.46 -20.41
CA ALA A 314 -15.35 30.62 -19.36
C ALA A 314 -16.70 30.04 -19.77
N GLU A 315 -17.45 30.79 -20.57
CA GLU A 315 -18.75 30.31 -21.03
C GLU A 315 -18.60 29.05 -21.87
N PHE A 316 -17.57 28.99 -22.70
CA PHE A 316 -17.38 27.83 -23.55
C PHE A 316 -16.91 26.60 -22.78
N ILE A 317 -16.20 26.80 -21.67
CA ILE A 317 -15.75 25.67 -20.88
C ILE A 317 -16.95 24.98 -20.25
N LYS A 318 -17.92 25.76 -19.78
CA LYS A 318 -19.12 25.17 -19.19
C LYS A 318 -19.81 24.29 -20.25
N GLU A 319 -19.89 24.82 -21.46
CA GLU A 319 -20.56 24.12 -22.56
C GLU A 319 -19.91 22.77 -22.86
N ILE A 320 -18.59 22.75 -22.88
CA ILE A 320 -17.84 21.52 -23.14
C ILE A 320 -18.21 20.53 -22.03
N SER A 321 -18.20 21.04 -20.80
CA SER A 321 -18.54 20.25 -19.63
C SER A 321 -19.93 19.62 -19.79
N LEU A 322 -20.82 20.36 -20.42
CA LEU A 322 -22.18 19.85 -20.63
C LEU A 322 -22.28 18.95 -21.85
N SER A 323 -21.15 18.55 -22.41
CA SER A 323 -21.16 17.70 -23.60
C SER A 323 -20.93 16.22 -23.31
N TYR A 324 -20.45 15.90 -22.11
CA TYR A 324 -20.16 14.52 -21.75
C TYR A 324 -21.40 13.73 -21.28
N PRO A 325 -21.74 12.63 -21.95
CA PRO A 325 -22.92 11.90 -21.46
C PRO A 325 -22.60 11.06 -20.21
N GLY A 326 -23.44 11.17 -19.19
CA GLY A 326 -23.25 10.39 -17.99
C GLY A 326 -22.17 10.83 -17.01
N ARG A 327 -21.84 9.92 -16.10
CA ARG A 327 -20.84 10.16 -15.08
C ARG A 327 -19.53 9.48 -15.47
N ALA A 328 -18.41 9.98 -14.96
CA ALA A 328 -17.14 9.40 -15.34
C ALA A 328 -16.21 8.97 -14.23
N SER A 329 -15.25 8.13 -14.60
CA SER A 329 -14.23 7.64 -13.68
C SER A 329 -13.45 8.83 -13.16
N ALA A 330 -13.01 8.76 -11.90
CA ALA A 330 -12.26 9.86 -11.33
C ALA A 330 -10.76 9.72 -11.58
N THR A 331 -10.30 8.50 -11.77
CA THR A 331 -8.87 8.24 -11.92
C THR A 331 -8.05 9.08 -12.89
N PRO A 332 -8.54 9.33 -14.11
CA PRO A 332 -7.69 10.14 -15.00
C PRO A 332 -7.50 11.55 -14.43
N VAL A 333 -8.55 12.08 -13.82
CA VAL A 333 -8.49 13.40 -13.24
C VAL A 333 -7.59 13.41 -11.99
N VAL A 334 -7.60 12.33 -11.21
CA VAL A 334 -6.74 12.28 -10.03
C VAL A 334 -5.29 12.23 -10.50
N ASN A 335 -5.05 11.55 -11.63
CA ASN A 335 -3.69 11.44 -12.18
C ASN A 335 -3.12 12.81 -12.55
N THR A 336 -3.95 13.65 -13.13
CA THR A 336 -3.51 14.97 -13.50
C THR A 336 -3.18 15.73 -12.21
N LEU A 337 -4.09 15.66 -11.23
CA LEU A 337 -3.88 16.33 -9.95
C LEU A 337 -2.53 15.89 -9.37
N VAL A 338 -2.35 14.57 -9.25
CA VAL A 338 -1.12 14.01 -8.70
C VAL A 338 0.11 14.55 -9.40
N SER A 339 0.03 14.70 -10.72
CA SER A 339 1.18 15.20 -11.47
C SER A 339 1.53 16.64 -11.08
N LEU A 340 0.50 17.46 -10.91
CA LEU A 340 0.73 18.85 -10.55
C LEU A 340 1.33 18.99 -9.15
N LEU A 341 0.84 18.19 -8.21
CA LEU A 341 1.33 18.24 -6.85
C LEU A 341 2.68 17.57 -6.68
N SER A 342 2.90 16.50 -7.44
CA SER A 342 4.16 15.77 -7.34
C SER A 342 5.35 16.46 -8.01
N MSE A 343 5.15 17.03 -9.19
CA MSE A 343 6.27 17.69 -9.84
C MSE A 343 6.57 19.03 -9.21
O MSE A 343 7.69 19.26 -8.76
CB MSE A 343 5.99 17.90 -11.34
CG MSE A 343 5.99 16.62 -12.17
SE MSE A 343 5.35 16.92 -13.98
CE MSE A 343 4.18 18.43 -13.63
N GLY A 344 5.57 19.91 -9.15
CA GLY A 344 5.79 21.24 -8.62
C GLY A 344 6.19 22.09 -9.81
N SER A 345 6.22 23.41 -9.66
CA SER A 345 6.61 24.27 -10.79
C SER A 345 8.12 24.33 -10.99
N LYS A 346 8.88 24.22 -9.90
CA LYS A 346 10.33 24.25 -10.04
C LYS A 346 10.78 23.07 -10.91
N ASN A 347 10.33 21.86 -10.59
CA ASN A 347 10.73 20.71 -11.39
C ASN A 347 10.22 20.76 -12.82
N TYR A 348 9.02 21.29 -13.01
CA TYR A 348 8.49 21.32 -14.34
C TYR A 348 9.39 22.14 -15.24
N LEU A 349 9.95 23.22 -14.70
CA LEU A 349 10.83 24.08 -15.46
C LEU A 349 12.14 23.35 -15.76
N GLU A 350 12.59 22.50 -14.85
CA GLU A 350 13.81 21.74 -15.07
C GLU A 350 13.57 20.65 -16.14
N LEU A 351 12.30 20.25 -16.32
CA LEU A 351 11.99 19.25 -17.34
C LEU A 351 12.00 19.96 -18.70
N VAL A 352 11.46 21.16 -18.73
CA VAL A 352 11.38 21.95 -19.95
C VAL A 352 12.77 22.34 -20.42
N LYS A 353 13.68 22.55 -19.49
CA LYS A 353 15.05 22.93 -19.85
C LYS A 353 15.88 21.70 -20.22
N ASN A 354 15.55 20.54 -19.67
CA ASN A 354 16.32 19.37 -20.03
C ASN A 354 15.98 18.98 -21.46
N GLN A 355 14.73 19.19 -21.86
CA GLN A 355 14.34 18.80 -23.20
C GLN A 355 15.02 19.65 -24.26
N LYS A 356 15.25 20.93 -23.98
CA LYS A 356 15.93 21.75 -24.97
C LYS A 356 17.35 21.18 -25.13
N ASN A 357 17.97 20.81 -24.02
CA ASN A 357 19.30 20.23 -24.03
C ASN A 357 19.31 18.82 -24.65
N SER A 358 18.18 18.12 -24.57
CA SER A 358 18.12 16.78 -25.15
C SER A 358 17.83 16.87 -26.65
N LYS A 359 17.14 17.92 -27.05
CA LYS A 359 16.81 18.14 -28.45
C LYS A 359 18.11 18.41 -29.21
N LYS A 360 18.94 19.30 -28.67
CA LYS A 360 20.21 19.63 -29.33
C LYS A 360 21.14 18.42 -29.34
N LEU A 361 21.05 17.57 -28.33
CA LEU A 361 21.90 16.39 -28.29
C LEU A 361 21.41 15.41 -29.37
N LEU A 362 20.12 15.40 -29.62
CA LEU A 362 19.52 14.53 -30.63
C LEU A 362 19.96 15.01 -32.01
N ASP A 363 19.87 16.32 -32.24
CA ASP A 363 20.26 16.92 -33.51
C ASP A 363 21.72 16.66 -33.87
N GLU A 364 22.66 17.26 -33.13
CA GLU A 364 24.06 17.05 -33.44
C GLU A 364 24.40 15.59 -33.63
N LEU A 365 23.81 14.71 -32.83
CA LEU A 365 24.09 13.28 -32.99
C LEU A 365 23.52 12.73 -34.31
N LEU A 366 22.33 13.21 -34.68
CA LEU A 366 21.71 12.75 -35.92
C LEU A 366 22.43 13.36 -37.12
N ASN A 367 22.98 14.56 -36.95
CA ASN A 367 23.72 15.17 -38.04
C ASN A 367 25.01 14.39 -38.27
N ASP A 368 25.64 13.90 -37.20
CA ASP A 368 26.86 13.13 -37.37
C ASP A 368 26.55 11.87 -38.15
N LEU A 369 25.52 11.14 -37.72
CA LEU A 369 25.14 9.90 -38.40
C LEU A 369 24.77 10.20 -39.85
N SER A 370 24.42 11.45 -40.11
CA SER A 370 24.04 11.89 -41.43
C SER A 370 25.21 11.65 -42.39
N LYS A 371 26.41 12.05 -41.97
CA LYS A 371 27.61 11.90 -42.78
C LYS A 371 28.08 10.44 -42.89
N LYS A 372 27.90 9.66 -41.84
CA LYS A 372 28.30 8.26 -41.85
C LYS A 372 27.78 7.55 -43.10
N THR A 373 26.67 8.06 -43.66
CA THR A 373 26.11 7.48 -44.88
C THR A 373 25.41 8.55 -45.72
N GLY A 374 24.73 8.12 -46.77
CA GLY A 374 24.04 9.08 -47.62
C GLY A 374 23.29 10.12 -46.82
N GLY A 375 22.19 9.66 -46.20
CA GLY A 375 21.31 10.48 -45.38
C GLY A 375 21.40 11.98 -45.25
N LYS A 376 20.23 12.61 -45.18
CA LYS A 376 20.13 14.06 -45.01
C LYS A 376 19.39 14.38 -43.71
N PHE A 377 19.87 15.38 -42.98
CA PHE A 377 19.23 15.81 -41.74
C PHE A 377 18.16 16.77 -42.21
N LEU A 378 16.92 16.30 -42.26
CA LEU A 378 15.82 17.12 -42.74
C LEU A 378 15.58 18.39 -41.94
N ASP A 379 15.23 19.46 -42.63
CA ASP A 379 14.98 20.72 -41.98
C ASP A 379 13.49 20.86 -41.70
N VAL A 380 13.08 20.47 -40.51
CA VAL A 380 11.68 20.55 -40.13
C VAL A 380 11.47 21.51 -38.98
N GLU A 381 10.23 21.96 -38.83
CA GLU A 381 9.85 22.90 -37.79
C GLU A 381 9.91 22.38 -36.37
N SER A 382 9.45 21.14 -36.18
CA SER A 382 9.38 20.53 -34.86
C SER A 382 10.48 20.83 -33.86
N PRO A 383 10.09 21.36 -32.68
CA PRO A 383 11.03 21.70 -31.61
C PRO A 383 11.30 20.48 -30.74
N ILE A 384 10.57 19.39 -30.96
CA ILE A 384 10.77 18.19 -30.16
C ILE A 384 11.24 17.02 -31.00
N ALA A 385 10.77 16.94 -32.24
CA ALA A 385 11.17 15.82 -33.09
C ALA A 385 12.07 16.23 -34.25
N SER A 386 12.88 15.27 -34.72
CA SER A 386 13.77 15.52 -35.84
C SER A 386 13.93 14.26 -36.69
N CYS A 387 14.13 14.43 -37.99
CA CYS A 387 14.26 13.28 -38.90
C CYS A 387 15.54 13.22 -39.70
N ILE A 388 15.91 12.01 -40.08
CA ILE A 388 17.10 11.77 -40.89
C ILE A 388 16.65 10.85 -42.03
N SER A 389 16.87 11.27 -43.27
CA SER A 389 16.48 10.47 -44.42
C SER A 389 17.41 9.27 -44.56
N VAL A 390 16.89 8.19 -45.11
CA VAL A 390 17.65 6.97 -45.29
C VAL A 390 17.34 6.36 -46.66
N ASN A 391 18.29 5.58 -47.20
CA ASN A 391 18.13 4.97 -48.51
C ASN A 391 17.38 3.64 -48.52
N SER A 392 17.54 2.85 -47.46
CA SER A 392 16.85 1.56 -47.36
C SER A 392 15.41 1.76 -46.95
N ASP A 393 14.64 0.67 -46.96
CA ASP A 393 13.24 0.68 -46.58
C ASP A 393 13.14 1.14 -45.12
N PRO A 394 12.59 2.35 -44.88
CA PRO A 394 12.43 2.90 -43.54
C PRO A 394 11.60 2.04 -42.62
N VAL A 395 10.61 1.34 -43.17
CA VAL A 395 9.76 0.47 -42.37
C VAL A 395 10.52 -0.74 -41.85
N GLU A 396 11.51 -1.20 -42.61
CA GLU A 396 12.29 -2.35 -42.15
C GLU A 396 13.26 -1.89 -41.07
N ILE A 397 13.72 -0.65 -41.17
CA ILE A 397 14.63 -0.10 -40.18
C ILE A 397 13.89 0.09 -38.84
N ALA A 398 12.67 0.61 -38.92
CA ALA A 398 11.86 0.85 -37.73
C ALA A 398 11.55 -0.48 -37.05
N ALA A 399 11.51 -1.55 -37.84
CA ALA A 399 11.23 -2.87 -37.30
C ALA A 399 12.46 -3.36 -36.57
N LYS A 400 13.62 -3.21 -37.19
CA LYS A 400 14.87 -3.65 -36.59
C LYS A 400 15.11 -2.92 -35.28
N LEU A 401 14.84 -1.62 -35.24
CA LEU A 401 15.02 -0.84 -34.03
C LEU A 401 14.13 -1.45 -32.93
N TYR A 402 12.91 -1.83 -33.29
CA TYR A 402 11.99 -2.42 -32.33
C TYR A 402 12.61 -3.66 -31.68
N ASN A 403 13.11 -4.56 -32.51
CA ASN A 403 13.73 -5.79 -32.02
C ASN A 403 14.89 -5.45 -31.09
N LEU A 404 15.61 -4.40 -31.43
CA LEU A 404 16.76 -3.97 -30.66
C LEU A 404 16.46 -3.11 -29.43
N ARG A 405 15.25 -3.25 -28.88
CA ARG A 405 14.88 -2.50 -27.68
C ARG A 405 14.59 -1.02 -27.87
N VAL A 406 13.95 -0.65 -28.97
CA VAL A 406 13.67 0.77 -29.17
C VAL A 406 12.20 0.99 -29.53
N THR A 407 11.54 1.85 -28.77
CA THR A 407 10.14 2.14 -29.02
C THR A 407 10.03 3.63 -29.35
N GLY A 408 9.06 3.97 -30.18
CA GLY A 408 8.86 5.36 -30.55
C GLY A 408 9.32 5.82 -31.94
N PRO A 409 10.32 5.15 -32.56
CA PRO A 409 10.73 5.62 -33.89
C PRO A 409 9.69 5.37 -34.98
N ARG A 410 9.58 6.34 -35.88
CA ARG A 410 8.67 6.26 -37.02
C ARG A 410 9.51 6.04 -38.29
N GLY A 411 9.08 5.11 -39.14
CA GLY A 411 9.79 4.85 -40.39
C GLY A 411 8.77 5.09 -41.49
N ILE A 412 8.87 6.23 -42.17
CA ILE A 412 7.89 6.54 -43.21
C ILE A 412 8.43 6.59 -44.64
N LYS A 413 7.71 5.95 -45.54
CA LYS A 413 8.09 5.93 -46.94
C LYS A 413 7.62 7.20 -47.61
N LYS A 414 8.36 7.64 -48.63
CA LYS A 414 8.01 8.84 -49.36
C LYS A 414 6.61 8.74 -49.95
N THR A 415 6.12 7.51 -50.10
CA THR A 415 4.80 7.30 -50.67
C THR A 415 3.69 7.13 -49.63
N ASP A 416 4.06 7.04 -48.37
CA ASP A 416 3.09 6.86 -47.27
C ASP A 416 2.30 8.15 -46.98
N HIS A 417 1.21 8.35 -47.72
CA HIS A 417 0.40 9.55 -47.58
C HIS A 417 -0.03 9.90 -46.17
N PHE A 418 -0.54 8.93 -45.42
CA PHE A 418 -0.97 9.18 -44.05
C PHE A 418 0.22 9.50 -43.13
N GLY A 419 1.33 8.79 -43.31
CA GLY A 419 2.50 9.02 -42.49
C GLY A 419 3.24 10.34 -42.72
N ASN A 420 3.03 10.94 -43.89
CA ASN A 420 3.68 12.20 -44.24
C ASN A 420 2.73 13.39 -44.09
N CYS A 421 1.45 13.09 -43.91
CA CYS A 421 0.42 14.12 -43.79
C CYS A 421 0.39 14.94 -45.08
N TYR A 422 0.49 14.24 -46.21
CA TYR A 422 0.51 14.87 -47.52
C TYR A 422 -0.02 13.89 -48.57
N LEU A 423 -0.93 14.34 -49.43
CA LEU A 423 -1.50 13.44 -50.43
C LEU A 423 -0.64 13.21 -51.69
N GLY A 424 0.51 13.88 -51.77
CA GLY A 424 1.38 13.69 -52.91
C GLY A 424 2.55 12.79 -52.52
N THR A 425 3.61 12.80 -53.30
CA THR A 425 4.77 11.98 -52.98
C THR A 425 5.74 12.85 -52.17
N TYR A 426 5.95 12.51 -50.92
CA TYR A 426 6.87 13.30 -50.12
C TYR A 426 8.22 13.08 -50.78
N THR A 427 9.21 13.88 -50.39
CA THR A 427 10.55 13.82 -50.97
C THR A 427 11.59 12.94 -50.28
N HIS A 428 11.21 12.22 -49.23
CA HIS A 428 12.19 11.40 -48.51
C HIS A 428 11.64 10.15 -47.81
N ASP A 429 12.47 9.11 -47.72
CA ASP A 429 12.10 7.92 -46.95
C ASP A 429 12.91 8.33 -45.73
N TYR A 430 12.33 8.31 -44.55
CA TYR A 430 13.08 8.76 -43.39
C TYR A 430 12.63 8.16 -42.07
N ILE A 431 13.44 8.39 -41.04
CA ILE A 431 13.16 7.91 -39.70
C ILE A 431 12.96 9.10 -38.77
N VAL A 432 11.93 9.03 -37.93
CA VAL A 432 11.63 10.09 -36.99
C VAL A 432 11.93 9.66 -35.54
N MSE A 433 12.59 10.54 -34.78
CA MSE A 433 12.91 10.27 -33.39
C MSE A 433 12.49 11.49 -32.56
O MSE A 433 12.54 12.61 -33.05
CB MSE A 433 14.42 10.04 -33.22
CG MSE A 433 14.94 8.94 -34.10
SE MSE A 433 16.54 8.12 -33.39
CE MSE A 433 16.26 6.28 -33.96
N ASN A 434 12.07 11.27 -31.32
CA ASN A 434 11.60 12.38 -30.50
C ASN A 434 12.41 12.64 -29.25
N ALA A 435 12.35 13.90 -28.81
CA ALA A 435 13.03 14.33 -27.60
C ALA A 435 11.95 15.03 -26.82
N ALA A 436 10.90 14.28 -26.49
CA ALA A 436 9.77 14.82 -25.74
C ALA A 436 10.19 15.10 -24.31
N ILE A 437 9.40 15.91 -23.62
CA ILE A 437 9.71 16.27 -22.25
C ILE A 437 9.83 14.99 -21.42
N GLY A 438 10.87 14.93 -20.59
CA GLY A 438 11.08 13.76 -19.75
C GLY A 438 12.04 12.73 -20.31
N VAL A 439 12.41 12.89 -21.58
CA VAL A 439 13.32 11.96 -22.24
C VAL A 439 14.71 11.95 -21.59
N ARG A 440 15.27 10.75 -21.40
CA ARG A 440 16.59 10.58 -20.79
C ARG A 440 17.69 10.72 -21.84
N THR A 441 18.92 11.00 -21.39
CA THR A 441 20.04 11.11 -22.32
C THR A 441 20.30 9.73 -22.90
N GLU A 442 20.28 8.72 -22.04
CA GLU A 442 20.51 7.34 -22.45
C GLU A 442 19.60 6.93 -23.61
N ASP A 443 18.33 7.35 -23.57
CA ASP A 443 17.38 7.04 -24.64
C ASP A 443 17.88 7.63 -25.97
N ILE A 444 18.45 8.83 -25.86
CA ILE A 444 18.93 9.53 -27.03
C ILE A 444 20.23 9.00 -27.60
N VAL A 445 21.22 8.82 -26.74
CA VAL A 445 22.50 8.30 -27.19
C VAL A 445 22.35 6.88 -27.73
N ASN A 446 21.67 6.02 -26.96
CA ASN A 446 21.48 4.64 -27.37
C ASN A 446 20.59 4.47 -28.58
N SER A 447 19.61 5.34 -28.77
CA SER A 447 18.77 5.18 -29.93
C SER A 447 19.55 5.51 -31.21
N VAL A 448 20.43 6.49 -31.14
CA VAL A 448 21.21 6.85 -32.33
C VAL A 448 22.24 5.78 -32.68
N SER A 449 23.03 5.36 -31.69
CA SER A 449 24.05 4.33 -31.91
C SER A 449 23.39 3.02 -32.34
N LYS A 450 22.08 2.90 -32.12
CA LYS A 450 21.37 1.70 -32.54
C LYS A 450 20.97 1.91 -34.00
N LEU A 451 20.73 3.16 -34.37
CA LEU A 451 20.38 3.46 -35.74
C LEU A 451 21.68 3.34 -36.54
N GLU A 452 22.78 3.75 -35.92
CA GLU A 452 24.07 3.67 -36.58
C GLU A 452 24.44 2.23 -36.91
N LYS A 453 24.20 1.31 -35.98
CA LYS A 453 24.52 -0.09 -36.21
C LYS A 453 23.53 -0.70 -37.20
N ILE A 454 23.02 0.13 -38.10
CA ILE A 454 22.05 -0.33 -39.10
C ILE A 454 22.23 0.44 -40.41
N MSE B 21 5.86 -22.55 -12.11
CA MSE B 21 5.58 -21.14 -12.53
C MSE B 21 6.65 -20.17 -12.03
O MSE B 21 7.05 -19.26 -12.77
CB MSE B 21 4.20 -20.68 -12.03
CG MSE B 21 3.93 -19.19 -12.23
SE MSE B 21 2.11 -18.55 -11.87
CE MSE B 21 1.96 -17.28 -13.31
N LEU B 22 7.10 -20.34 -10.79
CA LEU B 22 8.12 -19.45 -10.25
C LEU B 22 9.34 -20.25 -9.78
N ASP B 23 10.48 -20.02 -10.42
CA ASP B 23 11.70 -20.73 -10.08
C ASP B 23 12.92 -19.82 -9.88
N PHE B 24 13.46 -19.84 -8.66
CA PHE B 24 14.63 -19.03 -8.33
C PHE B 24 15.53 -19.82 -7.40
N ASN B 25 16.83 -19.60 -7.49
CA ASN B 25 17.77 -20.32 -6.65
C ASN B 25 17.57 -20.13 -5.16
N ILE B 26 17.47 -21.25 -4.45
CA ILE B 26 17.23 -21.25 -3.02
C ILE B 26 18.11 -22.25 -2.30
N GLU B 27 19.05 -22.86 -3.02
CA GLU B 27 19.89 -23.88 -2.40
C GLU B 27 21.10 -23.46 -1.59
N GLY B 28 21.42 -24.28 -0.59
CA GLY B 28 22.55 -24.02 0.30
C GLY B 28 22.20 -23.10 1.45
N LEU B 29 20.94 -23.12 1.88
CA LEU B 29 20.50 -22.25 2.95
C LEU B 29 19.56 -22.92 3.94
N ILE B 30 18.73 -23.80 3.41
CA ILE B 30 17.72 -24.48 4.19
C ILE B 30 17.80 -25.99 3.87
N PRO B 31 17.58 -26.85 4.89
CA PRO B 31 17.63 -28.30 4.66
C PRO B 31 16.64 -28.77 3.58
N LYS B 32 16.93 -29.91 2.95
CA LYS B 32 16.08 -30.44 1.88
C LYS B 32 14.59 -30.57 2.14
N ASN B 33 14.19 -31.07 3.31
CA ASN B 33 12.77 -31.23 3.60
C ASN B 33 12.04 -29.89 3.64
N MSE B 34 12.70 -28.86 4.15
CA MSE B 34 12.11 -27.53 4.21
C MSE B 34 12.14 -26.87 2.84
O MSE B 34 11.32 -26.01 2.53
CB MSE B 34 12.84 -26.68 5.25
CG MSE B 34 12.58 -27.09 6.69
SE MSE B 34 13.62 -26.07 7.97
CE MSE B 34 12.94 -24.31 7.53
N GLU B 35 13.10 -27.28 2.02
CA GLU B 35 13.22 -26.77 0.66
C GLU B 35 11.97 -27.25 -0.07
N LYS B 36 11.76 -28.56 -0.04
CA LYS B 36 10.61 -29.19 -0.69
C LYS B 36 9.29 -28.60 -0.23
N ARG B 37 9.06 -28.57 1.08
CA ARG B 37 7.80 -28.04 1.59
C ARG B 37 7.63 -26.58 1.18
N GLY B 38 8.72 -25.83 1.25
CA GLY B 38 8.69 -24.43 0.87
C GLY B 38 8.05 -24.29 -0.49
N GLU B 39 8.45 -25.14 -1.44
CA GLU B 39 7.91 -25.11 -2.79
C GLU B 39 6.44 -25.52 -2.84
N LEU B 40 6.10 -26.63 -2.20
CA LEU B 40 4.71 -27.08 -2.19
C LEU B 40 3.83 -25.91 -1.82
N VAL B 41 4.25 -25.15 -0.82
CA VAL B 41 3.50 -23.99 -0.37
C VAL B 41 3.41 -22.93 -1.47
N LEU B 42 4.54 -22.59 -2.06
CA LEU B 42 4.59 -21.58 -3.12
C LEU B 42 3.74 -21.91 -4.35
N ASN B 43 3.76 -23.14 -4.81
CA ASN B 43 2.97 -23.52 -5.97
C ASN B 43 1.50 -23.46 -5.62
N GLU B 44 1.15 -24.03 -4.48
CA GLU B 44 -0.24 -24.03 -4.08
C GLU B 44 -0.75 -22.60 -3.98
N TYR B 45 0.01 -21.72 -3.34
CA TYR B 45 -0.39 -20.34 -3.18
C TYR B 45 -0.71 -19.66 -4.52
N LEU B 46 0.06 -19.97 -5.56
CA LEU B 46 -0.11 -19.37 -6.88
C LEU B 46 -1.06 -20.15 -7.78
N LYS B 47 -1.44 -21.36 -7.39
CA LYS B 47 -2.32 -22.17 -8.22
C LYS B 47 -3.50 -21.40 -8.78
N GLU B 48 -4.15 -20.59 -7.95
CA GLU B 48 -5.30 -19.81 -8.41
C GLU B 48 -4.98 -18.83 -9.54
N ILE B 49 -3.80 -18.22 -9.47
CA ILE B 49 -3.36 -17.28 -10.49
C ILE B 49 -3.02 -18.06 -11.74
N GLU B 50 -2.31 -19.17 -11.53
CA GLU B 50 -1.90 -20.05 -12.61
C GLU B 50 -3.13 -20.55 -13.37
N ASP B 51 -4.20 -20.84 -12.64
CA ASP B 51 -5.43 -21.32 -13.25
C ASP B 51 -6.11 -20.28 -14.15
N VAL B 52 -5.97 -18.99 -13.82
CA VAL B 52 -6.58 -17.94 -14.62
C VAL B 52 -5.89 -17.93 -15.98
N PHE B 53 -4.56 -17.93 -15.97
CA PHE B 53 -3.79 -17.94 -17.19
C PHE B 53 -4.09 -19.20 -18.03
N ASN B 54 -4.22 -20.34 -17.36
CA ASN B 54 -4.49 -21.60 -18.05
C ASN B 54 -5.91 -21.76 -18.58
N HIS B 55 -6.89 -21.42 -17.75
CA HIS B 55 -8.29 -21.56 -18.14
C HIS B 55 -8.91 -20.28 -18.73
N ARG B 56 -8.56 -19.13 -18.15
CA ARG B 56 -9.09 -17.87 -18.63
C ARG B 56 -10.61 -17.81 -18.52
N LYS B 57 -11.11 -18.12 -17.34
CA LYS B 57 -12.54 -18.09 -17.08
C LYS B 57 -12.73 -17.52 -15.69
N ILE B 58 -13.97 -17.26 -15.32
CA ILE B 58 -14.22 -16.70 -14.00
C ILE B 58 -14.00 -17.81 -12.98
N PRO B 59 -13.14 -17.56 -11.99
CA PRO B 59 -12.88 -18.59 -10.97
C PRO B 59 -14.12 -18.99 -10.19
N GLU B 60 -14.18 -20.26 -9.78
CA GLU B 60 -15.30 -20.76 -9.00
C GLU B 60 -15.31 -19.98 -7.68
N ASN B 61 -14.13 -19.84 -7.07
CA ASN B 61 -14.03 -19.09 -5.82
C ASN B 61 -13.31 -17.76 -6.05
N GLY B 62 -13.58 -16.80 -5.18
CA GLY B 62 -12.94 -15.51 -5.31
C GLY B 62 -11.47 -15.58 -4.97
N ILE B 63 -10.66 -14.79 -5.66
CA ILE B 63 -9.24 -14.74 -5.42
C ILE B 63 -8.98 -13.52 -4.53
N ASP B 64 -8.19 -13.66 -3.48
CA ASP B 64 -7.93 -12.53 -2.59
C ASP B 64 -7.10 -11.42 -3.23
N ASP B 65 -7.27 -10.21 -2.70
CA ASP B 65 -6.60 -9.03 -3.19
C ASP B 65 -5.11 -9.18 -3.49
N GLU B 66 -4.35 -9.77 -2.56
CA GLU B 66 -2.92 -9.93 -2.77
C GLU B 66 -2.62 -10.78 -4.00
N LYS B 67 -3.36 -11.86 -4.19
CA LYS B 67 -3.16 -12.71 -5.36
C LYS B 67 -3.47 -11.95 -6.66
N ILE B 68 -4.50 -11.11 -6.63
CA ILE B 68 -4.87 -10.32 -7.82
C ILE B 68 -3.81 -9.24 -8.10
N LYS B 69 -3.36 -8.57 -7.05
CA LYS B 69 -2.33 -7.56 -7.24
C LYS B 69 -1.13 -8.25 -7.86
N LEU B 70 -0.78 -9.41 -7.31
CA LEU B 70 0.36 -10.20 -7.79
C LEU B 70 0.15 -10.54 -9.26
N PHE B 71 -1.06 -10.98 -9.58
CA PHE B 71 -1.45 -11.33 -10.94
C PHE B 71 -1.28 -10.12 -11.88
N LEU B 72 -1.70 -8.94 -11.41
CA LEU B 72 -1.60 -7.72 -12.24
C LEU B 72 -0.18 -7.23 -12.37
N LYS B 73 0.62 -7.47 -11.35
CA LYS B 73 2.03 -7.07 -11.36
C LYS B 73 2.74 -7.87 -12.45
N PHE B 74 2.45 -9.17 -12.51
CA PHE B 74 3.04 -10.08 -13.49
C PHE B 74 2.78 -9.57 -14.89
N LEU B 75 1.58 -9.06 -15.11
CA LEU B 75 1.22 -8.54 -16.41
C LEU B 75 1.82 -7.17 -16.72
N SER B 76 1.83 -6.28 -15.73
CA SER B 76 2.38 -4.95 -15.97
C SER B 76 3.88 -4.99 -16.18
N MSE B 77 4.56 -5.99 -15.62
CA MSE B 77 6.00 -6.08 -15.79
C MSE B 77 6.38 -6.40 -17.24
O MSE B 77 7.56 -6.45 -17.58
CB MSE B 77 6.59 -7.16 -14.89
CG MSE B 77 6.55 -6.87 -13.41
SE MSE B 77 7.52 -8.24 -12.44
CE MSE B 77 6.24 -9.70 -12.52
N MSE B 78 5.39 -6.64 -18.08
CA MSE B 78 5.65 -6.95 -19.48
C MSE B 78 5.51 -5.71 -20.36
O MSE B 78 5.71 -5.77 -21.58
CB MSE B 78 4.71 -8.03 -19.98
CG MSE B 78 4.98 -9.41 -19.41
SE MSE B 78 3.61 -10.66 -19.95
CE MSE B 78 4.21 -11.01 -21.75
N ASP B 79 5.17 -4.59 -19.74
CA ASP B 79 5.00 -3.34 -20.47
C ASP B 79 6.35 -2.68 -20.73
N THR B 80 6.55 -2.27 -21.98
CA THR B 80 7.78 -1.64 -22.43
C THR B 80 8.42 -0.61 -21.50
N ASP B 81 7.60 0.21 -20.85
CA ASP B 81 8.15 1.23 -19.95
C ASP B 81 8.79 0.68 -18.67
N LYS B 82 8.58 -0.61 -18.39
CA LYS B 82 9.18 -1.20 -17.20
C LYS B 82 10.53 -1.81 -17.50
N ASP B 83 10.88 -1.86 -18.78
CA ASP B 83 12.16 -2.44 -19.21
C ASP B 83 13.37 -1.60 -18.80
N PRO B 84 14.21 -2.13 -17.90
CA PRO B 84 15.37 -1.33 -17.50
C PRO B 84 16.33 -1.11 -18.68
N LYS B 85 16.24 -1.98 -19.69
CA LYS B 85 17.09 -1.89 -20.87
C LYS B 85 16.37 -1.25 -22.06
N SER B 86 15.21 -0.66 -21.79
CA SER B 86 14.43 -0.02 -22.84
C SER B 86 15.15 1.22 -23.34
N VAL B 87 14.72 1.70 -24.50
CA VAL B 87 15.26 2.89 -25.11
C VAL B 87 14.02 3.54 -25.71
N ARG B 88 13.57 4.64 -25.11
CA ARG B 88 12.36 5.30 -25.56
C ARG B 88 12.50 6.69 -26.17
N ILE B 89 12.36 6.76 -27.50
CA ILE B 89 12.48 8.02 -28.23
C ILE B 89 11.21 8.34 -29.01
N GLY B 90 10.06 8.22 -28.35
CA GLY B 90 8.80 8.52 -28.98
C GLY B 90 8.18 9.70 -28.25
N GLU B 91 7.13 10.27 -28.83
CA GLU B 91 6.46 11.40 -28.20
C GLU B 91 5.57 10.95 -27.07
N ARG B 92 5.13 9.69 -27.16
CA ARG B 92 4.25 9.09 -26.18
C ARG B 92 4.86 7.78 -25.66
N GLU B 93 5.64 7.86 -24.59
CA GLU B 93 6.28 6.68 -24.06
C GLU B 93 5.87 6.36 -22.64
N ALA B 94 4.70 6.86 -22.24
CA ALA B 94 4.17 6.61 -20.92
C ALA B 94 5.12 6.97 -19.77
N ARG B 95 5.94 7.99 -19.94
CA ARG B 95 6.82 8.41 -18.87
C ARG B 95 5.88 8.94 -17.79
N THR B 96 5.94 8.38 -16.59
CA THR B 96 5.08 8.85 -15.50
C THR B 96 5.96 9.48 -14.44
N TYR B 97 5.43 10.43 -13.68
CA TYR B 97 6.26 11.07 -12.68
C TYR B 97 6.23 10.47 -11.29
N SER B 98 5.03 10.22 -10.78
CA SER B 98 4.90 9.70 -9.44
C SER B 98 4.50 8.23 -9.37
N LYS B 99 4.94 7.56 -8.30
CA LYS B 99 4.61 6.15 -8.06
C LYS B 99 3.09 5.99 -8.00
N ILE B 100 2.42 7.04 -7.54
CA ILE B 100 0.97 7.00 -7.44
C ILE B 100 0.40 6.75 -8.83
N HIS B 101 1.07 7.28 -9.85
CA HIS B 101 0.60 7.07 -11.22
C HIS B 101 0.51 5.56 -11.45
N GLU B 102 1.56 4.84 -11.08
CA GLU B 102 1.64 3.38 -11.23
C GLU B 102 0.49 2.69 -10.47
N GLU B 103 0.29 3.06 -9.22
CA GLU B 103 -0.77 2.48 -8.41
C GLU B 103 -2.15 2.64 -9.04
N LEU B 104 -2.50 3.87 -9.43
CA LEU B 104 -3.81 4.13 -10.00
C LEU B 104 -4.08 3.48 -11.34
N SER B 105 -3.04 3.32 -12.14
CA SER B 105 -3.19 2.68 -13.45
C SER B 105 -2.94 1.19 -13.29
N SER B 106 -2.55 0.80 -12.08
CA SER B 106 -2.28 -0.61 -11.75
C SER B 106 -1.05 -1.16 -12.47
N GLY B 107 -0.19 -0.25 -12.93
CA GLY B 107 1.01 -0.68 -13.64
C GLY B 107 0.85 -0.59 -15.15
N PHE B 108 -0.30 -0.13 -15.60
CA PHE B 108 -0.57 -0.02 -17.04
C PHE B 108 -0.54 1.44 -17.51
N CYS B 109 0.66 1.99 -17.57
CA CYS B 109 0.86 3.37 -17.96
C CYS B 109 0.55 3.69 -19.42
N HIS B 110 0.53 2.66 -20.27
CA HIS B 110 0.25 2.84 -21.67
C HIS B 110 -1.24 2.77 -21.97
N GLY B 111 -2.00 2.24 -21.01
CA GLY B 111 -3.43 2.12 -21.19
C GLY B 111 -3.75 0.85 -21.94
N ILE B 112 -4.83 0.86 -22.72
CA ILE B 112 -5.23 -0.34 -23.46
C ILE B 112 -5.51 -0.05 -24.94
N GLY B 113 -5.16 -1.01 -25.79
CA GLY B 113 -5.42 -0.84 -27.21
C GLY B 113 -4.54 0.18 -27.93
N ARG B 114 -5.02 0.64 -29.09
CA ARG B 114 -4.28 1.61 -29.88
C ARG B 114 -5.23 2.73 -30.30
N SER B 115 -4.72 3.77 -30.96
CA SER B 115 -5.61 4.85 -31.35
C SER B 115 -6.77 4.35 -32.21
N GLY B 116 -7.98 4.46 -31.65
CA GLY B 116 -9.18 4.04 -32.34
C GLY B 116 -9.49 2.54 -32.34
N ASN B 117 -8.67 1.76 -31.66
CA ASN B 117 -8.89 0.32 -31.60
C ASN B 117 -8.53 -0.15 -30.19
N LEU B 118 -9.55 -0.36 -29.36
CA LEU B 118 -9.35 -0.81 -27.98
C LEU B 118 -8.82 -2.23 -27.94
N VAL B 119 -9.44 -3.13 -28.70
CA VAL B 119 -9.05 -4.53 -28.73
C VAL B 119 -7.71 -4.85 -29.38
N ASP B 120 -7.19 -3.96 -30.21
CA ASP B 120 -5.92 -4.21 -30.88
C ASP B 120 -4.70 -3.99 -29.97
N PRO B 121 -3.93 -5.06 -29.70
CA PRO B 121 -2.74 -4.99 -28.83
C PRO B 121 -1.73 -3.88 -29.12
N GLN B 122 -1.22 -3.30 -28.03
CA GLN B 122 -0.24 -2.22 -28.06
C GLN B 122 1.18 -2.77 -28.07
N PRO B 123 1.91 -2.58 -29.17
CA PRO B 123 3.27 -3.10 -29.20
C PRO B 123 4.16 -2.56 -28.08
N LYS B 124 3.72 -1.49 -27.41
CA LYS B 124 4.52 -0.93 -26.33
C LYS B 124 4.04 -1.46 -24.98
N ALA B 125 2.96 -2.22 -25.01
CA ALA B 125 2.37 -2.75 -23.78
C ALA B 125 1.81 -4.17 -23.94
N SER B 126 2.69 -5.16 -24.03
CA SER B 126 2.23 -6.53 -24.17
C SER B 126 1.42 -6.94 -22.96
N GLY B 127 1.87 -6.52 -21.79
CA GLY B 127 1.18 -6.85 -20.55
C GLY B 127 -0.21 -6.26 -20.47
N ALA B 128 -0.35 -4.97 -20.75
CA ALA B 128 -1.67 -4.34 -20.72
C ALA B 128 -2.62 -5.00 -21.70
N SER B 129 -2.08 -5.41 -22.84
CA SER B 129 -2.90 -6.05 -23.89
C SER B 129 -3.34 -7.44 -23.46
N ILE B 130 -2.50 -8.11 -22.70
CA ILE B 130 -2.83 -9.43 -22.23
C ILE B 130 -3.93 -9.39 -21.19
N MSE B 131 -3.80 -8.52 -20.19
CA MSE B 131 -4.82 -8.47 -19.14
C MSE B 131 -6.15 -8.03 -19.73
O MSE B 131 -7.21 -8.37 -19.20
CB MSE B 131 -4.38 -7.55 -17.99
CG MSE B 131 -4.59 -6.08 -18.19
SE MSE B 131 -6.44 -5.48 -17.90
CE MSE B 131 -6.27 -3.71 -18.69
N TYR B 132 -6.12 -7.29 -20.83
CA TYR B 132 -7.38 -6.85 -21.44
C TYR B 132 -8.02 -7.99 -22.24
N ALA B 133 -7.20 -8.74 -22.97
CA ALA B 133 -7.69 -9.88 -23.74
C ALA B 133 -8.29 -10.88 -22.76
N LEU B 134 -7.58 -11.09 -21.65
CA LEU B 134 -8.04 -12.00 -20.60
C LEU B 134 -9.31 -11.48 -19.95
N THR B 135 -9.36 -10.19 -19.66
CA THR B 135 -10.53 -9.58 -19.04
C THR B 135 -11.77 -9.84 -19.89
N ASN B 136 -11.61 -9.67 -21.21
CA ASN B 136 -12.72 -9.91 -22.12
C ASN B 136 -13.09 -11.40 -22.21
N LYS B 137 -12.09 -12.29 -22.17
CA LYS B 137 -12.40 -13.72 -22.20
C LYS B 137 -13.07 -14.13 -20.89
N ILE B 138 -12.55 -13.62 -19.78
CA ILE B 138 -13.11 -13.92 -18.48
C ILE B 138 -14.53 -13.36 -18.37
N LEU B 139 -14.75 -12.17 -18.94
CA LEU B 139 -16.07 -11.55 -18.92
C LEU B 139 -17.04 -12.40 -19.74
N GLU B 140 -16.59 -12.93 -20.86
CA GLU B 140 -17.46 -13.77 -21.66
C GLU B 140 -17.83 -15.08 -20.96
N SER B 141 -16.95 -15.58 -20.10
CA SER B 141 -17.26 -16.82 -19.39
C SER B 141 -18.24 -16.51 -18.27
N PHE B 142 -18.11 -15.31 -17.70
CA PHE B 142 -19.00 -14.85 -16.64
C PHE B 142 -20.41 -14.92 -17.22
N PHE B 143 -20.57 -14.37 -18.42
CA PHE B 143 -21.85 -14.36 -19.10
C PHE B 143 -22.39 -15.77 -19.41
N LYS B 144 -21.55 -16.63 -19.98
CA LYS B 144 -22.01 -17.96 -20.35
C LYS B 144 -22.58 -18.69 -19.15
N GLN B 145 -21.99 -18.47 -17.97
CA GLN B 145 -22.46 -19.11 -16.74
C GLN B 145 -23.75 -18.49 -16.22
N LEU B 146 -24.19 -17.40 -16.85
CA LEU B 146 -25.44 -16.75 -16.48
C LEU B 146 -26.45 -17.10 -17.57
N GLY B 147 -26.00 -17.95 -18.51
CA GLY B 147 -26.86 -18.39 -19.60
C GLY B 147 -26.80 -17.59 -20.88
N LEU B 148 -25.80 -16.73 -21.02
CA LEU B 148 -25.68 -15.92 -22.22
C LEU B 148 -24.43 -16.26 -23.05
N ASN B 149 -24.64 -16.74 -24.26
CA ASN B 149 -23.54 -17.09 -25.14
C ASN B 149 -23.25 -15.86 -25.97
N VAL B 150 -22.39 -14.99 -25.48
CA VAL B 150 -22.07 -13.76 -26.20
C VAL B 150 -20.60 -13.39 -26.29
N HIS B 151 -20.38 -12.34 -27.07
CA HIS B 151 -19.08 -11.74 -27.26
C HIS B 151 -19.21 -10.49 -26.40
N ALA B 152 -18.34 -10.36 -25.40
CA ALA B 152 -18.41 -9.21 -24.52
C ALA B 152 -17.14 -8.41 -24.58
N ILE B 153 -17.25 -7.14 -24.26
CA ILE B 153 -16.13 -6.23 -24.24
C ILE B 153 -16.26 -5.34 -23.02
N ALA B 154 -15.17 -5.16 -22.30
CA ALA B 154 -15.18 -4.26 -21.14
C ALA B 154 -14.75 -2.92 -21.72
N THR B 155 -15.57 -1.89 -21.53
CA THR B 155 -15.28 -0.55 -22.04
C THR B 155 -14.78 0.38 -20.94
N PRO B 156 -13.85 1.29 -21.27
CA PRO B 156 -13.22 2.28 -20.37
C PRO B 156 -14.06 3.53 -20.09
N ILE B 157 -15.36 3.44 -20.34
CA ILE B 157 -16.24 4.58 -20.13
C ILE B 157 -17.61 4.14 -19.62
N SER B 158 -18.33 5.09 -19.06
CA SER B 158 -19.66 4.84 -18.52
C SER B 158 -20.64 4.30 -19.56
N THR B 159 -21.75 3.77 -19.07
CA THR B 159 -22.80 3.20 -19.90
C THR B 159 -23.39 4.18 -20.89
N GLY B 160 -23.54 5.44 -20.49
CA GLY B 160 -24.07 6.44 -21.40
C GLY B 160 -23.11 6.67 -22.56
N MSE B 161 -21.85 6.87 -22.22
CA MSE B 161 -20.80 7.09 -23.23
C MSE B 161 -20.65 5.80 -24.04
O MSE B 161 -20.37 5.83 -25.24
CB MSE B 161 -19.49 7.44 -22.52
CG MSE B 161 -18.35 7.80 -23.46
SE MSE B 161 -18.56 9.52 -24.32
CE MSE B 161 -17.09 10.48 -23.49
N SER B 162 -20.82 4.67 -23.37
CA SER B 162 -20.73 3.39 -24.07
C SER B 162 -21.83 3.30 -25.13
N ILE B 163 -23.01 3.86 -24.82
CA ILE B 163 -24.10 3.83 -25.79
C ILE B 163 -23.72 4.66 -27.02
N SER B 164 -22.96 5.74 -26.81
CA SER B 164 -22.52 6.59 -27.92
C SER B 164 -21.65 5.78 -28.87
N LEU B 165 -20.77 4.97 -28.28
CA LEU B 165 -19.87 4.09 -29.02
C LEU B 165 -20.70 3.14 -29.89
N CYS B 166 -21.82 2.66 -29.35
CA CYS B 166 -22.69 1.75 -30.06
C CYS B 166 -23.37 2.46 -31.21
N LEU B 167 -23.93 3.63 -30.90
CA LEU B 167 -24.61 4.39 -31.93
C LEU B 167 -23.63 4.75 -33.04
N SER B 168 -22.42 5.15 -32.66
CA SER B 168 -21.43 5.50 -33.65
C SER B 168 -21.17 4.29 -34.55
N ALA B 169 -21.16 3.10 -33.94
CA ALA B 169 -20.93 1.87 -34.68
C ALA B 169 -22.07 1.60 -35.67
N ALA B 170 -23.31 1.68 -35.18
CA ALA B 170 -24.46 1.44 -36.03
C ALA B 170 -24.46 2.36 -37.24
N ARG B 171 -23.82 3.51 -37.12
CA ARG B 171 -23.77 4.44 -38.22
C ARG B 171 -22.68 4.04 -39.23
N LYS B 172 -21.51 3.66 -38.73
CA LYS B 172 -20.44 3.25 -39.64
C LYS B 172 -20.80 2.03 -40.46
N LYS B 173 -21.44 1.06 -39.80
CA LYS B 173 -21.82 -0.22 -40.41
C LYS B 173 -23.14 -0.23 -41.19
N TYR B 174 -24.15 0.50 -40.72
CA TYR B 174 -25.44 0.52 -41.40
C TYR B 174 -25.88 1.90 -41.87
N GLY B 175 -25.04 2.92 -41.64
CA GLY B 175 -25.38 4.27 -42.06
C GLY B 175 -26.57 4.90 -41.34
N SER B 176 -26.81 4.50 -40.11
CA SER B 176 -27.92 5.04 -39.31
C SER B 176 -27.83 6.56 -39.12
N ASN B 177 -28.96 7.25 -39.27
CA ASN B 177 -28.94 8.69 -39.09
C ASN B 177 -30.07 9.21 -38.21
N VAL B 178 -30.80 8.29 -37.58
CA VAL B 178 -31.91 8.66 -36.71
C VAL B 178 -32.16 7.57 -35.66
N VAL B 179 -32.41 7.99 -34.42
CA VAL B 179 -32.64 7.05 -33.35
C VAL B 179 -34.07 7.07 -32.87
N ILE B 180 -34.80 5.98 -33.09
CA ILE B 180 -36.15 5.89 -32.58
C ILE B 180 -35.92 5.54 -31.11
N TYR B 181 -36.39 6.41 -30.21
CA TYR B 181 -36.16 6.20 -28.78
C TYR B 181 -37.38 6.05 -27.88
N PRO B 182 -37.77 4.80 -27.54
CA PRO B 182 -38.92 4.58 -26.66
C PRO B 182 -38.59 5.38 -25.38
N TYR B 183 -39.42 6.38 -25.06
CA TYR B 183 -39.16 7.25 -23.92
C TYR B 183 -38.67 6.69 -22.58
N ALA B 184 -37.43 7.03 -22.26
CA ALA B 184 -36.80 6.63 -21.01
C ALA B 184 -36.10 7.89 -20.52
N SER B 185 -36.63 8.46 -19.45
CA SER B 185 -36.09 9.71 -18.91
C SER B 185 -34.85 9.61 -18.01
N HIS B 186 -33.70 9.40 -18.64
CA HIS B 186 -32.44 9.38 -17.92
C HIS B 186 -31.56 10.28 -18.77
N LYS B 187 -30.99 11.31 -18.15
CA LYS B 187 -30.15 12.26 -18.86
C LYS B 187 -29.00 11.65 -19.65
N SER B 188 -28.41 10.59 -19.13
CA SER B 188 -27.27 9.97 -19.81
C SER B 188 -27.54 9.45 -21.22
N PRO B 189 -28.51 8.54 -21.39
CA PRO B 189 -28.73 8.07 -22.76
C PRO B 189 -29.17 9.16 -23.76
N ILE B 190 -29.98 10.10 -23.31
CA ILE B 190 -30.45 11.17 -24.19
C ILE B 190 -29.28 12.03 -24.63
N LYS B 191 -28.36 12.29 -23.71
CA LYS B 191 -27.19 13.10 -24.03
C LYS B 191 -26.24 12.28 -24.92
N ALA B 192 -26.35 10.96 -24.84
CA ALA B 192 -25.52 10.07 -25.65
C ALA B 192 -25.90 10.23 -27.13
N VAL B 193 -27.20 10.30 -27.38
CA VAL B 193 -27.73 10.46 -28.72
C VAL B 193 -27.30 11.77 -29.39
N SER B 194 -27.43 12.90 -28.69
CA SER B 194 -27.06 14.18 -29.26
C SER B 194 -25.56 14.31 -29.44
N PHE B 195 -24.80 13.67 -28.56
CA PHE B 195 -23.35 13.72 -28.62
C PHE B 195 -22.90 13.14 -29.96
N VAL B 196 -23.47 12.00 -30.33
CA VAL B 196 -23.14 11.32 -31.57
C VAL B 196 -23.73 12.07 -32.78
N GLY B 197 -24.36 13.21 -32.49
CA GLY B 197 -24.96 14.04 -33.53
C GLY B 197 -25.99 13.29 -34.32
N MSE B 198 -26.93 12.65 -33.65
CA MSE B 198 -27.96 11.89 -34.32
C MSE B 198 -29.32 12.39 -33.88
O MSE B 198 -29.57 12.55 -32.68
CB MSE B 198 -27.81 10.40 -34.01
CG MSE B 198 -27.77 9.49 -35.24
SE MSE B 198 -27.33 7.61 -34.87
CE MSE B 198 -25.48 7.62 -35.45
N ASN B 199 -30.21 12.65 -34.83
CA ASN B 199 -31.54 13.11 -34.49
C ASN B 199 -32.26 12.00 -33.72
N MSE B 200 -33.24 12.38 -32.92
CA MSE B 200 -33.98 11.42 -32.13
C MSE B 200 -35.51 11.44 -32.35
O MSE B 200 -36.13 12.50 -32.40
CB MSE B 200 -33.68 11.66 -30.66
CG MSE B 200 -34.38 10.71 -29.70
SE MSE B 200 -34.13 11.25 -27.85
CE MSE B 200 -35.88 11.98 -27.51
N ARG B 201 -36.09 10.25 -32.47
CA ARG B 201 -37.53 10.12 -32.65
C ARG B 201 -38.09 9.55 -31.36
N LEU B 202 -38.55 10.44 -30.49
CA LEU B 202 -39.09 10.07 -29.19
C LEU B 202 -40.49 9.46 -29.21
N VAL B 203 -40.59 8.17 -28.85
CA VAL B 203 -41.89 7.50 -28.82
C VAL B 203 -42.49 7.53 -27.41
N GLU B 204 -43.35 8.52 -27.18
CA GLU B 204 -44.02 8.74 -25.90
C GLU B 204 -44.54 7.48 -25.21
N THR B 205 -44.60 7.49 -23.87
CA THR B 205 -45.11 6.36 -23.10
C THR B 205 -46.60 6.56 -22.87
N VAL B 206 -47.31 5.47 -22.61
CA VAL B 206 -48.75 5.52 -22.36
C VAL B 206 -49.03 5.01 -20.95
N LEU B 207 -50.12 5.49 -20.34
CA LEU B 207 -50.48 5.07 -18.99
C LEU B 207 -51.40 3.84 -19.00
N ASP B 208 -51.32 3.03 -17.96
CA ASP B 208 -52.17 1.85 -17.85
C ASP B 208 -52.18 1.39 -16.39
N GLY B 209 -53.02 2.04 -15.59
CA GLY B 209 -53.11 1.70 -14.19
C GLY B 209 -51.93 2.34 -13.48
N ASP B 210 -51.16 1.55 -12.73
CA ASP B 210 -50.00 2.06 -12.01
C ASP B 210 -48.77 1.99 -12.90
N ARG B 211 -48.97 1.48 -14.11
CA ARG B 211 -47.87 1.31 -15.03
C ARG B 211 -47.81 2.20 -16.26
N VAL B 212 -46.58 2.54 -16.63
CA VAL B 212 -46.31 3.39 -17.80
C VAL B 212 -45.49 2.56 -18.79
N TYR B 213 -45.71 2.75 -20.09
CA TYR B 213 -44.94 1.99 -21.05
C TYR B 213 -45.09 2.49 -22.48
N VAL B 214 -44.18 2.03 -23.35
CA VAL B 214 -44.19 2.39 -24.75
C VAL B 214 -44.73 1.17 -25.51
N PRO B 215 -45.90 1.30 -26.15
CA PRO B 215 -46.53 0.21 -26.90
C PRO B 215 -45.72 -0.16 -28.13
N VAL B 216 -45.34 -1.44 -28.24
CA VAL B 216 -44.55 -1.90 -29.37
C VAL B 216 -45.11 -1.44 -30.70
N GLU B 217 -46.42 -1.21 -30.75
CA GLU B 217 -47.07 -0.76 -31.97
C GLU B 217 -46.63 0.64 -32.42
N ASP B 218 -46.57 1.59 -31.47
CA ASP B 218 -46.18 2.97 -31.79
C ASP B 218 -44.67 3.11 -32.02
N ILE B 219 -43.92 2.07 -31.67
CA ILE B 219 -42.49 2.08 -31.90
C ILE B 219 -42.29 1.68 -33.37
N GLU B 220 -43.13 0.78 -33.85
CA GLU B 220 -43.04 0.33 -35.23
C GLU B 220 -43.49 1.45 -36.18
N ASN B 221 -44.57 2.13 -35.82
CA ASN B 221 -45.09 3.22 -36.65
C ASN B 221 -44.08 4.36 -36.72
N ALA B 222 -43.31 4.52 -35.66
CA ALA B 222 -42.28 5.55 -35.61
C ALA B 222 -41.17 5.15 -36.57
N ILE B 223 -40.76 3.88 -36.52
CA ILE B 223 -39.72 3.36 -37.39
C ILE B 223 -40.09 3.53 -38.86
N LYS B 224 -41.27 3.06 -39.23
CA LYS B 224 -41.70 3.14 -40.61
C LYS B 224 -41.91 4.57 -41.12
N LYS B 225 -42.08 5.53 -40.22
CA LYS B 225 -42.26 6.91 -40.66
C LYS B 225 -40.91 7.55 -40.98
N GLU B 226 -39.84 7.07 -40.37
CA GLU B 226 -38.51 7.60 -40.63
C GLU B 226 -37.96 7.00 -41.93
N ILE B 227 -38.40 5.80 -42.27
CA ILE B 227 -37.95 5.18 -43.50
C ILE B 227 -38.66 5.88 -44.65
N GLU B 228 -39.94 6.20 -44.44
CA GLU B 228 -40.72 6.90 -45.45
C GLU B 228 -40.06 8.23 -45.77
N LEU B 229 -39.51 8.87 -44.75
CA LEU B 229 -38.83 10.15 -44.90
C LEU B 229 -37.47 9.94 -45.53
N GLY B 230 -37.11 8.69 -45.80
CA GLY B 230 -35.83 8.40 -46.41
C GLY B 230 -34.67 8.36 -45.44
N ASN B 231 -34.94 8.16 -44.15
CA ASN B 231 -33.87 8.08 -43.17
C ASN B 231 -33.64 6.62 -42.75
N ARG B 232 -32.46 6.33 -42.21
CA ARG B 232 -32.13 4.97 -41.75
C ARG B 232 -32.26 4.89 -40.23
N PRO B 233 -33.43 4.48 -39.73
CA PRO B 233 -33.71 4.36 -38.30
C PRO B 233 -32.86 3.37 -37.52
N CYS B 234 -32.69 3.68 -36.24
CA CYS B 234 -31.92 2.88 -35.31
C CYS B 234 -32.75 2.90 -34.04
N VAL B 235 -32.90 1.76 -33.38
CA VAL B 235 -33.68 1.72 -32.15
C VAL B 235 -32.87 1.51 -30.89
N LEU B 236 -33.05 2.44 -29.95
CA LEU B 236 -32.39 2.40 -28.66
C LEU B 236 -33.48 2.14 -27.62
N SER B 237 -33.62 0.89 -27.21
CA SER B 237 -34.63 0.52 -26.23
C SER B 237 -34.02 0.52 -24.82
N THR B 238 -34.85 0.33 -23.81
CA THR B 238 -34.39 0.32 -22.44
C THR B 238 -35.00 -0.84 -21.66
N LEU B 239 -34.15 -1.76 -21.26
CA LEU B 239 -34.55 -2.94 -20.53
C LEU B 239 -34.64 -2.70 -19.02
N THR B 240 -33.78 -1.84 -18.49
CA THR B 240 -33.80 -1.56 -17.06
C THR B 240 -34.11 -0.10 -16.74
N PHE B 241 -35.13 0.13 -15.95
CA PHE B 241 -35.50 1.51 -15.59
C PHE B 241 -36.29 1.54 -14.28
N PHE B 242 -36.47 2.72 -13.71
CA PHE B 242 -37.20 2.85 -12.45
C PHE B 242 -38.66 2.41 -12.54
N PRO B 243 -39.12 1.69 -11.51
CA PRO B 243 -40.46 1.14 -11.38
C PRO B 243 -41.57 1.75 -12.21
N PRO B 244 -41.89 3.03 -11.98
CA PRO B 244 -42.97 3.65 -12.77
C PRO B 244 -43.13 3.10 -14.19
N ARG B 245 -42.01 2.95 -14.89
CA ARG B 245 -42.01 2.48 -16.28
C ARG B 245 -41.66 1.01 -16.48
N ASN B 246 -42.42 0.33 -17.33
CA ASN B 246 -42.13 -1.07 -17.63
C ASN B 246 -40.89 -1.12 -18.50
N SER B 247 -40.24 -2.28 -18.52
CA SER B 247 -39.08 -2.48 -19.35
C SER B 247 -39.66 -2.50 -20.76
N ASP B 248 -38.86 -2.17 -21.77
CA ASP B 248 -39.36 -2.21 -23.14
C ASP B 248 -39.51 -3.66 -23.60
N ASP B 249 -40.47 -3.91 -24.49
CA ASP B 249 -40.66 -5.27 -24.98
C ASP B 249 -39.50 -5.58 -25.90
N ILE B 250 -38.35 -5.86 -25.29
CA ILE B 250 -37.14 -6.16 -26.03
C ILE B 250 -37.34 -7.24 -27.08
N VAL B 251 -38.06 -8.30 -26.73
CA VAL B 251 -38.31 -9.39 -27.65
C VAL B 251 -39.10 -8.97 -28.87
N GLU B 252 -40.16 -8.20 -28.67
CA GLU B 252 -40.96 -7.74 -29.81
C GLU B 252 -40.17 -6.76 -30.66
N ILE B 253 -39.53 -5.79 -30.01
CA ILE B 253 -38.73 -4.79 -30.70
C ILE B 253 -37.66 -5.50 -31.53
N ALA B 254 -37.07 -6.55 -30.97
CA ALA B 254 -36.06 -7.30 -31.68
C ALA B 254 -36.71 -7.94 -32.91
N LYS B 255 -37.91 -8.48 -32.73
CA LYS B 255 -38.63 -9.10 -33.82
C LYS B 255 -38.89 -8.07 -34.92
N ILE B 256 -39.21 -6.85 -34.52
CA ILE B 256 -39.50 -5.78 -35.46
C ILE B 256 -38.24 -5.25 -36.11
N CYS B 257 -37.25 -4.89 -35.31
CA CYS B 257 -36.01 -4.38 -35.86
C CYS B 257 -35.47 -5.35 -36.90
N GLU B 258 -35.68 -6.65 -36.66
CA GLU B 258 -35.18 -7.63 -37.60
C GLU B 258 -35.94 -7.64 -38.91
N ASN B 259 -37.27 -7.69 -38.83
CA ASN B 259 -38.06 -7.70 -40.05
C ASN B 259 -37.73 -6.48 -40.91
N TYR B 260 -37.53 -5.34 -40.26
CA TYR B 260 -37.20 -4.13 -40.98
C TYR B 260 -35.69 -4.02 -41.22
N ASP B 261 -34.95 -5.03 -40.77
CA ASP B 261 -33.49 -5.05 -40.89
C ASP B 261 -32.96 -3.69 -40.45
N ILE B 262 -33.08 -3.44 -39.15
CA ILE B 262 -32.66 -2.18 -38.57
C ILE B 262 -31.83 -2.46 -37.31
N PRO B 263 -30.76 -1.68 -37.10
CA PRO B 263 -29.96 -1.94 -35.91
C PRO B 263 -30.77 -1.65 -34.66
N HIS B 264 -30.49 -2.42 -33.60
CA HIS B 264 -31.18 -2.34 -32.31
C HIS B 264 -30.16 -2.31 -31.17
N ILE B 265 -30.10 -1.18 -30.46
CA ILE B 265 -29.18 -1.05 -29.35
C ILE B 265 -29.95 -1.05 -28.03
N ILE B 266 -29.52 -1.88 -27.09
CA ILE B 266 -30.21 -1.97 -25.82
C ILE B 266 -29.45 -1.46 -24.62
N ASN B 267 -30.08 -0.55 -23.90
CA ASN B 267 -29.53 0.01 -22.68
C ASN B 267 -29.95 -0.95 -21.57
N GLY B 268 -29.06 -1.86 -21.21
CA GLY B 268 -29.35 -2.79 -20.13
C GLY B 268 -28.59 -2.37 -18.90
N ALA B 269 -28.69 -1.08 -18.58
CA ALA B 269 -28.00 -0.51 -17.43
C ALA B 269 -27.75 -1.49 -16.27
N TYR B 270 -28.79 -2.11 -15.72
CA TYR B 270 -28.59 -3.06 -14.64
C TYR B 270 -29.29 -4.39 -14.86
N ALA B 271 -29.17 -4.90 -16.07
CA ALA B 271 -29.78 -6.17 -16.46
C ALA B 271 -28.96 -7.39 -16.04
N ILE B 272 -27.65 -7.22 -15.93
CA ILE B 272 -26.81 -8.36 -15.58
C ILE B 272 -27.17 -9.01 -14.26
N GLN B 273 -27.41 -8.20 -13.23
CA GLN B 273 -27.71 -8.72 -11.90
C GLN B 273 -28.98 -9.53 -11.70
N ASN B 274 -30.07 -9.14 -12.36
CA ASN B 274 -31.32 -9.86 -12.18
C ASN B 274 -31.61 -10.84 -13.31
N ASN B 275 -31.95 -12.07 -12.92
CA ASN B 275 -32.26 -13.11 -13.90
C ASN B 275 -33.49 -12.77 -14.73
N TYR B 276 -34.40 -11.99 -14.14
CA TYR B 276 -35.61 -11.57 -14.84
C TYR B 276 -35.22 -10.87 -16.15
N TYR B 277 -34.15 -10.08 -16.09
CA TYR B 277 -33.68 -9.36 -17.27
C TYR B 277 -32.88 -10.26 -18.19
N LEU B 278 -32.07 -11.13 -17.62
CA LEU B 278 -31.27 -12.04 -18.42
C LEU B 278 -32.16 -12.90 -19.33
N GLU B 279 -33.28 -13.37 -18.79
CA GLU B 279 -34.21 -14.21 -19.55
C GLU B 279 -34.73 -13.46 -20.76
N LYS B 280 -35.17 -12.22 -20.55
CA LYS B 280 -35.70 -11.42 -21.66
C LYS B 280 -34.60 -11.27 -22.71
N LEU B 281 -33.36 -11.11 -22.24
CA LEU B 281 -32.22 -10.98 -23.14
C LEU B 281 -32.10 -12.27 -23.94
N LYS B 282 -32.07 -13.40 -23.24
CA LYS B 282 -31.94 -14.70 -23.90
C LYS B 282 -32.97 -14.86 -25.02
N LYS B 283 -34.22 -14.50 -24.75
CA LYS B 283 -35.27 -14.62 -25.75
C LYS B 283 -35.20 -13.55 -26.84
N ALA B 284 -34.54 -12.43 -26.56
CA ALA B 284 -34.47 -11.35 -27.53
C ALA B 284 -33.30 -11.49 -28.49
N PHE B 285 -32.28 -12.24 -28.08
CA PHE B 285 -31.12 -12.46 -28.92
C PHE B 285 -31.46 -13.38 -30.09
N LYS B 286 -32.59 -14.07 -29.98
CA LYS B 286 -33.04 -14.97 -31.05
C LYS B 286 -33.50 -14.13 -32.23
N TYR B 287 -33.47 -12.82 -32.06
CA TYR B 287 -33.87 -11.90 -33.10
C TYR B 287 -32.79 -10.85 -33.33
N ARG B 288 -33.18 -9.61 -33.66
CA ARG B 288 -32.22 -8.55 -33.92
C ARG B 288 -31.80 -7.74 -32.69
N VAL B 289 -30.52 -7.85 -32.35
CA VAL B 289 -29.94 -7.14 -31.21
C VAL B 289 -28.44 -6.95 -31.47
N ASP B 290 -28.08 -5.77 -31.96
CA ASP B 290 -26.68 -5.50 -32.27
C ASP B 290 -25.82 -5.43 -31.03
N ALA B 291 -26.36 -4.85 -29.96
CA ALA B 291 -25.59 -4.76 -28.73
C ALA B 291 -26.42 -4.34 -27.51
N VAL B 292 -25.95 -4.77 -26.35
CA VAL B 292 -26.57 -4.43 -25.09
C VAL B 292 -25.46 -3.71 -24.31
N VAL B 293 -25.80 -2.65 -23.60
CA VAL B 293 -24.80 -1.92 -22.81
C VAL B 293 -25.19 -1.98 -21.34
N SER B 294 -24.23 -2.32 -20.48
CA SER B 294 -24.46 -2.38 -19.04
C SER B 294 -23.36 -1.66 -18.31
N SER B 295 -23.71 -1.09 -17.15
CA SER B 295 -22.76 -0.37 -16.29
C SER B 295 -21.96 -1.37 -15.47
N SER B 296 -20.64 -1.24 -15.49
CA SER B 296 -19.79 -2.15 -14.74
C SER B 296 -20.01 -1.97 -13.24
N ASP B 297 -20.35 -0.75 -12.83
CA ASP B 297 -20.55 -0.47 -11.43
C ASP B 297 -21.82 -1.05 -10.84
N LYS B 298 -22.93 -0.98 -11.59
CA LYS B 298 -24.21 -1.50 -11.10
C LYS B 298 -24.34 -3.01 -11.09
N ASN B 299 -23.53 -3.71 -11.88
CA ASN B 299 -23.64 -5.16 -11.92
C ASN B 299 -22.44 -5.88 -11.34
N LEU B 300 -21.27 -5.28 -11.43
CA LEU B 300 -20.05 -5.91 -10.91
C LEU B 300 -19.49 -5.21 -9.68
N LEU B 301 -20.23 -4.24 -9.17
CA LEU B 301 -19.82 -3.49 -7.99
C LEU B 301 -18.40 -3.02 -8.21
N THR B 302 -18.26 -2.17 -9.22
CA THR B 302 -16.99 -1.59 -9.60
C THR B 302 -17.14 -0.09 -9.34
N PRO B 303 -16.03 0.64 -9.17
CA PRO B 303 -16.26 2.07 -8.95
C PRO B 303 -16.76 2.63 -10.28
N ILE B 304 -17.62 3.64 -10.23
CA ILE B 304 -18.15 4.24 -11.45
C ILE B 304 -17.10 4.59 -12.49
N GLY B 305 -17.41 4.32 -13.76
CA GLY B 305 -16.49 4.63 -14.83
C GLY B 305 -16.37 3.65 -15.98
N GLY B 306 -16.90 2.44 -15.83
CA GLY B 306 -16.74 1.48 -16.91
C GLY B 306 -18.04 0.91 -17.45
N GLY B 307 -17.92 0.12 -18.52
CA GLY B 307 -19.11 -0.47 -19.11
C GLY B 307 -18.90 -1.88 -19.60
N LEU B 308 -19.98 -2.47 -20.10
CA LEU B 308 -19.97 -3.83 -20.61
C LEU B 308 -20.89 -3.84 -21.83
N VAL B 309 -20.33 -4.12 -23.00
CA VAL B 309 -21.11 -4.18 -24.23
C VAL B 309 -21.07 -5.61 -24.71
N TYR B 310 -22.20 -6.11 -25.20
CA TYR B 310 -22.25 -7.49 -25.63
C TYR B 310 -23.42 -7.79 -26.56
N SER B 311 -23.26 -8.86 -27.32
CA SER B 311 -24.29 -9.32 -28.26
C SER B 311 -23.83 -10.63 -28.87
N THR B 312 -24.64 -11.17 -29.77
CA THR B 312 -24.30 -12.43 -30.40
C THR B 312 -23.53 -12.16 -31.69
N ASP B 313 -23.39 -10.89 -32.04
CA ASP B 313 -22.68 -10.51 -33.26
C ASP B 313 -21.22 -10.09 -33.01
N ALA B 314 -20.27 -11.00 -33.16
CA ALA B 314 -18.88 -10.67 -32.94
C ALA B 314 -18.48 -9.53 -33.88
N GLU B 315 -19.16 -9.43 -35.01
CA GLU B 315 -18.86 -8.38 -35.99
C GLU B 315 -19.16 -7.00 -35.44
N PHE B 316 -20.32 -6.86 -34.81
CA PHE B 316 -20.69 -5.55 -34.27
C PHE B 316 -19.84 -5.14 -33.06
N ILE B 317 -19.35 -6.11 -32.29
CA ILE B 317 -18.51 -5.79 -31.14
C ILE B 317 -17.14 -5.29 -31.62
N LYS B 318 -16.70 -5.77 -32.78
CA LYS B 318 -15.42 -5.36 -33.32
C LYS B 318 -15.48 -3.90 -33.75
N GLU B 319 -16.57 -3.51 -34.40
CA GLU B 319 -16.75 -2.15 -34.85
C GLU B 319 -16.89 -1.18 -33.68
N ILE B 320 -17.48 -1.65 -32.59
CA ILE B 320 -17.68 -0.81 -31.42
C ILE B 320 -16.34 -0.41 -30.81
N SER B 321 -15.39 -1.33 -30.79
CA SER B 321 -14.09 -1.02 -30.22
C SER B 321 -13.28 -0.10 -31.13
N LEU B 322 -13.79 0.15 -32.33
CA LEU B 322 -13.11 1.03 -33.29
C LEU B 322 -13.84 2.37 -33.35
N SER B 323 -14.60 2.68 -32.31
CA SER B 323 -15.35 3.91 -32.29
C SER B 323 -14.88 4.89 -31.22
N TYR B 324 -13.89 4.51 -30.42
CA TYR B 324 -13.38 5.38 -29.37
C TYR B 324 -12.19 6.15 -29.92
N PRO B 325 -12.36 7.45 -30.18
CA PRO B 325 -11.22 8.23 -30.71
C PRO B 325 -10.03 8.28 -29.76
N GLY B 326 -8.90 7.76 -30.22
CA GLY B 326 -7.69 7.78 -29.40
C GLY B 326 -7.52 6.61 -28.44
N ARG B 327 -6.49 6.68 -27.61
CA ARG B 327 -6.20 5.62 -26.63
C ARG B 327 -6.87 5.86 -25.28
N ALA B 328 -7.35 4.78 -24.67
CA ALA B 328 -8.03 4.89 -23.39
C ALA B 328 -7.23 4.47 -22.16
N SER B 329 -7.73 4.91 -21.01
CA SER B 329 -7.15 4.59 -19.72
C SER B 329 -7.39 3.11 -19.48
N ALA B 330 -6.53 2.45 -18.71
CA ALA B 330 -6.70 1.02 -18.44
C ALA B 330 -7.60 0.79 -17.24
N THR B 331 -7.44 1.65 -16.23
CA THR B 331 -8.17 1.56 -14.98
C THR B 331 -9.60 1.03 -14.94
N PRO B 332 -10.53 1.63 -15.70
CA PRO B 332 -11.87 1.04 -15.59
C PRO B 332 -11.96 -0.41 -16.05
N VAL B 333 -11.11 -0.78 -17.00
CA VAL B 333 -11.10 -2.15 -17.50
C VAL B 333 -10.48 -3.09 -16.45
N VAL B 334 -9.51 -2.58 -15.70
CA VAL B 334 -8.89 -3.37 -14.64
C VAL B 334 -9.88 -3.52 -13.49
N ASN B 335 -10.64 -2.46 -13.21
CA ASN B 335 -11.62 -2.50 -12.13
C ASN B 335 -12.63 -3.60 -12.41
N THR B 336 -12.93 -3.81 -13.68
CA THR B 336 -13.89 -4.84 -14.06
C THR B 336 -13.29 -6.22 -13.92
N LEU B 337 -12.00 -6.34 -14.19
CA LEU B 337 -11.31 -7.62 -14.08
C LEU B 337 -11.20 -7.98 -12.60
N VAL B 338 -10.86 -7.00 -11.78
CA VAL B 338 -10.74 -7.22 -10.34
C VAL B 338 -12.07 -7.76 -9.78
N SER B 339 -13.18 -7.19 -10.23
CA SER B 339 -14.49 -7.63 -9.78
C SER B 339 -14.72 -9.10 -10.13
N LEU B 340 -14.46 -9.47 -11.38
CA LEU B 340 -14.66 -10.84 -11.83
C LEU B 340 -13.80 -11.84 -11.05
N LEU B 341 -12.55 -11.49 -10.77
CA LEU B 341 -11.65 -12.37 -10.02
C LEU B 341 -11.89 -12.37 -8.52
N SER B 342 -12.25 -11.21 -8.00
CA SER B 342 -12.49 -11.00 -6.59
C SER B 342 -13.76 -11.72 -6.13
N MSE B 343 -14.80 -11.64 -6.95
CA MSE B 343 -16.07 -12.27 -6.59
C MSE B 343 -16.05 -13.78 -6.84
O MSE B 343 -16.15 -14.58 -5.92
CB MSE B 343 -17.22 -11.63 -7.37
CG MSE B 343 -17.22 -10.12 -7.32
SE MSE B 343 -18.68 -9.29 -8.32
CE MSE B 343 -19.70 -8.64 -6.80
N GLY B 344 -15.89 -14.17 -8.10
CA GLY B 344 -15.91 -15.58 -8.43
C GLY B 344 -17.35 -15.89 -8.80
N SER B 345 -17.58 -16.97 -9.53
CA SER B 345 -18.96 -17.34 -9.92
C SER B 345 -19.81 -17.69 -8.72
N LYS B 346 -19.21 -18.39 -7.77
CA LYS B 346 -19.94 -18.81 -6.57
C LYS B 346 -20.47 -17.58 -5.83
N ASN B 347 -19.57 -16.78 -5.25
CA ASN B 347 -19.99 -15.58 -4.53
C ASN B 347 -21.04 -14.76 -5.30
N TYR B 348 -20.92 -14.69 -6.61
CA TYR B 348 -21.88 -13.92 -7.38
C TYR B 348 -23.29 -14.47 -7.26
N LEU B 349 -23.43 -15.77 -7.42
CA LEU B 349 -24.75 -16.38 -7.34
C LEU B 349 -25.42 -16.12 -5.99
N GLU B 350 -24.62 -16.09 -4.92
CA GLU B 350 -25.18 -15.80 -3.62
C GLU B 350 -25.74 -14.37 -3.64
N LEU B 351 -25.01 -13.44 -4.24
CA LEU B 351 -25.48 -12.05 -4.32
C LEU B 351 -26.84 -11.98 -5.00
N VAL B 352 -26.96 -12.67 -6.13
CA VAL B 352 -28.20 -12.72 -6.90
C VAL B 352 -29.27 -13.40 -6.06
N LYS B 353 -28.87 -14.44 -5.32
CA LYS B 353 -29.78 -15.18 -4.47
C LYS B 353 -30.20 -14.31 -3.26
N ASN B 354 -29.25 -13.64 -2.62
CA ASN B 354 -29.56 -12.77 -1.49
C ASN B 354 -30.50 -11.62 -1.91
N GLN B 355 -30.34 -11.12 -3.13
CA GLN B 355 -31.16 -10.03 -3.65
C GLN B 355 -32.63 -10.45 -3.78
N LYS B 356 -32.87 -11.73 -4.11
CA LYS B 356 -34.22 -12.27 -4.22
C LYS B 356 -34.87 -12.22 -2.85
N ASN B 357 -34.10 -12.54 -1.81
CA ASN B 357 -34.61 -12.51 -0.44
C ASN B 357 -34.84 -11.07 0.04
N SER B 358 -33.95 -10.16 -0.36
CA SER B 358 -34.07 -8.76 0.04
C SER B 358 -35.31 -8.12 -0.59
N LYS B 359 -35.62 -8.51 -1.82
CA LYS B 359 -36.76 -7.97 -2.52
C LYS B 359 -38.04 -8.55 -1.93
N LYS B 360 -38.00 -9.83 -1.56
CA LYS B 360 -39.17 -10.46 -0.95
C LYS B 360 -39.46 -9.74 0.35
N LEU B 361 -38.41 -9.49 1.14
CA LEU B 361 -38.56 -8.80 2.40
C LEU B 361 -39.12 -7.40 2.16
N LEU B 362 -38.46 -6.63 1.30
CA LEU B 362 -38.90 -5.28 1.00
C LEU B 362 -40.39 -5.23 0.71
N ASP B 363 -40.83 -6.03 -0.26
CA ASP B 363 -42.22 -6.05 -0.65
C ASP B 363 -43.19 -6.38 0.49
N GLU B 364 -42.88 -7.40 1.29
CA GLU B 364 -43.79 -7.73 2.36
C GLU B 364 -43.77 -6.68 3.46
N LEU B 365 -42.67 -5.97 3.62
CA LEU B 365 -42.61 -4.91 4.63
C LEU B 365 -43.37 -3.68 4.09
N LEU B 366 -43.12 -3.33 2.82
CA LEU B 366 -43.83 -2.20 2.24
C LEU B 366 -45.32 -2.47 2.16
N ASN B 367 -45.67 -3.71 1.85
CA ASN B 367 -47.08 -4.05 1.74
C ASN B 367 -47.77 -3.86 3.08
N ASP B 368 -47.16 -4.39 4.13
CA ASP B 368 -47.72 -4.27 5.47
C ASP B 368 -47.80 -2.79 5.81
N LEU B 369 -46.80 -2.02 5.38
CA LEU B 369 -46.80 -0.58 5.66
C LEU B 369 -47.98 0.12 4.97
N SER B 370 -48.37 -0.35 3.79
CA SER B 370 -49.47 0.27 3.07
C SER B 370 -50.83 -0.03 3.72
N LYS B 371 -50.97 -1.21 4.35
CA LYS B 371 -52.23 -1.56 5.00
C LYS B 371 -52.55 -0.54 6.08
N LYS B 372 -51.52 -0.12 6.81
CA LYS B 372 -51.66 0.83 7.91
C LYS B 372 -51.27 2.28 7.62
N THR B 373 -51.07 2.61 6.34
CA THR B 373 -50.68 3.97 5.96
C THR B 373 -51.78 4.75 5.25
N GLY B 374 -52.42 4.11 4.29
CA GLY B 374 -53.45 4.75 3.51
C GLY B 374 -53.56 3.87 2.29
N GLY B 375 -52.81 2.78 2.37
CA GLY B 375 -52.78 1.78 1.33
C GLY B 375 -52.05 2.07 0.05
N LYS B 376 -52.04 1.05 -0.79
CA LYS B 376 -51.45 1.03 -2.12
C LYS B 376 -49.98 0.73 -2.31
N PHE B 377 -49.71 -0.56 -2.49
CA PHE B 377 -48.39 -1.09 -2.78
C PHE B 377 -48.51 -1.17 -4.30
N LEU B 378 -48.04 -0.15 -5.01
CA LEU B 378 -48.17 -0.10 -6.47
C LEU B 378 -47.81 -1.36 -7.23
N ASP B 379 -48.54 -1.60 -8.31
CA ASP B 379 -48.31 -2.76 -9.14
C ASP B 379 -47.32 -2.44 -10.27
N VAL B 380 -46.04 -2.70 -10.02
CA VAL B 380 -44.98 -2.43 -11.00
C VAL B 380 -44.13 -3.64 -11.33
N GLU B 381 -43.66 -3.67 -12.57
CA GLU B 381 -42.84 -4.75 -13.11
C GLU B 381 -41.42 -4.91 -12.55
N SER B 382 -40.83 -3.83 -12.03
CA SER B 382 -39.47 -3.90 -11.51
C SER B 382 -39.15 -5.07 -10.57
N PRO B 383 -38.07 -5.81 -10.89
CA PRO B 383 -37.65 -6.94 -10.07
C PRO B 383 -36.76 -6.48 -8.92
N ILE B 384 -36.27 -5.24 -9.01
CA ILE B 384 -35.39 -4.73 -7.96
C ILE B 384 -36.01 -3.62 -7.13
N ALA B 385 -37.01 -2.92 -7.67
CA ALA B 385 -37.63 -1.83 -6.94
C ALA B 385 -39.15 -1.92 -6.80
N SER B 386 -39.66 -1.46 -5.66
CA SER B 386 -41.08 -1.46 -5.40
C SER B 386 -41.55 -0.10 -4.87
N CYS B 387 -42.80 0.26 -5.16
CA CYS B 387 -43.34 1.55 -4.75
C CYS B 387 -44.55 1.55 -3.82
N ILE B 388 -44.64 2.60 -3.01
CA ILE B 388 -45.74 2.79 -2.08
C ILE B 388 -46.28 4.20 -2.33
N SER B 389 -47.57 4.33 -2.58
CA SER B 389 -48.16 5.65 -2.79
C SER B 389 -48.34 6.30 -1.43
N VAL B 390 -48.18 7.63 -1.38
CA VAL B 390 -48.33 8.35 -0.13
C VAL B 390 -49.43 9.41 -0.21
N ASN B 391 -49.96 9.78 0.96
CA ASN B 391 -51.05 10.74 1.04
C ASN B 391 -50.61 12.19 1.23
N SER B 392 -49.33 12.48 1.00
CA SER B 392 -48.81 13.84 1.14
C SER B 392 -47.60 14.06 0.23
N ASP B 393 -47.10 15.28 0.16
CA ASP B 393 -45.96 15.62 -0.69
C ASP B 393 -44.80 14.63 -0.60
N PRO B 394 -44.48 13.97 -1.72
CA PRO B 394 -43.40 12.98 -1.83
C PRO B 394 -41.99 13.54 -1.64
N VAL B 395 -41.73 14.70 -2.27
CA VAL B 395 -40.43 15.36 -2.19
C VAL B 395 -40.07 15.59 -0.73
N GLU B 396 -41.05 16.04 0.03
CA GLU B 396 -40.90 16.32 1.44
C GLU B 396 -40.55 15.03 2.19
N ILE B 397 -41.31 13.96 1.95
CA ILE B 397 -41.06 12.68 2.60
C ILE B 397 -39.67 12.15 2.27
N ALA B 398 -39.31 12.16 0.98
CA ALA B 398 -38.01 11.70 0.54
C ALA B 398 -36.91 12.55 1.19
N ALA B 399 -37.24 13.79 1.54
CA ALA B 399 -36.29 14.70 2.18
C ALA B 399 -36.17 14.37 3.66
N LYS B 400 -37.27 13.96 4.29
CA LYS B 400 -37.24 13.60 5.70
C LYS B 400 -36.41 12.34 5.79
N LEU B 401 -36.53 11.48 4.78
CA LEU B 401 -35.76 10.25 4.74
C LEU B 401 -34.30 10.57 4.59
N TYR B 402 -33.99 11.36 3.56
CA TYR B 402 -32.62 11.77 3.28
C TYR B 402 -31.95 12.33 4.53
N ASN B 403 -32.71 13.14 5.26
CA ASN B 403 -32.25 13.75 6.50
C ASN B 403 -31.99 12.71 7.59
N LEU B 404 -32.65 11.58 7.48
CA LEU B 404 -32.50 10.50 8.46
C LEU B 404 -31.47 9.46 8.06
N ARG B 405 -30.47 9.87 7.30
CA ARG B 405 -29.40 8.97 6.87
C ARG B 405 -29.75 7.99 5.75
N VAL B 406 -31.01 7.99 5.31
CA VAL B 406 -31.43 7.09 4.23
C VAL B 406 -31.10 7.71 2.88
N THR B 407 -30.40 6.97 2.03
CA THR B 407 -30.04 7.49 0.71
C THR B 407 -30.49 6.56 -0.41
N GLY B 408 -30.93 7.16 -1.51
CA GLY B 408 -31.38 6.36 -2.64
C GLY B 408 -32.86 6.42 -2.97
N PRO B 409 -33.76 6.48 -1.96
CA PRO B 409 -35.19 6.54 -2.26
C PRO B 409 -35.58 7.86 -2.92
N ARG B 410 -36.51 7.76 -3.87
CA ARG B 410 -36.99 8.93 -4.58
C ARG B 410 -38.44 9.22 -4.21
N GLY B 411 -38.77 10.50 -4.11
CA GLY B 411 -40.13 10.93 -3.80
C GLY B 411 -40.64 11.56 -5.08
N ILE B 412 -41.77 11.10 -5.60
CA ILE B 412 -42.22 11.66 -6.86
C ILE B 412 -43.68 12.03 -6.97
N LYS B 413 -43.92 13.31 -7.28
CA LYS B 413 -45.29 13.84 -7.43
C LYS B 413 -45.92 13.18 -8.65
N LYS B 414 -47.24 13.13 -8.69
CA LYS B 414 -47.91 12.55 -9.84
C LYS B 414 -47.73 13.48 -11.05
N THR B 415 -47.15 14.64 -10.79
CA THR B 415 -46.92 15.65 -11.82
C THR B 415 -45.54 15.59 -12.44
N ASP B 416 -44.53 15.18 -11.67
CA ASP B 416 -43.17 15.09 -12.16
C ASP B 416 -43.13 14.22 -13.43
N HIS B 417 -42.98 14.87 -14.57
CA HIS B 417 -42.96 14.21 -15.87
C HIS B 417 -41.69 13.41 -16.13
N PHE B 418 -40.56 13.99 -15.75
CA PHE B 418 -39.30 13.31 -15.97
C PHE B 418 -39.17 12.12 -15.01
N GLY B 419 -39.70 12.28 -13.80
CA GLY B 419 -39.63 11.21 -12.81
C GLY B 419 -40.56 10.04 -13.05
N ASN B 420 -41.67 10.28 -13.73
CA ASN B 420 -42.61 9.21 -14.01
C ASN B 420 -42.40 8.75 -15.43
N CYS B 421 -41.44 9.35 -16.11
CA CYS B 421 -41.16 8.98 -17.48
C CYS B 421 -42.51 8.94 -18.21
N TYR B 422 -43.36 9.90 -17.87
CA TYR B 422 -44.70 10.00 -18.45
C TYR B 422 -45.12 11.47 -18.58
N LEU B 423 -45.32 11.90 -19.81
CA LEU B 423 -45.70 13.28 -20.10
C LEU B 423 -47.12 13.63 -19.66
N GLY B 424 -47.90 12.63 -19.29
CA GLY B 424 -49.25 12.88 -18.83
C GLY B 424 -49.17 13.03 -17.32
N THR B 425 -50.29 12.87 -16.63
CA THR B 425 -50.30 12.99 -15.17
C THR B 425 -50.39 11.60 -14.55
N TYR B 426 -49.37 11.20 -13.80
CA TYR B 426 -49.35 9.90 -13.16
C TYR B 426 -50.40 9.80 -12.07
N THR B 427 -50.96 8.62 -11.89
CA THR B 427 -52.01 8.39 -10.89
C THR B 427 -51.64 8.42 -9.40
N HIS B 428 -50.35 8.49 -9.07
CA HIS B 428 -49.95 8.50 -7.66
C HIS B 428 -48.78 9.40 -7.32
N ASP B 429 -48.70 9.72 -6.03
CA ASP B 429 -47.58 10.48 -5.48
C ASP B 429 -46.99 9.27 -4.76
N TYR B 430 -45.69 9.03 -4.91
CA TYR B 430 -45.15 7.84 -4.28
C TYR B 430 -43.68 7.88 -3.94
N ILE B 431 -43.29 6.88 -3.14
CA ILE B 431 -41.92 6.68 -2.73
C ILE B 431 -41.52 5.31 -3.27
N VAL B 432 -40.33 5.23 -3.84
CA VAL B 432 -39.82 3.98 -4.37
C VAL B 432 -38.45 3.73 -3.75
N MSE B 433 -38.20 2.47 -3.40
CA MSE B 433 -36.93 2.10 -2.80
C MSE B 433 -36.35 0.95 -3.58
O MSE B 433 -37.09 0.21 -4.21
CB MSE B 433 -37.16 1.71 -1.35
CG MSE B 433 -38.11 2.65 -0.67
SE MSE B 433 -38.06 2.62 1.23
CE MSE B 433 -36.96 4.18 1.53
N ASN B 434 -35.03 0.79 -3.55
CA ASN B 434 -34.37 -0.27 -4.31
C ASN B 434 -33.82 -1.40 -3.48
N ALA B 435 -33.71 -2.54 -4.12
CA ALA B 435 -33.16 -3.73 -3.50
C ALA B 435 -32.15 -4.23 -4.54
N ALA B 436 -31.19 -3.37 -4.86
CA ALA B 436 -30.15 -3.70 -5.83
C ALA B 436 -29.23 -4.80 -5.33
N ILE B 437 -28.45 -5.35 -6.25
CA ILE B 437 -27.53 -6.45 -5.99
C ILE B 437 -26.88 -6.56 -4.60
N GLY B 438 -26.25 -5.50 -4.10
CA GLY B 438 -25.59 -5.63 -2.82
C GLY B 438 -26.29 -5.16 -1.54
N VAL B 439 -27.60 -4.91 -1.63
CA VAL B 439 -28.38 -4.43 -0.50
C VAL B 439 -28.39 -5.35 0.74
N ARG B 440 -28.31 -4.75 1.91
CA ARG B 440 -28.32 -5.50 3.15
C ARG B 440 -29.71 -5.59 3.79
N THR B 441 -29.99 -6.74 4.40
CA THR B 441 -31.27 -7.01 5.07
C THR B 441 -31.58 -5.88 6.05
N GLU B 442 -30.54 -5.40 6.73
CA GLU B 442 -30.69 -4.33 7.72
C GLU B 442 -31.12 -3.00 7.11
N ASP B 443 -30.57 -2.63 5.95
CA ASP B 443 -30.91 -1.37 5.30
C ASP B 443 -32.38 -1.30 4.91
N ILE B 444 -32.89 -2.42 4.41
CA ILE B 444 -34.28 -2.50 3.98
C ILE B 444 -35.20 -2.43 5.20
N VAL B 445 -34.93 -3.24 6.21
CA VAL B 445 -35.76 -3.23 7.42
C VAL B 445 -35.71 -1.80 7.98
N ASN B 446 -34.49 -1.29 8.11
CA ASN B 446 -34.26 0.03 8.65
C ASN B 446 -34.95 1.13 7.87
N SER B 447 -34.63 1.23 6.58
CA SER B 447 -35.21 2.25 5.74
C SER B 447 -36.74 2.23 5.77
N VAL B 448 -37.34 1.06 5.89
CA VAL B 448 -38.80 0.98 5.94
C VAL B 448 -39.35 1.46 7.27
N SER B 449 -38.65 1.16 8.36
CA SER B 449 -39.10 1.60 9.69
C SER B 449 -39.11 3.12 9.77
N LYS B 450 -38.07 3.74 9.22
CA LYS B 450 -37.98 5.19 9.24
C LYS B 450 -39.02 5.80 8.30
N LEU B 451 -39.40 5.08 7.25
CA LEU B 451 -40.40 5.59 6.34
C LEU B 451 -41.69 5.61 7.16
N GLU B 452 -41.82 4.62 8.04
CA GLU B 452 -43.00 4.50 8.90
C GLU B 452 -43.10 5.62 9.93
N LYS B 453 -41.97 6.05 10.47
CA LYS B 453 -41.99 7.13 11.45
C LYS B 453 -42.58 8.36 10.79
N ILE B 454 -42.35 8.49 9.50
CA ILE B 454 -42.85 9.63 8.72
C ILE B 454 -44.29 9.42 8.25
N MSE C 21 12.89 -17.14 -14.87
CA MSE C 21 12.46 -17.16 -13.43
C MSE C 21 10.95 -17.23 -13.25
O MSE C 21 10.46 -17.82 -12.29
CB MSE C 21 13.01 -15.92 -12.70
CG MSE C 21 12.73 -15.93 -11.20
SE MSE C 21 13.57 -14.49 -10.14
CE MSE C 21 12.17 -13.17 -10.29
N LEU C 22 10.19 -16.63 -14.17
CA LEU C 22 8.73 -16.66 -14.08
C LEU C 22 8.16 -17.11 -15.43
N ASP C 23 7.19 -18.02 -15.40
CA ASP C 23 6.58 -18.52 -16.62
C ASP C 23 5.09 -18.86 -16.46
N PHE C 24 4.27 -18.44 -17.42
CA PHE C 24 2.83 -18.70 -17.39
C PHE C 24 2.21 -18.65 -18.78
N ASN C 25 1.14 -19.42 -18.99
CA ASN C 25 0.47 -19.48 -20.29
C ASN C 25 0.01 -18.12 -20.79
N ILE C 26 0.68 -17.65 -21.83
CA ILE C 26 0.43 -16.35 -22.44
C ILE C 26 -0.08 -16.45 -23.87
N GLU C 27 0.10 -17.62 -24.47
CA GLU C 27 -0.26 -17.86 -25.87
C GLU C 27 -1.72 -17.67 -26.29
N GLY C 28 -1.89 -17.37 -27.58
CA GLY C 28 -3.22 -17.18 -28.13
C GLY C 28 -3.91 -15.94 -27.60
N LEU C 29 -3.14 -14.87 -27.42
CA LEU C 29 -3.69 -13.64 -26.90
C LEU C 29 -3.13 -12.43 -27.62
N ILE C 30 -1.84 -12.48 -27.94
CA ILE C 30 -1.17 -11.37 -28.58
C ILE C 30 -0.24 -11.86 -29.70
N PRO C 31 0.10 -10.99 -30.67
CA PRO C 31 0.99 -11.48 -31.72
C PRO C 31 2.33 -11.98 -31.15
N LYS C 32 2.99 -12.87 -31.89
CA LYS C 32 4.23 -13.46 -31.46
C LYS C 32 5.39 -12.49 -31.19
N ASN C 33 5.53 -11.43 -31.99
CA ASN C 33 6.64 -10.52 -31.76
C ASN C 33 6.47 -9.73 -30.45
N MSE C 34 5.22 -9.54 -30.04
CA MSE C 34 4.89 -8.82 -28.80
C MSE C 34 5.00 -9.78 -27.61
O MSE C 34 5.40 -9.38 -26.51
CB MSE C 34 3.47 -8.26 -28.88
CG MSE C 34 3.32 -6.98 -29.68
SE MSE C 34 1.48 -6.36 -29.73
CE MSE C 34 1.15 -6.20 -27.82
N GLU C 35 4.62 -11.02 -27.85
CA GLU C 35 4.69 -12.06 -26.86
C GLU C 35 6.15 -12.22 -26.48
N LYS C 36 7.01 -12.18 -27.48
CA LYS C 36 8.43 -12.34 -27.28
C LYS C 36 9.06 -11.09 -26.64
N ARG C 37 8.68 -9.91 -27.13
CA ARG C 37 9.21 -8.65 -26.59
C ARG C 37 8.78 -8.56 -25.14
N GLY C 38 7.54 -8.94 -24.88
CA GLY C 38 7.00 -8.92 -23.53
C GLY C 38 7.79 -9.80 -22.56
N GLU C 39 8.16 -11.00 -22.99
CA GLU C 39 8.91 -11.88 -22.12
C GLU C 39 10.28 -11.29 -21.85
N LEU C 40 10.88 -10.72 -22.88
CA LEU C 40 12.19 -10.11 -22.77
C LEU C 40 12.20 -9.06 -21.67
N VAL C 41 11.13 -8.28 -21.60
CA VAL C 41 10.99 -7.22 -20.62
C VAL C 41 10.88 -7.76 -19.20
N LEU C 42 10.01 -8.74 -18.99
CA LEU C 42 9.80 -9.32 -17.67
C LEU C 42 11.08 -9.88 -17.11
N ASN C 43 11.98 -10.32 -17.99
CA ASN C 43 13.23 -10.88 -17.53
C ASN C 43 14.20 -9.81 -17.10
N GLU C 44 14.30 -8.73 -17.88
CA GLU C 44 15.21 -7.66 -17.51
C GLU C 44 14.77 -7.05 -16.18
N TYR C 45 13.46 -6.94 -15.98
CA TYR C 45 12.93 -6.34 -14.78
C TYR C 45 13.31 -7.13 -13.54
N LEU C 46 13.23 -8.45 -13.65
CA LEU C 46 13.53 -9.36 -12.55
C LEU C 46 15.01 -9.62 -12.40
N LYS C 47 15.79 -9.24 -13.39
CA LYS C 47 17.24 -9.46 -13.36
C LYS C 47 17.86 -9.09 -12.01
N GLU C 48 17.49 -7.95 -11.44
CA GLU C 48 18.06 -7.57 -10.14
C GLU C 48 17.64 -8.52 -9.03
N ILE C 49 16.41 -9.01 -9.09
CA ILE C 49 15.91 -9.92 -8.08
C ILE C 49 16.64 -11.26 -8.12
N GLU C 50 16.70 -11.88 -9.29
CA GLU C 50 17.35 -13.18 -9.40
C GLU C 50 18.85 -13.09 -9.11
N ASP C 51 19.44 -11.93 -9.37
CA ASP C 51 20.86 -11.77 -9.10
C ASP C 51 21.12 -11.88 -7.60
N VAL C 52 20.12 -11.54 -6.79
CA VAL C 52 20.23 -11.60 -5.33
C VAL C 52 20.25 -13.07 -4.88
N PHE C 53 19.37 -13.88 -5.46
CA PHE C 53 19.31 -15.29 -5.14
C PHE C 53 20.55 -16.06 -5.63
N ASN C 54 21.00 -15.72 -6.83
CA ASN C 54 22.17 -16.38 -7.43
C ASN C 54 23.50 -16.00 -6.80
N HIS C 55 23.75 -14.70 -6.62
CA HIS C 55 25.02 -14.26 -6.06
C HIS C 55 25.02 -14.05 -4.56
N ARG C 56 23.89 -13.59 -4.01
CA ARG C 56 23.76 -13.36 -2.57
C ARG C 56 24.79 -12.38 -2.03
N LYS C 57 25.00 -11.30 -2.78
CA LYS C 57 25.95 -10.26 -2.39
C LYS C 57 25.21 -8.93 -2.38
N ILE C 58 25.80 -7.94 -1.74
CA ILE C 58 25.17 -6.64 -1.72
C ILE C 58 25.35 -6.17 -3.16
N PRO C 59 24.26 -5.73 -3.79
CA PRO C 59 24.40 -5.28 -5.18
C PRO C 59 25.11 -3.94 -5.24
N GLU C 60 25.76 -3.63 -6.35
CA GLU C 60 26.45 -2.37 -6.50
C GLU C 60 25.47 -1.22 -6.61
N ASN C 61 24.32 -1.48 -7.23
CA ASN C 61 23.30 -0.47 -7.39
C ASN C 61 22.06 -0.78 -6.56
N GLY C 62 21.59 0.21 -5.83
CA GLY C 62 20.41 0.00 -5.01
C GLY C 62 19.22 -0.39 -5.87
N ILE C 63 18.43 -1.31 -5.35
CA ILE C 63 17.24 -1.80 -6.03
C ILE C 63 16.03 -0.97 -5.56
N ASP C 64 15.12 -0.66 -6.47
CA ASP C 64 13.95 0.14 -6.12
C ASP C 64 12.94 -0.61 -5.25
N ASP C 65 12.21 0.14 -4.43
CA ASP C 65 11.24 -0.43 -3.49
C ASP C 65 10.27 -1.47 -4.02
N GLU C 66 9.64 -1.20 -5.16
CA GLU C 66 8.69 -2.17 -5.67
C GLU C 66 9.35 -3.52 -5.89
N LYS C 67 10.55 -3.53 -6.46
CA LYS C 67 11.23 -4.81 -6.68
C LYS C 67 11.60 -5.51 -5.39
N ILE C 68 12.00 -4.76 -4.36
CA ILE C 68 12.36 -5.40 -3.10
C ILE C 68 11.12 -6.03 -2.47
N LYS C 69 9.98 -5.36 -2.59
CA LYS C 69 8.74 -5.90 -2.04
C LYS C 69 8.41 -7.22 -2.73
N LEU C 70 8.61 -7.27 -4.05
CA LEU C 70 8.31 -8.48 -4.80
C LEU C 70 9.26 -9.59 -4.33
N PHE C 71 10.52 -9.22 -4.08
CA PHE C 71 11.51 -10.16 -3.62
C PHE C 71 11.05 -10.71 -2.27
N LEU C 72 10.60 -9.84 -1.39
CA LEU C 72 10.15 -10.28 -0.08
C LEU C 72 8.85 -11.09 -0.13
N LYS C 73 7.99 -10.81 -1.11
CA LYS C 73 6.73 -11.55 -1.22
C LYS C 73 7.06 -12.97 -1.69
N PHE C 74 8.01 -13.09 -2.62
CA PHE C 74 8.42 -14.39 -3.13
C PHE C 74 8.84 -15.31 -1.98
N LEU C 75 9.60 -14.75 -1.04
CA LEU C 75 10.07 -15.52 0.10
C LEU C 75 8.90 -15.77 1.04
N SER C 76 8.04 -14.76 1.17
CA SER C 76 6.86 -14.83 2.03
C SER C 76 5.93 -16.03 1.74
N MSE C 77 5.68 -16.28 0.45
CA MSE C 77 4.78 -17.35 0.01
C MSE C 77 5.30 -18.77 0.26
O MSE C 77 4.66 -19.73 -0.17
CB MSE C 77 4.49 -17.20 -1.48
CG MSE C 77 3.94 -15.83 -1.87
SE MSE C 77 3.69 -15.70 -3.80
CE MSE C 77 5.55 -15.78 -4.37
N MSE C 78 6.44 -18.88 0.93
CA MSE C 78 7.00 -20.19 1.20
C MSE C 78 6.76 -20.60 2.64
O MSE C 78 7.13 -21.70 3.06
CB MSE C 78 8.50 -20.17 0.90
CG MSE C 78 8.82 -20.00 -0.59
SE MSE C 78 10.71 -20.04 -0.94
CE MSE C 78 11.03 -21.96 -0.85
N ASP C 79 6.16 -19.70 3.42
CA ASP C 79 5.87 -19.96 4.82
C ASP C 79 4.57 -20.75 4.97
N THR C 80 4.61 -21.80 5.76
CA THR C 80 3.47 -22.68 6.02
C THR C 80 2.08 -22.03 6.08
N ASP C 81 1.91 -21.02 6.93
CA ASP C 81 0.62 -20.35 7.07
C ASP C 81 0.00 -19.75 5.82
N LYS C 82 0.76 -19.64 4.74
CA LYS C 82 0.25 -19.10 3.48
C LYS C 82 -0.24 -20.22 2.55
N ASP C 83 -0.09 -21.46 3.00
CA ASP C 83 -0.51 -22.64 2.25
C ASP C 83 -2.02 -22.73 2.29
N PRO C 84 -2.69 -22.40 1.19
CA PRO C 84 -4.16 -22.46 1.16
C PRO C 84 -4.74 -23.84 1.43
N LYS C 85 -3.87 -24.85 1.38
CA LYS C 85 -4.32 -26.22 1.61
C LYS C 85 -3.63 -26.85 2.82
N SER C 86 -3.34 -26.03 3.84
CA SER C 86 -2.68 -26.53 5.04
C SER C 86 -3.68 -26.77 6.16
N VAL C 87 -3.22 -27.48 7.19
CA VAL C 87 -4.03 -27.80 8.35
C VAL C 87 -3.25 -27.48 9.63
N ARG C 88 -3.66 -26.43 10.33
CA ARG C 88 -3.00 -26.02 11.56
C ARG C 88 -3.79 -26.34 12.82
N ILE C 89 -3.24 -27.21 13.67
CA ILE C 89 -3.86 -27.58 14.93
C ILE C 89 -2.79 -27.50 16.00
N GLY C 90 -1.83 -26.61 15.78
CA GLY C 90 -0.75 -26.43 16.72
C GLY C 90 -1.09 -25.39 17.78
N GLU C 91 -0.23 -25.28 18.78
CA GLU C 91 -0.40 -24.35 19.87
C GLU C 91 -0.09 -22.93 19.42
N ARG C 92 0.79 -22.83 18.42
CA ARG C 92 1.24 -21.57 17.84
C ARG C 92 1.34 -21.78 16.34
N GLU C 93 0.29 -21.41 15.63
CA GLU C 93 0.26 -21.59 14.19
C GLU C 93 0.33 -20.26 13.45
N ALA C 94 0.78 -19.22 14.16
CA ALA C 94 0.93 -17.89 13.59
C ALA C 94 -0.29 -17.34 12.85
N ARG C 95 -1.47 -17.45 13.45
CA ARG C 95 -2.66 -16.91 12.79
C ARG C 95 -2.67 -15.42 13.11
N THR C 96 -2.81 -14.59 12.09
CA THR C 96 -2.86 -13.14 12.28
C THR C 96 -4.29 -12.69 12.01
N TYR C 97 -4.70 -11.62 12.66
CA TYR C 97 -6.06 -11.14 12.48
C TYR C 97 -6.24 -10.12 11.36
N SER C 98 -5.35 -9.14 11.30
CA SER C 98 -5.42 -8.07 10.31
C SER C 98 -4.35 -8.10 9.23
N LYS C 99 -4.68 -7.66 8.01
CA LYS C 99 -3.72 -7.62 6.93
C LYS C 99 -2.55 -6.71 7.33
N ILE C 100 -2.85 -5.67 8.08
CA ILE C 100 -1.83 -4.75 8.55
C ILE C 100 -0.73 -5.58 9.18
N HIS C 101 -1.13 -6.64 9.88
CA HIS C 101 -0.17 -7.53 10.53
C HIS C 101 0.82 -8.07 9.51
N GLU C 102 0.33 -8.50 8.35
CA GLU C 102 1.21 -9.03 7.31
C GLU C 102 2.15 -7.95 6.78
N GLU C 103 1.66 -6.72 6.70
CA GLU C 103 2.49 -5.63 6.22
C GLU C 103 3.67 -5.38 7.15
N LEU C 104 3.37 -5.23 8.43
CA LEU C 104 4.39 -4.95 9.42
C LEU C 104 5.44 -6.05 9.53
N SER C 105 5.01 -7.30 9.40
CA SER C 105 5.91 -8.44 9.47
C SER C 105 6.51 -8.69 8.10
N SER C 106 5.96 -8.02 7.09
CA SER C 106 6.42 -8.15 5.73
C SER C 106 6.09 -9.55 5.22
N GLY C 107 5.10 -10.17 5.84
CA GLY C 107 4.68 -11.50 5.44
C GLY C 107 5.36 -12.63 6.20
N PHE C 108 6.08 -12.30 7.27
CA PHE C 108 6.76 -13.33 8.05
C PHE C 108 6.11 -13.40 9.44
N CYS C 109 4.86 -13.86 9.43
CA CYS C 109 4.06 -13.99 10.63
C CYS C 109 4.65 -14.96 11.65
N HIS C 110 5.39 -15.95 11.17
CA HIS C 110 6.02 -16.91 12.08
C HIS C 110 7.25 -16.27 12.70
N GLY C 111 7.82 -15.29 12.00
CA GLY C 111 8.98 -14.63 12.53
C GLY C 111 10.29 -15.24 12.10
N ILE C 112 11.31 -15.08 12.95
CA ILE C 112 12.65 -15.59 12.67
C ILE C 112 13.17 -16.66 13.63
N GLY C 113 13.80 -17.69 13.04
CA GLY C 113 14.40 -18.78 13.80
C GLY C 113 13.54 -19.69 14.67
N ARG C 114 14.21 -20.61 15.37
CA ARG C 114 13.54 -21.56 16.25
C ARG C 114 13.68 -21.02 17.66
N SER C 115 13.06 -21.69 18.62
CA SER C 115 13.16 -21.24 20.01
C SER C 115 14.58 -21.26 20.52
N GLY C 116 15.03 -20.13 21.04
CA GLY C 116 16.38 -20.03 21.59
C GLY C 116 17.49 -20.26 20.59
N ASN C 117 17.17 -20.26 19.30
CA ASN C 117 18.15 -20.45 18.24
C ASN C 117 17.75 -19.61 17.03
N LEU C 118 18.21 -18.36 17.03
CA LEU C 118 17.92 -17.37 16.00
C LEU C 118 18.18 -17.77 14.55
N VAL C 119 19.41 -18.16 14.25
CA VAL C 119 19.80 -18.52 12.89
C VAL C 119 19.55 -19.97 12.47
N ASP C 120 18.64 -20.66 13.16
CA ASP C 120 18.35 -22.03 12.80
C ASP C 120 17.01 -22.10 12.09
N PRO C 121 17.02 -22.43 10.80
CA PRO C 121 15.76 -22.51 10.03
C PRO C 121 14.54 -23.05 10.77
N GLN C 122 13.44 -22.31 10.68
CA GLN C 122 12.18 -22.67 11.30
C GLN C 122 11.36 -23.56 10.35
N PRO C 123 11.15 -24.83 10.73
CA PRO C 123 10.39 -25.77 9.90
C PRO C 123 9.03 -25.29 9.44
N LYS C 124 8.39 -24.45 10.24
CA LYS C 124 7.06 -23.95 9.86
C LYS C 124 7.13 -22.69 9.00
N ALA C 125 8.33 -22.11 8.90
CA ALA C 125 8.51 -20.91 8.09
C ALA C 125 9.01 -21.37 6.73
N SER C 126 10.33 -21.26 6.53
CA SER C 126 11.00 -21.65 5.28
C SER C 126 11.36 -20.38 4.52
N GLY C 127 10.34 -19.67 4.08
CA GLY C 127 10.57 -18.43 3.38
C GLY C 127 11.26 -17.44 4.30
N ALA C 128 10.87 -17.45 5.57
CA ALA C 128 11.46 -16.55 6.55
C ALA C 128 12.87 -17.00 6.83
N SER C 129 13.10 -18.31 6.76
CA SER C 129 14.43 -18.85 7.03
C SER C 129 15.34 -18.46 5.89
N ILE C 130 14.84 -18.59 4.67
CA ILE C 130 15.63 -18.22 3.51
C ILE C 130 16.03 -16.75 3.63
N MSE C 131 15.03 -15.89 3.80
CA MSE C 131 15.26 -14.44 3.90
C MSE C 131 16.36 -14.11 4.91
O MSE C 131 17.30 -13.37 4.56
CB MSE C 131 13.94 -13.72 4.23
CG MSE C 131 13.69 -13.35 5.70
SE MSE C 131 14.50 -11.66 6.27
CE MSE C 131 13.78 -10.57 4.85
N TYR C 132 16.28 -14.65 6.11
CA TYR C 132 17.30 -14.37 7.12
C TYR C 132 18.69 -14.88 6.71
N ALA C 133 18.75 -16.09 6.17
CA ALA C 133 20.03 -16.63 5.74
C ALA C 133 20.58 -15.71 4.66
N LEU C 134 19.72 -15.22 3.78
CA LEU C 134 20.18 -14.31 2.73
C LEU C 134 20.70 -13.03 3.34
N THR C 135 19.96 -12.48 4.31
CA THR C 135 20.37 -11.23 4.96
C THR C 135 21.78 -11.36 5.50
N ASN C 136 22.04 -12.46 6.19
CA ASN C 136 23.35 -12.66 6.77
C ASN C 136 24.47 -12.80 5.74
N LYS C 137 24.20 -13.47 4.62
CA LYS C 137 25.25 -13.57 3.59
C LYS C 137 25.40 -12.21 2.89
N ILE C 138 24.29 -11.50 2.66
CA ILE C 138 24.37 -10.19 2.04
C ILE C 138 25.01 -9.22 3.03
N LEU C 139 24.89 -9.51 4.32
CA LEU C 139 25.50 -8.66 5.35
C LEU C 139 27.01 -8.86 5.32
N GLU C 140 27.44 -10.11 5.28
CA GLU C 140 28.86 -10.46 5.24
C GLU C 140 29.51 -9.88 3.98
N SER C 141 28.81 -10.00 2.86
CA SER C 141 29.27 -9.48 1.59
C SER C 141 29.53 -8.00 1.75
N PHE C 142 28.56 -7.30 2.34
CA PHE C 142 28.65 -5.87 2.58
C PHE C 142 29.90 -5.58 3.39
N PHE C 143 30.13 -6.36 4.45
CA PHE C 143 31.32 -6.15 5.28
C PHE C 143 32.60 -6.35 4.46
N LYS C 144 32.64 -7.41 3.66
CA LYS C 144 33.80 -7.68 2.81
C LYS C 144 34.13 -6.42 1.99
N GLN C 145 33.11 -5.86 1.33
CA GLN C 145 33.28 -4.66 0.52
C GLN C 145 34.00 -3.59 1.30
N LEU C 146 33.69 -3.48 2.59
CA LEU C 146 34.30 -2.47 3.44
C LEU C 146 35.72 -2.85 3.89
N GLY C 147 36.09 -4.12 3.72
CA GLY C 147 37.42 -4.55 4.09
C GLY C 147 37.54 -5.47 5.29
N LEU C 148 36.42 -6.08 5.70
CA LEU C 148 36.45 -6.97 6.85
C LEU C 148 35.87 -8.34 6.53
N ASN C 149 36.73 -9.36 6.54
CA ASN C 149 36.29 -10.72 6.29
C ASN C 149 35.81 -11.24 7.64
N VAL C 150 34.51 -11.08 7.90
CA VAL C 150 33.95 -11.47 9.18
C VAL C 150 32.69 -12.30 9.01
N HIS C 151 32.25 -12.89 10.12
CA HIS C 151 31.02 -13.67 10.12
C HIS C 151 30.04 -12.73 10.79
N ALA C 152 28.88 -12.52 10.18
CA ALA C 152 27.94 -11.60 10.76
C ALA C 152 26.53 -12.14 10.89
N ILE C 153 25.82 -11.60 11.86
CA ILE C 153 24.44 -12.00 12.11
C ILE C 153 23.66 -10.72 12.39
N ALA C 154 22.54 -10.53 11.71
CA ALA C 154 21.70 -9.36 11.96
C ALA C 154 20.78 -9.78 13.11
N THR C 155 20.76 -9.02 14.20
CA THR C 155 19.92 -9.39 15.34
C THR C 155 18.64 -8.56 15.37
N PRO C 156 17.54 -9.15 15.84
CA PRO C 156 16.24 -8.48 15.93
C PRO C 156 16.03 -7.66 17.19
N ILE C 157 17.13 -7.22 17.80
CA ILE C 157 17.05 -6.41 19.01
C ILE C 157 18.06 -5.28 19.00
N SER C 158 17.89 -4.35 19.94
CA SER C 158 18.78 -3.18 20.07
C SER C 158 20.24 -3.61 20.21
N THR C 159 21.15 -2.64 20.12
CA THR C 159 22.57 -2.97 20.23
C THR C 159 22.89 -3.31 21.68
N GLY C 160 22.20 -2.66 22.61
CA GLY C 160 22.41 -2.93 24.01
C GLY C 160 22.01 -4.36 24.35
N MSE C 161 20.88 -4.79 23.83
CA MSE C 161 20.37 -6.13 24.05
C MSE C 161 21.28 -7.14 23.32
O MSE C 161 21.44 -8.28 23.77
CB MSE C 161 18.94 -6.23 23.53
CG MSE C 161 18.24 -7.54 23.89
SE MSE C 161 17.85 -7.70 25.80
CE MSE C 161 16.10 -6.88 25.78
N SER C 162 21.87 -6.71 22.22
CA SER C 162 22.78 -7.55 21.43
C SER C 162 24.05 -7.79 22.23
N ILE C 163 24.40 -6.83 23.07
CA ILE C 163 25.58 -6.97 23.91
C ILE C 163 25.28 -7.99 25.01
N SER C 164 24.04 -8.02 25.47
CA SER C 164 23.63 -8.98 26.50
C SER C 164 23.77 -10.37 25.91
N LEU C 165 23.40 -10.49 24.64
CA LEU C 165 23.51 -11.74 23.91
C LEU C 165 24.97 -12.19 23.90
N CYS C 166 25.87 -11.31 23.45
CA CYS C 166 27.29 -11.60 23.39
C CYS C 166 27.83 -11.95 24.77
N LEU C 167 27.44 -11.19 25.78
CA LEU C 167 27.90 -11.46 27.13
C LEU C 167 27.48 -12.86 27.52
N SER C 168 26.18 -13.15 27.40
CA SER C 168 25.64 -14.45 27.74
C SER C 168 26.34 -15.58 26.98
N ALA C 169 26.78 -15.29 25.75
CA ALA C 169 27.46 -16.31 24.96
C ALA C 169 28.84 -16.53 25.57
N ALA C 170 29.41 -15.47 26.12
CA ALA C 170 30.72 -15.55 26.75
C ALA C 170 30.62 -16.37 28.04
N ARG C 171 29.45 -16.33 28.66
CA ARG C 171 29.22 -17.04 29.90
C ARG C 171 29.19 -18.56 29.69
N LYS C 172 28.40 -19.01 28.72
CA LYS C 172 28.28 -20.45 28.49
C LYS C 172 29.42 -21.05 27.70
N LYS C 173 30.16 -20.21 26.97
CA LYS C 173 31.27 -20.71 26.18
C LYS C 173 32.58 -20.73 26.97
N TYR C 174 32.89 -19.62 27.66
CA TYR C 174 34.11 -19.56 28.43
C TYR C 174 33.92 -19.43 29.94
N GLY C 175 32.68 -19.54 30.40
CA GLY C 175 32.39 -19.46 31.82
C GLY C 175 32.66 -18.10 32.47
N SER C 176 32.69 -17.04 31.68
CA SER C 176 32.94 -15.71 32.22
C SER C 176 31.86 -15.35 33.24
N ASN C 177 32.23 -14.68 34.32
CA ASN C 177 31.25 -14.30 35.33
C ASN C 177 31.46 -12.90 35.87
N VAL C 178 32.34 -12.13 35.21
CA VAL C 178 32.60 -10.74 35.58
C VAL C 178 32.98 -9.97 34.32
N VAL C 179 32.49 -8.73 34.22
CA VAL C 179 32.77 -7.91 33.07
C VAL C 179 33.67 -6.72 33.38
N ILE C 180 34.83 -6.66 32.72
CA ILE C 180 35.76 -5.55 32.91
C ILE C 180 35.24 -4.50 31.95
N TYR C 181 34.89 -3.33 32.48
CA TYR C 181 34.31 -2.28 31.66
C TYR C 181 34.97 -0.90 31.72
N PRO C 182 35.82 -0.57 30.74
CA PRO C 182 36.48 0.75 30.71
C PRO C 182 35.33 1.75 30.68
N TYR C 183 35.27 2.66 31.65
CA TYR C 183 34.14 3.58 31.73
C TYR C 183 33.66 4.21 30.43
N ALA C 184 32.40 3.91 30.12
CA ALA C 184 31.73 4.40 28.93
C ALA C 184 30.31 4.71 29.37
N SER C 185 30.07 5.96 29.76
CA SER C 185 28.77 6.40 30.25
C SER C 185 27.63 6.40 29.25
N HIS C 186 26.95 5.26 29.13
CA HIS C 186 25.80 5.14 28.24
C HIS C 186 24.87 4.10 28.86
N LYS C 187 23.65 4.53 29.17
CA LYS C 187 22.66 3.68 29.80
C LYS C 187 22.54 2.25 29.27
N SER C 188 22.31 2.13 27.96
CA SER C 188 22.10 0.84 27.29
C SER C 188 23.15 -0.25 27.53
N PRO C 189 24.43 0.03 27.23
CA PRO C 189 25.43 -1.01 27.47
C PRO C 189 25.61 -1.29 28.96
N ILE C 190 25.44 -0.28 29.80
CA ILE C 190 25.58 -0.49 31.23
C ILE C 190 24.48 -1.43 31.72
N LYS C 191 23.24 -1.17 31.30
CA LYS C 191 22.12 -2.00 31.69
C LYS C 191 22.32 -3.40 31.12
N ALA C 192 22.80 -3.45 29.89
CA ALA C 192 23.07 -4.71 29.21
C ALA C 192 23.89 -5.66 30.08
N VAL C 193 24.79 -5.12 30.90
CA VAL C 193 25.61 -5.94 31.79
C VAL C 193 24.76 -6.40 32.97
N SER C 194 24.01 -5.47 33.53
CA SER C 194 23.15 -5.74 34.66
C SER C 194 22.06 -6.77 34.35
N PHE C 195 21.52 -6.69 33.14
CA PHE C 195 20.45 -7.61 32.71
C PHE C 195 20.88 -9.09 32.79
N VAL C 196 22.04 -9.40 32.20
CA VAL C 196 22.55 -10.78 32.18
C VAL C 196 23.11 -11.19 33.53
N GLY C 197 22.94 -10.32 34.51
CA GLY C 197 23.40 -10.57 35.87
C GLY C 197 24.88 -10.82 36.07
N MSE C 198 25.71 -9.98 35.47
CA MSE C 198 27.15 -10.11 35.60
C MSE C 198 27.72 -8.92 36.34
O MSE C 198 27.32 -7.78 36.09
CB MSE C 198 27.81 -10.23 34.24
CG MSE C 198 27.48 -11.51 33.51
SE MSE C 198 28.77 -11.90 32.14
CE MSE C 198 27.74 -13.20 31.14
N ASN C 199 28.64 -9.16 37.28
CA ASN C 199 29.23 -8.06 38.02
C ASN C 199 30.06 -7.26 37.05
N MSE C 200 30.29 -6.00 37.39
CA MSE C 200 31.08 -5.13 36.53
C MSE C 200 32.23 -4.49 37.30
O MSE C 200 32.04 -3.88 38.35
CB MSE C 200 30.19 -4.05 35.93
CG MSE C 200 30.95 -2.98 35.20
SE MSE C 200 29.74 -1.64 34.52
CE MSE C 200 29.42 -0.65 36.15
N ARG C 201 33.44 -4.65 36.77
CA ARG C 201 34.64 -4.07 37.37
C ARG C 201 34.91 -2.82 36.54
N LEU C 202 34.44 -1.68 37.04
CA LEU C 202 34.60 -0.41 36.37
C LEU C 202 36.05 0.07 36.35
N VAL C 203 36.47 0.59 35.19
CA VAL C 203 37.82 1.10 35.01
C VAL C 203 37.68 2.55 34.58
N GLU C 204 37.76 3.45 35.55
CA GLU C 204 37.59 4.89 35.33
C GLU C 204 38.45 5.49 34.24
N THR C 205 38.02 6.64 33.72
CA THR C 205 38.77 7.34 32.68
C THR C 205 39.73 8.32 33.32
N VAL C 206 40.70 8.75 32.53
CA VAL C 206 41.70 9.70 33.01
C VAL C 206 41.65 10.92 32.10
N LEU C 207 41.81 12.11 32.68
CA LEU C 207 41.78 13.34 31.89
C LEU C 207 43.17 13.64 31.36
N ASP C 208 43.23 14.11 30.13
CA ASP C 208 44.48 14.45 29.47
C ASP C 208 44.26 15.73 28.70
N GLY C 209 44.15 16.83 29.44
CA GLY C 209 43.93 18.13 28.82
C GLY C 209 42.53 18.24 28.24
N ASP C 210 42.42 17.99 26.94
CA ASP C 210 41.13 18.08 26.25
C ASP C 210 40.47 16.72 26.03
N ARG C 211 41.25 15.66 26.11
CA ARG C 211 40.76 14.31 25.89
C ARG C 211 40.57 13.51 27.17
N VAL C 212 39.71 12.50 27.09
CA VAL C 212 39.45 11.63 28.23
C VAL C 212 39.56 10.20 27.72
N TYR C 213 40.25 9.36 28.46
CA TYR C 213 40.42 7.98 28.05
C TYR C 213 40.69 7.03 29.21
N VAL C 214 40.75 5.75 28.88
CA VAL C 214 40.99 4.73 29.89
C VAL C 214 42.34 4.08 29.64
N PRO C 215 43.29 4.31 30.55
CA PRO C 215 44.64 3.74 30.46
C PRO C 215 44.57 2.23 30.30
N VAL C 216 45.17 1.72 29.21
CA VAL C 216 45.15 0.29 28.99
C VAL C 216 45.83 -0.42 30.15
N GLU C 217 46.86 0.20 30.70
CA GLU C 217 47.58 -0.39 31.81
C GLU C 217 46.63 -0.68 32.97
N ASP C 218 45.57 0.10 33.09
CA ASP C 218 44.61 -0.12 34.16
C ASP C 218 43.61 -1.24 33.85
N ILE C 219 43.34 -1.46 32.56
CA ILE C 219 42.41 -2.50 32.19
C ILE C 219 43.05 -3.85 32.49
N GLU C 220 44.29 -4.03 32.04
CA GLU C 220 44.96 -5.29 32.30
C GLU C 220 45.00 -5.48 33.80
N ASN C 221 45.26 -4.38 34.51
CA ASN C 221 45.34 -4.41 35.96
C ASN C 221 44.06 -4.96 36.55
N ALA C 222 42.93 -4.42 36.11
CA ALA C 222 41.63 -4.89 36.58
C ALA C 222 41.48 -6.38 36.23
N ILE C 223 42.07 -6.77 35.11
CA ILE C 223 42.00 -8.16 34.67
C ILE C 223 42.73 -9.06 35.66
N LYS C 224 43.96 -8.69 36.00
CA LYS C 224 44.75 -9.47 36.94
C LYS C 224 44.05 -9.56 38.30
N LYS C 225 43.44 -8.46 38.73
CA LYS C 225 42.77 -8.46 40.02
C LYS C 225 41.64 -9.49 40.07
N GLU C 226 40.65 -9.34 39.18
CA GLU C 226 39.53 -10.26 39.14
C GLU C 226 39.97 -11.72 38.99
N ILE C 227 41.04 -11.95 38.25
CA ILE C 227 41.53 -13.31 38.10
C ILE C 227 42.08 -13.83 39.42
N GLU C 228 42.70 -12.94 40.19
CA GLU C 228 43.26 -13.31 41.49
C GLU C 228 42.15 -13.60 42.48
N LEU C 229 40.94 -13.12 42.18
CA LEU C 229 39.79 -13.36 43.04
C LEU C 229 39.15 -14.71 42.70
N GLY C 230 39.63 -15.33 41.62
CA GLY C 230 39.11 -16.62 41.23
C GLY C 230 38.01 -16.55 40.19
N ASN C 231 37.76 -15.34 39.68
CA ASN C 231 36.73 -15.14 38.66
C ASN C 231 37.31 -15.35 37.26
N ARG C 232 36.45 -15.28 36.26
CA ARG C 232 36.87 -15.40 34.87
C ARG C 232 36.41 -14.13 34.15
N PRO C 233 37.27 -13.10 34.19
CA PRO C 233 37.00 -11.80 33.57
C PRO C 233 36.66 -11.86 32.09
N CYS C 234 35.90 -10.86 31.67
CA CYS C 234 35.44 -10.69 30.31
C CYS C 234 35.55 -9.20 30.03
N VAL C 235 35.99 -8.81 28.84
CA VAL C 235 36.15 -7.39 28.55
C VAL C 235 35.13 -6.83 27.56
N LEU C 236 34.49 -5.74 27.96
CA LEU C 236 33.52 -5.07 27.10
C LEU C 236 34.09 -3.69 26.84
N SER C 237 34.78 -3.53 25.71
CA SER C 237 35.38 -2.25 25.35
C SER C 237 34.44 -1.44 24.49
N THR C 238 34.74 -0.14 24.39
CA THR C 238 33.93 0.77 23.60
C THR C 238 34.77 1.47 22.54
N LEU C 239 34.44 1.20 21.28
CA LEU C 239 35.15 1.78 20.14
C LEU C 239 34.56 3.10 19.68
N THR C 240 33.28 3.31 19.97
CA THR C 240 32.62 4.53 19.54
C THR C 240 31.80 5.19 20.62
N PHE C 241 32.14 6.43 20.94
CA PHE C 241 31.44 7.18 21.99
C PHE C 241 31.60 8.68 21.71
N PHE C 242 30.90 9.51 22.47
CA PHE C 242 30.97 10.96 22.30
C PHE C 242 32.36 11.56 22.56
N PRO C 243 32.71 12.63 21.82
CA PRO C 243 33.93 13.42 21.82
C PRO C 243 34.91 13.41 22.98
N PRO C 244 34.50 13.93 24.14
CA PRO C 244 35.46 13.93 25.26
C PRO C 244 36.18 12.60 25.36
N ARG C 245 35.40 11.52 25.34
CA ARG C 245 35.91 10.16 25.43
C ARG C 245 36.61 9.68 24.15
N ASN C 246 37.83 9.14 24.30
CA ASN C 246 38.57 8.58 23.17
C ASN C 246 38.00 7.19 22.96
N SER C 247 38.31 6.57 21.83
CA SER C 247 37.87 5.21 21.60
C SER C 247 38.83 4.43 22.49
N ASP C 248 38.40 3.29 23.04
CA ASP C 248 39.32 2.53 23.88
C ASP C 248 40.38 1.95 22.97
N ASP C 249 41.57 1.70 23.51
CA ASP C 249 42.63 1.15 22.69
C ASP C 249 42.31 -0.30 22.34
N ILE C 250 41.32 -0.46 21.46
CA ILE C 250 40.84 -1.75 21.00
C ILE C 250 41.94 -2.73 20.61
N VAL C 251 42.96 -2.25 19.90
CA VAL C 251 44.04 -3.12 19.48
C VAL C 251 44.86 -3.65 20.65
N GLU C 252 45.21 -2.76 21.58
CA GLU C 252 45.99 -3.17 22.73
C GLU C 252 45.16 -4.07 23.65
N ILE C 253 43.89 -3.75 23.78
CA ILE C 253 42.99 -4.56 24.62
C ILE C 253 42.92 -5.96 24.05
N ALA C 254 42.85 -6.04 22.72
CA ALA C 254 42.77 -7.32 22.02
C ALA C 254 44.02 -8.18 22.22
N LYS C 255 45.20 -7.55 22.34
CA LYS C 255 46.44 -8.28 22.55
C LYS C 255 46.35 -8.93 23.93
N ILE C 256 46.08 -8.10 24.92
CA ILE C 256 45.95 -8.53 26.31
C ILE C 256 45.01 -9.74 26.43
N CYS C 257 43.77 -9.59 25.94
CA CYS C 257 42.81 -10.67 26.00
C CYS C 257 43.30 -11.92 25.26
N GLU C 258 44.22 -11.74 24.32
CA GLU C 258 44.78 -12.87 23.58
C GLU C 258 45.72 -13.61 24.50
N ASN C 259 46.45 -12.84 25.31
CA ASN C 259 47.43 -13.40 26.24
C ASN C 259 46.80 -14.12 27.42
N TYR C 260 45.73 -13.54 27.96
CA TYR C 260 45.06 -14.13 29.11
C TYR C 260 44.01 -15.17 28.72
N ASP C 261 43.74 -15.30 27.43
CA ASP C 261 42.77 -16.26 26.96
C ASP C 261 41.44 -15.86 27.59
N ILE C 262 41.15 -14.57 27.50
CA ILE C 262 39.95 -13.99 28.08
C ILE C 262 39.08 -13.43 26.96
N PRO C 263 37.74 -13.57 27.07
CA PRO C 263 36.86 -13.05 26.02
C PRO C 263 36.84 -11.54 25.89
N HIS C 264 36.63 -11.07 24.66
CA HIS C 264 36.61 -9.65 24.38
C HIS C 264 35.39 -9.26 23.54
N ILE C 265 34.54 -8.40 24.08
CA ILE C 265 33.38 -7.96 23.33
C ILE C 265 33.51 -6.47 23.10
N ILE C 266 33.25 -6.03 21.87
CA ILE C 266 33.38 -4.62 21.57
C ILE C 266 32.10 -3.91 21.21
N ASN C 267 31.76 -2.88 21.98
CA ASN C 267 30.59 -2.07 21.70
C ASN C 267 31.03 -1.13 20.59
N GLY C 268 30.62 -1.42 19.36
CA GLY C 268 30.99 -0.60 18.23
C GLY C 268 29.75 -0.09 17.54
N ALA C 269 28.89 0.57 18.32
CA ALA C 269 27.62 1.10 17.83
C ALA C 269 27.70 1.69 16.43
N TYR C 270 28.47 2.77 16.26
CA TYR C 270 28.58 3.37 14.93
C TYR C 270 29.95 3.27 14.30
N ALA C 271 30.53 2.08 14.37
CA ALA C 271 31.84 1.83 13.81
C ALA C 271 31.81 1.63 12.30
N ILE C 272 30.79 0.95 11.80
CA ILE C 272 30.69 0.67 10.38
C ILE C 272 30.64 1.89 9.44
N GLN C 273 29.87 2.91 9.79
CA GLN C 273 29.73 4.08 8.93
C GLN C 273 31.01 4.89 8.70
N ASN C 274 32.01 4.73 9.56
CA ASN C 274 33.24 5.50 9.39
C ASN C 274 34.53 4.67 9.27
N ASN C 275 35.41 5.10 8.38
CA ASN C 275 36.67 4.44 8.10
C ASN C 275 37.66 4.44 9.25
N TYR C 276 37.65 5.49 10.06
CA TYR C 276 38.57 5.57 11.18
C TYR C 276 38.33 4.38 12.11
N TYR C 277 37.05 4.07 12.33
CA TYR C 277 36.68 2.96 13.19
C TYR C 277 36.93 1.60 12.55
N LEU C 278 36.64 1.47 11.26
CA LEU C 278 36.87 0.22 10.55
C LEU C 278 38.33 -0.17 10.56
N GLU C 279 39.22 0.83 10.52
CA GLU C 279 40.63 0.54 10.51
C GLU C 279 41.12 -0.14 11.79
N LYS C 280 40.74 0.41 12.93
CA LYS C 280 41.18 -0.16 14.20
C LYS C 280 40.65 -1.58 14.33
N LEU C 281 39.43 -1.81 13.87
CA LEU C 281 38.83 -3.14 13.93
C LEU C 281 39.69 -4.11 13.11
N LYS C 282 40.00 -3.74 11.88
CA LYS C 282 40.81 -4.59 11.02
C LYS C 282 42.08 -5.00 11.76
N LYS C 283 42.68 -4.05 12.47
CA LYS C 283 43.89 -4.34 13.23
C LYS C 283 43.56 -5.16 14.48
N ALA C 284 42.48 -4.82 15.16
CA ALA C 284 42.10 -5.53 16.38
C ALA C 284 41.84 -7.01 16.18
N PHE C 285 41.18 -7.37 15.07
CA PHE C 285 40.86 -8.77 14.77
C PHE C 285 42.12 -9.61 14.62
N LYS C 286 43.25 -8.94 14.45
CA LYS C 286 44.53 -9.62 14.32
C LYS C 286 44.77 -10.41 15.61
N TYR C 287 44.13 -9.98 16.69
CA TYR C 287 44.27 -10.66 17.98
C TYR C 287 42.92 -11.22 18.44
N ARG C 288 42.59 -11.07 19.71
CA ARG C 288 41.33 -11.60 20.21
C ARG C 288 40.16 -10.62 20.36
N VAL C 289 39.14 -10.87 19.55
CA VAL C 289 37.91 -10.09 19.54
C VAL C 289 36.83 -11.12 19.24
N ASP C 290 36.13 -11.55 20.27
CA ASP C 290 35.10 -12.56 20.09
C ASP C 290 33.89 -11.97 19.37
N ALA C 291 33.58 -10.71 19.66
CA ALA C 291 32.43 -10.09 19.02
C ALA C 291 32.44 -8.59 19.05
N VAL C 292 31.78 -8.02 18.03
CA VAL C 292 31.60 -6.60 17.89
C VAL C 292 30.10 -6.42 17.64
N VAL C 293 29.52 -5.44 18.30
CA VAL C 293 28.10 -5.15 18.15
C VAL C 293 27.90 -3.73 17.62
N SER C 294 27.04 -3.58 16.62
CA SER C 294 26.76 -2.27 16.04
C SER C 294 25.26 -2.02 15.86
N SER C 295 24.85 -0.76 15.97
CA SER C 295 23.44 -0.41 15.78
C SER C 295 23.18 -0.56 14.30
N SER C 296 22.06 -1.16 13.92
CA SER C 296 21.78 -1.30 12.50
C SER C 296 21.24 0.01 11.94
N ASP C 297 20.71 0.87 12.81
CA ASP C 297 20.15 2.14 12.36
C ASP C 297 21.19 3.24 12.22
N LYS C 298 22.22 3.22 13.06
CA LYS C 298 23.27 4.24 12.99
C LYS C 298 24.18 3.95 11.81
N ASN C 299 24.12 2.74 11.29
CA ASN C 299 24.99 2.38 10.20
C ASN C 299 24.31 2.01 8.89
N LEU C 300 23.11 1.43 8.97
CA LEU C 300 22.39 1.06 7.76
C LEU C 300 21.11 1.85 7.58
N LEU C 301 20.97 2.92 8.34
CA LEU C 301 19.81 3.79 8.25
C LEU C 301 18.47 3.05 8.30
N THR C 302 18.34 2.19 9.30
CA THR C 302 17.13 1.42 9.49
C THR C 302 16.35 2.05 10.64
N PRO C 303 15.06 1.73 10.80
CA PRO C 303 14.41 2.37 11.96
C PRO C 303 15.09 1.79 13.20
N ILE C 304 14.91 2.42 14.35
CA ILE C 304 15.55 1.91 15.56
C ILE C 304 14.99 0.54 15.93
N GLY C 305 15.85 -0.33 16.46
CA GLY C 305 15.38 -1.64 16.88
C GLY C 305 16.11 -2.81 16.27
N GLY C 306 17.19 -2.57 15.55
CA GLY C 306 17.93 -3.67 14.93
C GLY C 306 19.38 -3.73 15.35
N GLY C 307 20.01 -4.88 15.17
CA GLY C 307 21.40 -5.00 15.57
C GLY C 307 22.28 -5.74 14.58
N LEU C 308 23.58 -5.51 14.67
CA LEU C 308 24.55 -6.15 13.80
C LEU C 308 25.67 -6.70 14.68
N VAL C 309 25.84 -8.03 14.62
CA VAL C 309 26.85 -8.72 15.39
C VAL C 309 27.81 -9.40 14.42
N TYR C 310 29.10 -9.15 14.59
CA TYR C 310 30.11 -9.75 13.72
C TYR C 310 31.41 -10.13 14.41
N SER C 311 32.08 -11.14 13.87
CA SER C 311 33.32 -11.64 14.42
C SER C 311 34.03 -12.58 13.46
N THR C 312 35.31 -12.84 13.72
CA THR C 312 36.11 -13.72 12.89
C THR C 312 35.89 -15.18 13.31
N ASP C 313 35.35 -15.36 14.50
CA ASP C 313 35.09 -16.68 15.06
C ASP C 313 33.64 -17.12 14.84
N ALA C 314 33.42 -17.97 13.85
CA ALA C 314 32.08 -18.46 13.52
C ALA C 314 31.45 -19.22 14.70
N GLU C 315 32.29 -19.85 15.49
CA GLU C 315 31.86 -20.61 16.66
C GLU C 315 31.22 -19.70 17.72
N PHE C 316 31.70 -18.46 17.81
CA PHE C 316 31.13 -17.54 18.79
C PHE C 316 29.79 -17.00 18.31
N ILE C 317 29.66 -16.75 17.01
CA ILE C 317 28.40 -16.24 16.46
C ILE C 317 27.30 -17.29 16.71
N LYS C 318 27.62 -18.56 16.49
CA LYS C 318 26.64 -19.62 16.72
C LYS C 318 26.18 -19.60 18.16
N GLU C 319 27.09 -19.32 19.07
CA GLU C 319 26.75 -19.27 20.48
C GLU C 319 25.88 -18.06 20.75
N ILE C 320 26.20 -16.95 20.11
CA ILE C 320 25.44 -15.71 20.25
C ILE C 320 24.00 -15.92 19.78
N SER C 321 23.83 -16.68 18.70
CA SER C 321 22.48 -16.91 18.19
C SER C 321 21.68 -17.90 19.02
N LEU C 322 22.32 -18.50 20.02
CA LEU C 322 21.63 -19.46 20.90
C LEU C 322 21.39 -18.85 22.26
N SER C 323 21.59 -17.53 22.37
CA SER C 323 21.42 -16.85 23.66
C SER C 323 20.09 -16.15 23.83
N TYR C 324 19.38 -15.95 22.72
CA TYR C 324 18.10 -15.25 22.75
C TYR C 324 16.95 -16.19 23.11
N PRO C 325 16.39 -16.04 24.32
CA PRO C 325 15.28 -16.91 24.72
C PRO C 325 14.02 -16.74 23.86
N GLY C 326 13.61 -17.82 23.21
CA GLY C 326 12.42 -17.75 22.40
C GLY C 326 12.58 -17.41 20.93
N ARG C 327 11.44 -17.14 20.30
CA ARG C 327 11.38 -16.81 18.90
C ARG C 327 11.23 -15.31 18.78
N ALA C 328 11.90 -14.72 17.80
CA ALA C 328 11.87 -13.27 17.65
C ALA C 328 11.12 -12.73 16.43
N SER C 329 10.87 -11.43 16.47
CA SER C 329 10.20 -10.72 15.40
C SER C 329 11.09 -10.85 14.15
N ALA C 330 10.49 -10.74 12.97
CA ALA C 330 11.26 -10.83 11.74
C ALA C 330 11.58 -9.42 11.25
N THR C 331 10.71 -8.47 11.60
CA THR C 331 10.86 -7.09 11.19
C THR C 331 12.20 -6.37 11.27
N PRO C 332 12.84 -6.32 12.44
CA PRO C 332 14.12 -5.61 12.38
C PRO C 332 15.13 -6.24 11.42
N VAL C 333 15.07 -7.55 11.24
CA VAL C 333 15.98 -8.22 10.33
C VAL C 333 15.65 -7.88 8.89
N VAL C 334 14.35 -7.73 8.60
CA VAL C 334 13.92 -7.34 7.26
C VAL C 334 14.31 -5.90 6.97
N ASN C 335 14.33 -5.06 8.01
CA ASN C 335 14.73 -3.67 7.82
C ASN C 335 16.19 -3.63 7.39
N THR C 336 17.01 -4.52 7.94
CA THR C 336 18.42 -4.57 7.61
C THR C 336 18.61 -5.05 6.18
N LEU C 337 17.80 -6.01 5.74
CA LEU C 337 17.91 -6.52 4.38
C LEU C 337 17.41 -5.45 3.40
N VAL C 338 16.39 -4.70 3.78
CA VAL C 338 15.87 -3.64 2.93
C VAL C 338 16.95 -2.57 2.76
N SER C 339 17.66 -2.22 3.85
CA SER C 339 18.71 -1.21 3.74
C SER C 339 19.80 -1.64 2.76
N LEU C 340 20.41 -2.79 3.01
CA LEU C 340 21.47 -3.29 2.13
C LEU C 340 21.04 -3.36 0.66
N LEU C 341 19.88 -3.95 0.37
CA LEU C 341 19.44 -4.05 -1.04
C LEU C 341 19.08 -2.69 -1.63
N SER C 342 18.30 -1.92 -0.89
CA SER C 342 17.88 -0.61 -1.35
C SER C 342 19.04 0.36 -1.50
N MSE C 343 20.02 0.22 -0.62
CA MSE C 343 21.17 1.10 -0.63
C MSE C 343 22.18 0.73 -1.70
O MSE C 343 22.40 1.49 -2.64
CB MSE C 343 21.83 1.03 0.75
CG MSE C 343 22.34 2.34 1.29
SE MSE C 343 22.40 2.21 3.23
CE MSE C 343 23.52 0.62 3.33
N GLY C 344 22.80 -0.44 -1.57
CA GLY C 344 23.79 -0.85 -2.55
C GLY C 344 25.15 -0.35 -2.11
N SER C 345 26.22 -0.99 -2.59
CA SER C 345 27.57 -0.61 -2.23
C SER C 345 28.01 0.74 -2.75
N LYS C 346 27.61 1.07 -3.98
CA LYS C 346 27.97 2.35 -4.60
C LYS C 346 27.54 3.51 -3.70
N ASN C 347 26.24 3.58 -3.43
CA ASN C 347 25.63 4.63 -2.60
C ASN C 347 26.20 4.71 -1.20
N TYR C 348 26.56 3.56 -0.63
CA TYR C 348 27.10 3.55 0.70
C TYR C 348 28.43 4.27 0.71
N LEU C 349 29.29 3.98 -0.26
CA LEU C 349 30.58 4.64 -0.35
C LEU C 349 30.35 6.13 -0.55
N GLU C 350 29.39 6.49 -1.38
CA GLU C 350 29.08 7.90 -1.59
C GLU C 350 28.70 8.54 -0.25
N LEU C 351 27.82 7.88 0.51
CA LEU C 351 27.42 8.38 1.81
C LEU C 351 28.62 8.59 2.73
N VAL C 352 29.55 7.65 2.71
CA VAL C 352 30.72 7.75 3.56
C VAL C 352 31.62 8.91 3.13
N LYS C 353 31.81 9.07 1.82
CA LYS C 353 32.64 10.18 1.32
C LYS C 353 32.07 11.53 1.76
N ASN C 354 30.75 11.65 1.69
CA ASN C 354 30.08 12.89 2.08
C ASN C 354 30.23 13.23 3.56
N GLN C 355 30.40 12.23 4.41
CA GLN C 355 30.54 12.52 5.83
C GLN C 355 31.94 13.09 6.05
N LYS C 356 32.91 12.55 5.33
CA LYS C 356 34.28 13.05 5.44
C LYS C 356 34.34 14.55 5.12
N ASN C 357 33.62 14.97 4.08
CA ASN C 357 33.59 16.38 3.71
C ASN C 357 32.73 17.18 4.68
N SER C 358 31.57 16.63 5.03
CA SER C 358 30.66 17.28 5.97
C SER C 358 31.34 17.51 7.31
N LYS C 359 32.24 16.60 7.66
CA LYS C 359 32.97 16.71 8.91
C LYS C 359 33.98 17.85 8.80
N LYS C 360 34.84 17.78 7.79
CA LYS C 360 35.86 18.83 7.60
C LYS C 360 35.21 20.20 7.49
N LEU C 361 33.99 20.25 6.95
CA LEU C 361 33.28 21.52 6.83
C LEU C 361 32.88 21.95 8.23
N LEU C 362 32.47 20.99 9.05
CA LEU C 362 32.06 21.25 10.43
C LEU C 362 33.25 21.78 11.21
N ASP C 363 34.38 21.07 11.12
CA ASP C 363 35.57 21.50 11.83
C ASP C 363 35.95 22.94 11.56
N GLU C 364 36.17 23.28 10.28
CA GLU C 364 36.56 24.65 9.97
C GLU C 364 35.54 25.69 10.41
N LEU C 365 34.26 25.46 10.16
CA LEU C 365 33.24 26.42 10.59
C LEU C 365 33.31 26.65 12.11
N LEU C 366 33.33 25.57 12.88
CA LEU C 366 33.41 25.69 14.33
C LEU C 366 34.69 26.41 14.73
N ASN C 367 35.77 26.09 14.04
CA ASN C 367 37.05 26.72 14.32
C ASN C 367 36.90 28.20 14.04
N ASP C 368 36.17 28.52 12.96
CA ASP C 368 35.92 29.90 12.58
C ASP C 368 35.12 30.56 13.69
N LEU C 369 34.06 29.90 14.12
CA LEU C 369 33.22 30.44 15.18
C LEU C 369 34.11 30.76 16.36
N SER C 370 35.10 29.90 16.59
CA SER C 370 36.07 30.13 17.66
C SER C 370 36.74 31.43 17.23
N LYS C 371 37.62 31.99 18.06
CA LYS C 371 38.28 33.25 17.69
C LYS C 371 37.29 34.41 17.80
N LYS C 372 36.17 34.32 17.10
CA LYS C 372 35.16 35.38 17.14
C LYS C 372 34.53 35.46 18.53
N THR C 373 34.54 34.32 19.22
CA THR C 373 33.99 34.24 20.57
C THR C 373 35.15 33.89 21.49
N GLY C 374 34.84 33.61 22.75
CA GLY C 374 35.89 33.24 23.70
C GLY C 374 36.90 32.30 23.07
N GLY C 375 36.44 31.50 22.11
CA GLY C 375 37.31 30.58 21.40
C GLY C 375 37.48 29.20 22.02
N LYS C 376 38.39 28.43 21.42
CA LYS C 376 38.74 27.07 21.84
C LYS C 376 37.91 25.96 21.17
N PHE C 377 38.45 25.48 20.05
CA PHE C 377 37.87 24.41 19.26
C PHE C 377 38.49 23.13 19.81
N LEU C 378 37.78 22.47 20.72
CA LEU C 378 38.29 21.26 21.34
C LEU C 378 38.90 20.27 20.36
N ASP C 379 40.02 19.67 20.78
CA ASP C 379 40.72 18.69 19.97
C ASP C 379 40.36 17.31 20.48
N VAL C 380 39.40 16.67 19.81
CA VAL C 380 38.95 15.34 20.20
C VAL C 380 39.18 14.33 19.07
N GLU C 381 39.22 13.04 19.44
CA GLU C 381 39.47 11.98 18.45
C GLU C 381 38.36 11.70 17.43
N SER C 382 37.11 11.81 17.85
CA SER C 382 35.97 11.50 16.99
C SER C 382 36.02 11.99 15.55
N PRO C 383 35.65 11.11 14.60
CA PRO C 383 35.64 11.41 13.18
C PRO C 383 34.25 11.87 12.73
N ILE C 384 33.33 12.00 13.68
CA ILE C 384 31.98 12.43 13.33
C ILE C 384 31.51 13.64 14.14
N ALA C 385 31.98 13.77 15.37
CA ALA C 385 31.55 14.92 16.17
C ALA C 385 32.68 15.89 16.50
N SER C 386 32.31 17.15 16.68
CA SER C 386 33.25 18.21 17.00
C SER C 386 32.75 19.04 18.17
N CYS C 387 33.68 19.65 18.91
CA CYS C 387 33.32 20.45 20.08
C CYS C 387 33.97 21.83 20.11
N ILE C 388 33.34 22.73 20.85
CA ILE C 388 33.82 24.10 21.01
C ILE C 388 33.43 24.59 22.42
N SER C 389 34.41 25.01 23.21
CA SER C 389 34.16 25.48 24.57
C SER C 389 33.38 26.79 24.60
N VAL C 390 32.55 26.98 25.63
CA VAL C 390 31.74 28.18 25.77
C VAL C 390 31.81 28.81 27.17
N ASN C 391 31.64 30.14 27.23
CA ASN C 391 31.70 30.87 28.50
C ASN C 391 30.31 31.15 29.08
N SER C 392 29.38 30.23 28.88
CA SER C 392 28.02 30.40 29.39
C SER C 392 27.44 29.03 29.70
N ASP C 393 26.28 28.99 30.35
CA ASP C 393 25.65 27.72 30.69
C ASP C 393 25.39 26.95 29.40
N PRO C 394 26.02 25.77 29.24
CA PRO C 394 25.87 24.92 28.07
C PRO C 394 24.46 24.39 27.86
N VAL C 395 23.77 24.09 28.96
CA VAL C 395 22.42 23.56 28.88
C VAL C 395 21.42 24.61 28.39
N GLU C 396 21.70 25.87 28.63
CA GLU C 396 20.81 26.93 28.18
C GLU C 396 21.07 27.19 26.70
N ILE C 397 22.32 27.07 26.28
CA ILE C 397 22.69 27.30 24.88
C ILE C 397 22.10 26.23 23.98
N ALA C 398 22.14 24.99 24.42
CA ALA C 398 21.58 23.90 23.64
C ALA C 398 20.07 24.09 23.60
N ALA C 399 19.51 24.56 24.71
CA ALA C 399 18.08 24.81 24.81
C ALA C 399 17.65 25.81 23.72
N LYS C 400 18.35 26.93 23.66
CA LYS C 400 18.02 27.94 22.67
C LYS C 400 18.10 27.37 21.26
N LEU C 401 19.11 26.54 21.00
CA LEU C 401 19.28 25.90 19.70
C LEU C 401 18.06 25.06 19.37
N TYR C 402 17.61 24.25 20.32
CA TYR C 402 16.42 23.42 20.10
C TYR C 402 15.31 24.38 19.66
N ASN C 403 15.28 25.55 20.30
CA ASN C 403 14.29 26.59 20.02
C ASN C 403 14.47 27.16 18.62
N LEU C 404 15.36 26.55 17.85
CA LEU C 404 15.63 26.99 16.50
C LEU C 404 15.58 25.76 15.59
N ARG C 405 14.84 24.76 16.05
CA ARG C 405 14.65 23.49 15.35
C ARG C 405 15.93 22.68 15.10
N VAL C 406 17.03 23.08 15.73
CA VAL C 406 18.28 22.34 15.58
C VAL C 406 18.23 21.18 16.55
N THR C 407 18.18 19.97 16.03
CA THR C 407 18.10 18.76 16.84
C THR C 407 19.44 18.03 16.94
N GLY C 408 19.78 17.55 18.13
CA GLY C 408 21.02 16.81 18.29
C GLY C 408 22.16 17.48 19.05
N PRO C 409 22.31 18.81 18.95
CA PRO C 409 23.40 19.45 19.68
C PRO C 409 23.31 19.29 21.19
N ARG C 410 24.41 18.87 21.81
CA ARG C 410 24.46 18.68 23.25
C ARG C 410 25.23 19.80 23.94
N GLY C 411 24.74 20.17 25.11
CA GLY C 411 25.39 21.19 25.89
C GLY C 411 25.79 20.52 27.18
N ILE C 412 27.09 20.31 27.35
CA ILE C 412 27.59 19.65 28.55
C ILE C 412 28.36 20.57 29.47
N LYS C 413 28.16 20.38 30.77
CA LYS C 413 28.84 21.17 31.79
C LYS C 413 30.13 20.44 32.15
N LYS C 414 31.14 21.20 32.55
CA LYS C 414 32.42 20.62 32.93
C LYS C 414 32.27 19.76 34.18
N THR C 415 31.12 19.85 34.82
CA THR C 415 30.88 19.08 36.02
C THR C 415 29.92 17.91 35.80
N ASP C 416 29.43 17.74 34.57
CA ASP C 416 28.50 16.65 34.28
C ASP C 416 29.26 15.35 34.00
N HIS C 417 29.56 14.62 35.06
CA HIS C 417 30.30 13.37 34.97
C HIS C 417 29.81 12.43 33.87
N PHE C 418 28.52 12.14 33.87
CA PHE C 418 27.96 11.24 32.89
C PHE C 418 28.10 11.82 31.48
N GLY C 419 28.06 13.13 31.37
CA GLY C 419 28.20 13.79 30.08
C GLY C 419 29.61 13.71 29.53
N ASN C 420 30.58 13.96 30.40
CA ASN C 420 31.98 13.95 30.02
C ASN C 420 32.59 12.57 30.11
N CYS C 421 31.81 11.61 30.60
CA CYS C 421 32.29 10.25 30.73
C CYS C 421 33.58 10.27 31.56
N TYR C 422 33.59 11.15 32.55
CA TYR C 422 34.73 11.34 33.44
C TYR C 422 34.18 11.54 34.86
N LEU C 423 34.77 10.86 35.84
CA LEU C 423 34.31 10.98 37.22
C LEU C 423 34.91 12.15 37.99
N GLY C 424 35.60 13.02 37.28
CA GLY C 424 36.20 14.19 37.91
C GLY C 424 35.59 15.45 37.29
N THR C 425 36.27 16.57 37.43
CA THR C 425 35.79 17.83 36.88
C THR C 425 36.45 18.09 35.54
N TYR C 426 35.68 18.01 34.47
CA TYR C 426 36.21 18.22 33.14
C TYR C 426 36.79 19.61 33.02
N THR C 427 37.61 19.83 32.01
CA THR C 427 38.27 21.11 31.80
C THR C 427 37.46 22.11 30.99
N HIS C 428 36.23 21.77 30.62
CA HIS C 428 35.44 22.69 29.80
C HIS C 428 33.92 22.57 29.84
N ASP C 429 33.28 23.68 29.47
CA ASP C 429 31.83 23.78 29.32
C ASP C 429 31.80 23.89 27.79
N TYR C 430 31.15 22.96 27.11
CA TYR C 430 31.15 23.02 25.66
C TYR C 430 29.86 22.57 24.99
N ILE C 431 29.88 22.64 23.68
CA ILE C 431 28.75 22.22 22.86
C ILE C 431 29.30 21.28 21.81
N VAL C 432 28.65 20.15 21.61
CA VAL C 432 29.09 19.18 20.61
C VAL C 432 28.07 19.05 19.50
N MSE C 433 28.54 18.81 18.28
CA MSE C 433 27.69 18.64 17.12
C MSE C 433 28.20 17.46 16.32
O MSE C 433 29.38 17.10 16.42
CB MSE C 433 27.70 19.89 16.25
CG MSE C 433 27.55 21.17 17.05
SE MSE C 433 26.97 22.68 15.99
CE MSE C 433 25.23 22.94 16.82
N ASN C 434 27.33 16.84 15.53
CA ASN C 434 27.75 15.67 14.78
C ASN C 434 27.56 15.77 13.29
N ALA C 435 28.50 15.17 12.57
CA ALA C 435 28.45 15.11 11.13
C ALA C 435 28.24 13.62 10.84
N ALA C 436 27.14 13.09 11.35
CA ALA C 436 26.79 11.70 11.18
C ALA C 436 26.50 11.38 9.72
N ILE C 437 26.72 10.14 9.33
CA ILE C 437 26.50 9.72 7.96
C ILE C 437 25.07 10.12 7.55
N GLY C 438 24.96 10.86 6.45
CA GLY C 438 23.66 11.28 5.96
C GLY C 438 23.35 12.74 6.24
N VAL C 439 24.26 13.40 6.94
CA VAL C 439 24.08 14.80 7.27
C VAL C 439 24.18 15.67 6.00
N ARG C 440 23.33 16.70 5.92
CA ARG C 440 23.34 17.61 4.78
C ARG C 440 24.25 18.82 5.05
N THR C 441 24.75 19.42 3.97
CA THR C 441 25.62 20.58 4.07
C THR C 441 24.86 21.73 4.73
N GLU C 442 23.60 21.90 4.34
CA GLU C 442 22.75 22.94 4.91
C GLU C 442 22.69 22.75 6.42
N ASP C 443 22.64 21.50 6.87
CA ASP C 443 22.57 21.20 8.30
C ASP C 443 23.78 21.72 9.07
N ILE C 444 24.97 21.60 8.50
CA ILE C 444 26.16 22.06 9.18
C ILE C 444 26.18 23.58 9.17
N VAL C 445 25.80 24.18 8.06
CA VAL C 445 25.79 25.64 7.95
C VAL C 445 24.64 26.22 8.75
N ASN C 446 23.47 25.58 8.69
CA ASN C 446 22.28 26.01 9.40
C ASN C 446 22.33 25.62 10.89
N SER C 447 23.52 25.33 11.40
CA SER C 447 23.68 24.97 12.80
C SER C 447 24.71 25.87 13.43
N VAL C 448 25.88 25.93 12.81
CA VAL C 448 26.97 26.76 13.29
C VAL C 448 26.58 28.23 13.13
N SER C 449 25.65 28.49 12.21
CA SER C 449 25.18 29.85 11.98
C SER C 449 24.39 30.29 13.20
N LYS C 450 23.34 29.53 13.51
CA LYS C 450 22.49 29.82 14.66
C LYS C 450 23.25 29.88 15.98
N LEU C 451 24.23 28.98 16.17
CA LEU C 451 25.02 28.99 17.40
C LEU C 451 25.73 30.35 17.51
N GLU C 452 26.19 30.86 16.38
CA GLU C 452 26.89 32.14 16.33
C GLU C 452 25.98 33.30 16.72
N LYS C 453 24.69 33.16 16.45
CA LYS C 453 23.72 34.20 16.80
C LYS C 453 23.47 34.16 18.30
N ILE C 454 24.24 33.30 18.97
CA ILE C 454 24.15 33.13 20.41
C ILE C 454 25.51 33.37 21.05
N MSE D 21 -12.45 17.29 14.51
CA MSE D 21 -11.10 16.66 14.52
C MSE D 21 -10.27 17.09 13.32
O MSE D 21 -9.09 17.45 13.46
CB MSE D 21 -11.24 15.13 14.52
CG MSE D 21 -9.91 14.40 14.73
SE MSE D 21 -10.01 12.45 14.74
CE MSE D 21 -8.12 12.04 14.93
N LEU D 22 -10.88 17.07 12.15
CA LEU D 22 -10.19 17.47 10.92
C LEU D 22 -10.96 18.64 10.31
N ASP D 23 -10.24 19.69 9.92
CA ASP D 23 -10.90 20.84 9.33
C ASP D 23 -9.97 21.56 8.36
N PHE D 24 -10.40 21.70 7.11
CA PHE D 24 -9.59 22.37 6.11
C PHE D 24 -10.42 23.28 5.22
N ASN D 25 -9.78 24.31 4.69
CA ASN D 25 -10.43 25.30 3.84
C ASN D 25 -11.03 24.69 2.58
N ILE D 26 -12.36 24.55 2.56
CA ILE D 26 -13.03 23.97 1.42
C ILE D 26 -14.05 24.91 0.75
N GLU D 27 -14.18 26.13 1.28
CA GLU D 27 -15.13 27.12 0.76
C GLU D 27 -15.00 27.54 -0.70
N GLY D 28 -16.12 27.97 -1.26
CA GLY D 28 -16.14 28.44 -2.63
C GLY D 28 -15.91 27.40 -3.72
N LEU D 29 -16.09 26.12 -3.40
CA LEU D 29 -15.89 25.07 -4.39
C LEU D 29 -17.21 24.36 -4.70
N ILE D 30 -17.98 24.12 -3.65
CA ILE D 30 -19.24 23.43 -3.75
C ILE D 30 -20.34 24.18 -3.01
N PRO D 31 -21.61 23.99 -3.39
CA PRO D 31 -22.70 24.69 -2.71
C PRO D 31 -22.81 24.25 -1.25
N LYS D 32 -23.28 25.15 -0.38
CA LYS D 32 -23.43 24.88 1.04
C LYS D 32 -24.01 23.51 1.43
N ASN D 33 -25.11 23.12 0.80
CA ASN D 33 -25.75 21.85 1.16
C ASN D 33 -24.79 20.64 1.05
N MSE D 34 -24.06 20.56 -0.06
CA MSE D 34 -23.12 19.45 -0.29
C MSE D 34 -21.91 19.56 0.64
O MSE D 34 -21.33 18.55 1.07
CB MSE D 34 -22.64 19.46 -1.75
CG MSE D 34 -23.73 19.15 -2.76
SE MSE D 34 -23.06 19.11 -4.58
CE MSE D 34 -21.44 18.06 -4.26
N GLU D 35 -21.54 20.79 0.94
CA GLU D 35 -20.43 21.13 1.80
C GLU D 35 -20.67 20.62 3.22
N LYS D 36 -21.90 20.77 3.70
CA LYS D 36 -22.27 20.34 5.03
C LYS D 36 -22.36 18.82 5.13
N ARG D 37 -22.92 18.19 4.11
CA ARG D 37 -23.05 16.74 4.11
C ARG D 37 -21.66 16.10 4.09
N GLY D 38 -20.80 16.67 3.26
CA GLY D 38 -19.43 16.18 3.16
C GLY D 38 -18.75 16.24 4.50
N GLU D 39 -19.07 17.27 5.28
CA GLU D 39 -18.48 17.42 6.60
C GLU D 39 -19.11 16.43 7.57
N LEU D 40 -20.43 16.29 7.48
CA LEU D 40 -21.15 15.35 8.33
C LEU D 40 -20.57 13.95 8.08
N VAL D 41 -20.40 13.61 6.81
CA VAL D 41 -19.86 12.31 6.42
C VAL D 41 -18.43 12.13 6.88
N LEU D 42 -17.60 13.14 6.71
CA LEU D 42 -16.21 13.07 7.13
C LEU D 42 -16.06 12.85 8.63
N ASN D 43 -16.91 13.50 9.43
CA ASN D 43 -16.80 13.36 10.87
C ASN D 43 -17.25 11.98 11.37
N GLU D 44 -18.33 11.47 10.79
CA GLU D 44 -18.84 10.17 11.18
C GLU D 44 -17.81 9.08 10.88
N TYR D 45 -17.21 9.14 9.68
CA TYR D 45 -16.21 8.18 9.26
C TYR D 45 -15.03 8.20 10.24
N LEU D 46 -14.67 9.39 10.70
CA LEU D 46 -13.57 9.54 11.63
C LEU D 46 -13.95 9.26 13.09
N LYS D 47 -15.24 9.06 13.33
CA LYS D 47 -15.74 8.82 14.68
C LYS D 47 -15.03 7.70 15.43
N GLU D 48 -14.88 6.54 14.81
CA GLU D 48 -14.21 5.42 15.46
C GLU D 48 -12.80 5.77 15.90
N ILE D 49 -12.13 6.63 15.13
CA ILE D 49 -10.78 7.05 15.47
C ILE D 49 -10.84 8.05 16.60
N GLU D 50 -11.83 8.93 16.54
CA GLU D 50 -11.99 9.93 17.57
C GLU D 50 -12.29 9.29 18.94
N ASP D 51 -13.08 8.22 18.97
CA ASP D 51 -13.40 7.60 20.24
C ASP D 51 -12.19 6.96 20.89
N VAL D 52 -11.27 6.44 20.09
CA VAL D 52 -10.09 5.81 20.66
C VAL D 52 -9.31 6.86 21.43
N PHE D 53 -9.17 8.04 20.84
CA PHE D 53 -8.47 9.13 21.49
C PHE D 53 -9.20 9.62 22.74
N ASN D 54 -10.52 9.68 22.67
CA ASN D 54 -11.30 10.17 23.80
C ASN D 54 -11.62 9.16 24.89
N HIS D 55 -11.80 7.90 24.52
CA HIS D 55 -12.13 6.88 25.52
C HIS D 55 -10.98 5.95 25.82
N ARG D 56 -10.03 5.84 24.90
CA ARG D 56 -8.88 4.97 25.09
C ARG D 56 -9.25 3.60 25.62
N LYS D 57 -10.28 3.00 25.04
CA LYS D 57 -10.71 1.66 25.45
C LYS D 57 -10.80 0.74 24.23
N ILE D 58 -10.76 -0.57 24.44
CA ILE D 58 -10.86 -1.46 23.30
C ILE D 58 -12.28 -1.29 22.75
N PRO D 59 -12.41 -0.86 21.49
CA PRO D 59 -13.75 -0.66 20.92
C PRO D 59 -14.56 -1.93 20.89
N GLU D 60 -15.89 -1.79 20.91
CA GLU D 60 -16.77 -2.94 20.87
C GLU D 60 -16.62 -3.62 19.52
N ASN D 61 -16.75 -2.83 18.46
CA ASN D 61 -16.64 -3.35 17.11
C ASN D 61 -15.26 -3.09 16.52
N GLY D 62 -14.75 -4.08 15.80
CA GLY D 62 -13.44 -3.94 15.18
C GLY D 62 -13.41 -2.78 14.19
N ILE D 63 -12.30 -2.06 14.15
CA ILE D 63 -12.15 -0.93 13.26
C ILE D 63 -11.45 -1.44 11.99
N ASP D 64 -11.88 -0.94 10.82
CA ASP D 64 -11.29 -1.36 9.56
C ASP D 64 -9.81 -0.96 9.43
N ASP D 65 -9.06 -1.76 8.68
CA ASP D 65 -7.61 -1.53 8.51
C ASP D 65 -7.21 -0.15 8.02
N GLU D 66 -7.86 0.33 6.95
CA GLU D 66 -7.54 1.63 6.39
C GLU D 66 -7.74 2.71 7.44
N LYS D 67 -8.74 2.53 8.30
CA LYS D 67 -8.99 3.52 9.32
C LYS D 67 -7.95 3.44 10.43
N ILE D 68 -7.37 2.27 10.64
CA ILE D 68 -6.33 2.12 11.64
C ILE D 68 -5.01 2.70 11.08
N LYS D 69 -4.78 2.56 9.77
CA LYS D 69 -3.56 3.09 9.19
C LYS D 69 -3.56 4.60 9.29
N LEU D 70 -4.74 5.19 9.14
CA LEU D 70 -4.91 6.64 9.24
C LEU D 70 -4.66 7.11 10.68
N PHE D 71 -5.01 6.24 11.64
CA PHE D 71 -4.81 6.51 13.06
C PHE D 71 -3.30 6.46 13.37
N LEU D 72 -2.63 5.39 12.98
CA LEU D 72 -1.21 5.28 13.21
C LEU D 72 -0.47 6.42 12.51
N LYS D 73 -0.98 6.81 11.35
CA LYS D 73 -0.38 7.89 10.59
C LYS D 73 -0.48 9.21 11.36
N PHE D 74 -1.63 9.46 11.97
CA PHE D 74 -1.82 10.68 12.74
C PHE D 74 -0.76 10.81 13.83
N LEU D 75 -0.41 9.67 14.43
CA LEU D 75 0.60 9.67 15.49
C LEU D 75 2.02 9.68 14.92
N SER D 76 2.25 8.98 13.82
CA SER D 76 3.59 8.95 13.26
C SER D 76 4.04 10.36 12.85
N MSE D 77 3.11 11.18 12.42
CA MSE D 77 3.45 12.54 11.99
C MSE D 77 3.90 13.46 13.14
O MSE D 77 4.32 14.59 12.91
CB MSE D 77 2.26 13.20 11.27
CG MSE D 77 1.77 12.46 10.04
SE MSE D 77 0.45 13.50 9.04
CE MSE D 77 -1.14 13.16 10.10
N MSE D 78 3.81 12.99 14.37
CA MSE D 78 4.20 13.82 15.51
C MSE D 78 5.64 13.60 15.94
O MSE D 78 6.12 14.25 16.87
CB MSE D 78 3.27 13.58 16.70
CG MSE D 78 1.86 14.12 16.48
SE MSE D 78 0.67 13.94 17.99
CE MSE D 78 -0.14 12.24 17.51
N ASP D 79 6.33 12.67 15.29
CA ASP D 79 7.72 12.42 15.66
C ASP D 79 8.68 13.44 15.05
N THR D 80 9.72 13.75 15.80
CA THR D 80 10.74 14.71 15.42
C THR D 80 11.33 14.56 14.02
N ASP D 81 11.56 13.33 13.58
CA ASP D 81 12.16 13.09 12.25
C ASP D 81 11.18 13.31 11.11
N LYS D 82 10.02 13.86 11.42
CA LYS D 82 9.03 14.13 10.40
C LYS D 82 8.92 15.63 10.14
N ASP D 83 9.67 16.41 10.92
CA ASP D 83 9.66 17.86 10.78
C ASP D 83 10.46 18.33 9.57
N PRO D 84 9.79 18.95 8.60
CA PRO D 84 10.53 19.42 7.42
C PRO D 84 11.41 20.65 7.64
N LYS D 85 11.18 21.38 8.73
CA LYS D 85 11.96 22.58 9.00
C LYS D 85 13.11 22.44 9.99
N SER D 86 13.33 21.25 10.55
CA SER D 86 14.40 21.09 11.52
C SER D 86 15.79 20.78 10.95
N VAL D 87 16.82 21.39 11.55
CA VAL D 87 18.20 21.16 11.17
C VAL D 87 18.66 19.96 12.00
N ARG D 88 18.97 18.86 11.34
CA ARG D 88 19.35 17.63 12.02
C ARG D 88 20.84 17.30 12.10
N ILE D 89 21.43 17.48 13.28
CA ILE D 89 22.85 17.20 13.48
C ILE D 89 23.11 16.34 14.72
N GLY D 90 22.16 15.47 15.06
CA GLY D 90 22.32 14.60 16.21
C GLY D 90 23.07 13.32 15.86
N GLU D 91 23.35 12.48 16.85
CA GLU D 91 24.08 11.23 16.61
C GLU D 91 23.15 10.10 16.16
N ARG D 92 21.88 10.19 16.53
CA ARG D 92 20.90 9.21 16.13
C ARG D 92 19.63 9.97 15.76
N GLU D 93 19.62 10.51 14.54
CA GLU D 93 18.51 11.30 14.06
C GLU D 93 17.39 10.42 13.50
N ALA D 94 17.66 9.13 13.37
CA ALA D 94 16.67 8.18 12.86
C ALA D 94 16.35 8.36 11.39
N ARG D 95 17.39 8.58 10.58
CA ARG D 95 17.22 8.72 9.14
C ARG D 95 17.04 7.31 8.60
N THR D 96 16.19 7.16 7.60
CA THR D 96 15.98 5.86 7.00
C THR D 96 16.17 5.99 5.50
N TYR D 97 16.63 4.93 4.86
CA TYR D 97 16.89 4.98 3.43
C TYR D 97 15.68 4.73 2.55
N SER D 98 15.03 3.58 2.76
CA SER D 98 13.87 3.20 1.97
C SER D 98 12.51 3.51 2.59
N LYS D 99 11.49 3.65 1.73
CA LYS D 99 10.13 3.90 2.19
C LYS D 99 9.64 2.62 2.88
N ILE D 100 10.15 1.49 2.40
CA ILE D 100 9.81 0.21 2.96
C ILE D 100 10.07 0.26 4.45
N HIS D 101 11.02 1.10 4.85
CA HIS D 101 11.34 1.24 6.28
C HIS D 101 10.14 1.86 6.99
N GLU D 102 9.56 2.89 6.39
CA GLU D 102 8.41 3.54 7.00
C GLU D 102 7.21 2.61 7.09
N GLU D 103 7.10 1.68 6.13
CA GLU D 103 6.00 0.73 6.14
C GLU D 103 6.12 -0.25 7.30
N LEU D 104 7.30 -0.84 7.46
CA LEU D 104 7.56 -1.83 8.51
C LEU D 104 7.58 -1.29 9.93
N SER D 105 7.98 -0.03 10.08
CA SER D 105 8.04 0.61 11.38
C SER D 105 6.73 1.32 11.62
N SER D 106 5.83 1.26 10.64
CA SER D 106 4.54 1.92 10.74
C SER D 106 4.70 3.44 10.89
N GLY D 107 5.89 3.94 10.53
CA GLY D 107 6.16 5.36 10.60
C GLY D 107 6.86 5.74 11.88
N PHE D 108 7.06 4.75 12.76
CA PHE D 108 7.72 5.01 14.04
C PHE D 108 9.18 4.66 13.95
N CYS D 109 9.93 5.47 13.20
CA CYS D 109 11.34 5.22 13.00
C CYS D 109 12.22 5.37 14.22
N HIS D 110 11.78 6.12 15.22
CA HIS D 110 12.56 6.32 16.44
C HIS D 110 12.30 5.19 17.41
N GLY D 111 11.64 4.14 16.93
CA GLY D 111 11.36 3.03 17.81
C GLY D 111 10.53 3.46 19.00
N ILE D 112 10.66 2.73 20.09
CA ILE D 112 9.87 3.02 21.26
C ILE D 112 10.70 3.23 22.53
N GLY D 113 10.16 4.04 23.45
CA GLY D 113 10.83 4.31 24.71
C GLY D 113 12.21 4.97 24.75
N ARG D 114 12.58 5.45 25.93
CA ARG D 114 13.88 6.08 26.09
C ARG D 114 14.85 4.99 26.53
N SER D 115 16.14 5.28 26.43
CA SER D 115 17.16 4.31 26.81
C SER D 115 16.96 3.73 28.21
N GLY D 116 16.88 2.41 28.28
CA GLY D 116 16.72 1.73 29.55
C GLY D 116 15.38 1.93 30.25
N ASN D 117 14.34 2.28 29.50
CA ASN D 117 13.03 2.48 30.08
C ASN D 117 11.96 2.51 28.99
N LEU D 118 11.33 1.35 28.78
CA LEU D 118 10.28 1.17 27.78
C LEU D 118 9.09 2.11 27.86
N VAL D 119 8.36 2.04 28.97
CA VAL D 119 7.15 2.83 29.19
C VAL D 119 7.37 4.31 29.49
N ASP D 120 8.59 4.80 29.28
CA ASP D 120 8.91 6.20 29.51
C ASP D 120 8.93 6.96 28.17
N PRO D 121 8.18 8.08 28.09
CA PRO D 121 8.10 8.89 26.86
C PRO D 121 9.45 9.37 26.32
N GLN D 122 9.65 9.14 25.02
CA GLN D 122 10.88 9.51 24.30
C GLN D 122 10.75 10.90 23.70
N PRO D 123 11.46 11.90 24.26
CA PRO D 123 11.39 13.27 23.74
C PRO D 123 11.56 13.45 22.23
N LYS D 124 12.32 12.55 21.60
CA LYS D 124 12.53 12.61 20.15
C LYS D 124 11.39 11.97 19.37
N ALA D 125 10.61 11.12 20.03
CA ALA D 125 9.48 10.44 19.40
C ALA D 125 8.24 11.28 19.53
N SER D 126 7.52 11.12 20.62
CA SER D 126 6.30 11.90 20.86
C SER D 126 5.10 11.24 20.21
N GLY D 127 5.22 10.88 18.94
CA GLY D 127 4.13 10.19 18.28
C GLY D 127 4.14 8.74 18.72
N ALA D 128 5.32 8.13 18.69
CA ALA D 128 5.49 6.75 19.10
C ALA D 128 5.15 6.57 20.58
N SER D 129 5.41 7.61 21.37
CA SER D 129 5.15 7.56 22.81
C SER D 129 3.65 7.63 23.12
N ILE D 130 2.92 8.38 22.31
CA ILE D 130 1.48 8.44 22.53
C ILE D 130 0.85 7.12 22.15
N MSE D 131 1.31 6.52 21.05
CA MSE D 131 0.74 5.26 20.61
C MSE D 131 1.05 4.12 21.59
O MSE D 131 0.24 3.22 21.78
CB MSE D 131 1.24 4.92 19.18
CG MSE D 131 2.44 4.00 19.08
SE MSE D 131 2.11 2.07 19.35
CE MSE D 131 3.97 1.54 19.32
N TYR D 132 2.21 4.19 22.23
CA TYR D 132 2.59 3.18 23.22
C TYR D 132 1.72 3.33 24.46
N ALA D 133 1.57 4.58 24.91
CA ALA D 133 0.73 4.88 26.07
C ALA D 133 -0.73 4.51 25.79
N LEU D 134 -1.19 4.80 24.58
CA LEU D 134 -2.56 4.46 24.21
C LEU D 134 -2.73 2.95 24.15
N THR D 135 -1.72 2.26 23.62
CA THR D 135 -1.76 0.81 23.48
C THR D 135 -1.84 0.11 24.83
N ASN D 136 -1.15 0.62 25.84
CA ASN D 136 -1.22 -0.01 27.15
C ASN D 136 -2.55 0.27 27.83
N LYS D 137 -3.12 1.45 27.57
CA LYS D 137 -4.42 1.84 28.13
C LYS D 137 -5.46 0.87 27.57
N ILE D 138 -5.41 0.68 26.26
CA ILE D 138 -6.35 -0.21 25.61
C ILE D 138 -6.12 -1.67 26.04
N LEU D 139 -4.87 -2.06 26.27
CA LEU D 139 -4.61 -3.43 26.71
C LEU D 139 -5.28 -3.61 28.05
N GLU D 140 -5.00 -2.69 28.96
CA GLU D 140 -5.60 -2.73 30.30
C GLU D 140 -7.12 -2.78 30.21
N SER D 141 -7.69 -2.01 29.29
CA SER D 141 -9.13 -1.98 29.08
C SER D 141 -9.63 -3.35 28.66
N PHE D 142 -8.87 -3.97 27.75
CA PHE D 142 -9.18 -5.29 27.23
C PHE D 142 -9.24 -6.29 28.39
N PHE D 143 -8.27 -6.18 29.31
CA PHE D 143 -8.23 -7.07 30.46
C PHE D 143 -9.47 -6.89 31.34
N LYS D 144 -9.91 -5.64 31.50
CA LYS D 144 -11.09 -5.37 32.31
C LYS D 144 -12.33 -5.98 31.67
N GLN D 145 -12.30 -6.10 30.34
CA GLN D 145 -13.42 -6.70 29.62
C GLN D 145 -13.45 -8.19 29.96
N LEU D 146 -12.27 -8.74 30.21
CA LEU D 146 -12.14 -10.16 30.53
C LEU D 146 -12.21 -10.45 32.03
N GLY D 147 -12.44 -9.42 32.83
CA GLY D 147 -12.56 -9.62 34.26
C GLY D 147 -11.29 -9.50 35.07
N LEU D 148 -10.22 -8.99 34.46
CA LEU D 148 -8.96 -8.84 35.18
C LEU D 148 -8.55 -7.36 35.33
N ASN D 149 -8.63 -6.83 36.54
CA ASN D 149 -8.24 -5.44 36.77
C ASN D 149 -6.75 -5.38 37.03
N VAL D 150 -5.99 -5.19 35.95
CA VAL D 150 -4.54 -5.15 36.07
C VAL D 150 -3.90 -3.98 35.36
N HIS D 151 -2.61 -3.84 35.61
CA HIS D 151 -1.79 -2.82 34.99
C HIS D 151 -1.08 -3.68 33.95
N ALA D 152 -1.15 -3.27 32.69
CA ALA D 152 -0.54 -4.05 31.63
C ALA D 152 0.40 -3.24 30.75
N ILE D 153 1.31 -3.96 30.11
CA ILE D 153 2.30 -3.38 29.23
C ILE D 153 2.59 -4.32 28.06
N ALA D 154 2.56 -3.78 26.85
CA ALA D 154 2.89 -4.60 25.68
C ALA D 154 4.42 -4.50 25.60
N THR D 155 5.10 -5.63 25.41
CA THR D 155 6.55 -5.64 25.31
C THR D 155 7.00 -5.95 23.89
N PRO D 156 8.02 -5.23 23.38
CA PRO D 156 8.52 -5.45 22.03
C PRO D 156 9.43 -6.67 21.86
N ILE D 157 9.27 -7.65 22.74
CA ILE D 157 10.07 -8.88 22.68
C ILE D 157 9.27 -10.13 23.01
N SER D 158 9.84 -11.29 22.71
CA SER D 158 9.17 -12.57 22.95
C SER D 158 8.66 -12.72 24.40
N THR D 159 7.84 -13.73 24.64
CA THR D 159 7.33 -13.94 25.99
C THR D 159 8.47 -14.44 26.88
N GLY D 160 9.37 -15.23 26.31
CA GLY D 160 10.49 -15.73 27.07
C GLY D 160 11.42 -14.59 27.45
N MSE D 161 11.68 -13.70 26.49
CA MSE D 161 12.55 -12.57 26.75
C MSE D 161 11.87 -11.64 27.73
O MSE D 161 12.54 -10.95 28.50
CB MSE D 161 12.90 -11.85 25.44
CG MSE D 161 13.90 -10.71 25.58
SE MSE D 161 15.65 -11.14 26.37
CE MSE D 161 16.59 -11.66 24.76
N SER D 162 10.53 -11.64 27.73
CA SER D 162 9.74 -10.81 28.66
C SER D 162 9.84 -11.37 30.07
N ILE D 163 9.87 -12.69 30.19
CA ILE D 163 10.00 -13.33 31.49
C ILE D 163 11.31 -12.84 32.11
N SER D 164 12.37 -12.81 31.29
CA SER D 164 13.69 -12.34 31.73
C SER D 164 13.56 -10.97 32.38
N LEU D 165 12.81 -10.09 31.73
CA LEU D 165 12.61 -8.74 32.24
C LEU D 165 12.02 -8.77 33.66
N CYS D 166 11.05 -9.67 33.86
CA CYS D 166 10.41 -9.83 35.16
C CYS D 166 11.42 -10.35 36.15
N LEU D 167 12.08 -11.46 35.78
CA LEU D 167 13.09 -12.05 36.65
C LEU D 167 14.11 -11.00 37.04
N SER D 168 14.45 -10.12 36.09
CA SER D 168 15.43 -9.08 36.34
C SER D 168 14.89 -7.99 37.24
N ALA D 169 13.59 -7.71 37.15
CA ALA D 169 13.01 -6.68 38.00
C ALA D 169 12.99 -7.16 39.44
N ALA D 170 12.48 -8.38 39.66
CA ALA D 170 12.42 -8.95 41.00
C ALA D 170 13.83 -8.98 41.55
N ARG D 171 14.79 -9.29 40.68
CA ARG D 171 16.17 -9.37 41.09
C ARG D 171 16.71 -8.04 41.58
N LYS D 172 16.17 -6.92 41.08
CA LYS D 172 16.67 -5.63 41.52
C LYS D 172 15.81 -4.97 42.59
N LYS D 173 14.52 -5.31 42.62
CA LYS D 173 13.62 -4.72 43.61
C LYS D 173 13.55 -5.52 44.92
N TYR D 174 13.58 -6.85 44.84
CA TYR D 174 13.51 -7.65 46.07
C TYR D 174 14.84 -8.33 46.36
N GLY D 175 15.68 -8.44 45.32
CA GLY D 175 16.98 -9.05 45.49
C GLY D 175 17.06 -10.53 45.14
N SER D 176 16.02 -11.07 44.52
CA SER D 176 16.01 -12.47 44.15
C SER D 176 17.39 -12.91 43.63
N ASN D 177 17.85 -14.08 44.07
CA ASN D 177 19.15 -14.59 43.65
C ASN D 177 19.00 -16.04 43.22
N VAL D 178 17.80 -16.57 43.39
CA VAL D 178 17.54 -17.95 43.00
C VAL D 178 16.09 -18.09 42.56
N VAL D 179 15.86 -18.91 41.54
CA VAL D 179 14.53 -19.12 41.00
C VAL D 179 14.01 -20.53 41.27
N ILE D 180 12.87 -20.64 41.96
CA ILE D 180 12.27 -21.95 42.21
C ILE D 180 11.42 -22.19 40.99
N TYR D 181 11.69 -23.28 40.28
CA TYR D 181 11.01 -23.55 39.04
C TYR D 181 10.18 -24.83 38.91
N PRO D 182 8.87 -24.76 39.18
CA PRO D 182 8.05 -25.97 39.04
C PRO D 182 8.29 -26.46 37.62
N TYR D 183 8.95 -27.60 37.48
CA TYR D 183 9.29 -28.11 36.16
C TYR D 183 8.29 -27.93 35.03
N ALA D 184 8.76 -27.22 34.01
CA ALA D 184 8.02 -26.94 32.79
C ALA D 184 9.10 -26.93 31.70
N SER D 185 9.18 -28.02 30.95
CA SER D 185 10.19 -28.19 29.92
C SER D 185 9.82 -27.59 28.56
N HIS D 186 10.13 -26.31 28.45
CA HIS D 186 9.91 -25.54 27.23
C HIS D 186 11.22 -24.78 27.10
N LYS D 187 11.81 -24.75 25.91
CA LYS D 187 13.08 -24.07 25.76
C LYS D 187 13.09 -22.60 26.16
N SER D 188 12.00 -21.89 25.92
CA SER D 188 11.98 -20.47 26.23
C SER D 188 12.16 -20.05 27.70
N PRO D 189 11.22 -20.41 28.58
CA PRO D 189 11.38 -20.01 29.97
C PRO D 189 12.67 -20.48 30.62
N ILE D 190 13.14 -21.65 30.21
CA ILE D 190 14.37 -22.20 30.75
C ILE D 190 15.56 -21.34 30.34
N LYS D 191 15.59 -20.95 29.06
CA LYS D 191 16.66 -20.11 28.57
C LYS D 191 16.56 -18.70 29.16
N ALA D 192 15.36 -18.24 29.47
CA ALA D 192 15.18 -16.91 30.05
C ALA D 192 15.84 -16.82 31.42
N VAL D 193 15.71 -17.90 32.20
CA VAL D 193 16.30 -17.97 33.52
C VAL D 193 17.83 -17.93 33.42
N SER D 194 18.40 -18.66 32.45
CA SER D 194 19.85 -18.66 32.31
C SER D 194 20.31 -17.36 31.70
N PHE D 195 19.48 -16.77 30.86
CA PHE D 195 19.84 -15.53 30.20
C PHE D 195 20.15 -14.41 31.18
N VAL D 196 19.47 -14.40 32.33
CA VAL D 196 19.66 -13.36 33.33
C VAL D 196 20.64 -13.81 34.43
N GLY D 197 21.32 -14.92 34.16
CA GLY D 197 22.30 -15.45 35.09
C GLY D 197 21.79 -15.72 36.48
N MSE D 198 20.61 -16.32 36.55
CA MSE D 198 20.04 -16.61 37.84
C MSE D 198 20.04 -18.12 38.09
O MSE D 198 19.86 -18.92 37.17
CB MSE D 198 18.63 -16.06 37.93
CG MSE D 198 18.30 -15.48 39.29
SE MSE D 198 16.80 -14.31 39.17
CE MSE D 198 17.70 -12.77 38.42
N ASN D 199 20.28 -18.50 39.33
CA ASN D 199 20.28 -19.90 39.67
C ASN D 199 18.88 -20.45 39.69
N MSE D 200 18.75 -21.67 39.20
CA MSE D 200 17.46 -22.33 39.15
C MSE D 200 17.42 -23.49 40.14
O MSE D 200 18.43 -24.12 40.42
CB MSE D 200 17.18 -22.82 37.73
CG MSE D 200 15.86 -23.52 37.58
SE MSE D 200 15.35 -23.65 35.71
CE MSE D 200 16.13 -25.38 35.32
N ARG D 201 16.23 -23.74 40.67
CA ARG D 201 15.98 -24.83 41.60
C ARG D 201 14.71 -25.49 41.09
N LEU D 202 14.87 -26.55 40.32
CA LEU D 202 13.73 -27.27 39.74
C LEU D 202 12.87 -27.93 40.80
N VAL D 203 11.70 -28.38 40.38
CA VAL D 203 10.78 -29.06 41.26
C VAL D 203 10.11 -30.07 40.35
N GLU D 204 10.64 -31.30 40.37
CA GLU D 204 10.13 -32.38 39.54
C GLU D 204 8.64 -32.56 39.61
N THR D 205 8.10 -33.15 38.56
CA THR D 205 6.68 -33.42 38.46
C THR D 205 6.46 -34.85 38.88
N VAL D 206 5.21 -35.20 39.16
CA VAL D 206 4.88 -36.56 39.58
C VAL D 206 3.82 -37.11 38.67
N LEU D 207 3.79 -38.42 38.52
CA LEU D 207 2.79 -39.07 37.68
C LEU D 207 1.54 -39.34 38.52
N ASP D 208 0.38 -39.28 37.88
CA ASP D 208 -0.89 -39.54 38.53
C ASP D 208 -1.88 -39.87 37.40
N GLY D 209 -1.91 -41.15 37.03
CA GLY D 209 -2.77 -41.58 35.96
C GLY D 209 -2.16 -41.18 34.63
N ASP D 210 -2.88 -40.36 33.87
CA ASP D 210 -2.40 -39.88 32.57
C ASP D 210 -1.83 -38.49 32.72
N ARG D 211 -1.82 -37.97 33.95
CA ARG D 211 -1.33 -36.62 34.16
C ARG D 211 0.03 -36.51 34.83
N VAL D 212 0.49 -35.28 34.92
CA VAL D 212 1.76 -34.97 35.52
C VAL D 212 1.58 -33.59 36.15
N TYR D 213 2.00 -33.44 37.39
CA TYR D 213 1.85 -32.17 38.06
C TYR D 213 2.95 -31.94 39.08
N VAL D 214 2.95 -30.76 39.69
CA VAL D 214 3.97 -30.44 40.67
C VAL D 214 3.38 -30.07 42.01
N PRO D 215 3.46 -31.00 42.98
CA PRO D 215 2.93 -30.79 44.33
C PRO D 215 3.33 -29.45 44.90
N VAL D 216 2.33 -28.67 45.33
CA VAL D 216 2.60 -27.37 45.92
C VAL D 216 3.42 -27.58 47.19
N GLU D 217 3.31 -28.79 47.75
CA GLU D 217 4.05 -29.14 48.96
C GLU D 217 5.56 -29.14 48.71
N ASP D 218 5.98 -29.71 47.58
CA ASP D 218 7.40 -29.76 47.24
C ASP D 218 7.98 -28.38 46.91
N ILE D 219 7.13 -27.49 46.40
CA ILE D 219 7.55 -26.13 46.06
C ILE D 219 7.81 -25.38 47.35
N GLU D 220 6.89 -25.50 48.30
CA GLU D 220 7.03 -24.83 49.58
C GLU D 220 8.31 -25.28 50.29
N ASN D 221 8.67 -26.54 50.12
CA ASN D 221 9.88 -27.08 50.74
C ASN D 221 11.11 -26.54 50.02
N ALA D 222 10.99 -26.43 48.69
CA ALA D 222 12.09 -25.91 47.89
C ALA D 222 12.32 -24.47 48.35
N ILE D 223 11.22 -23.74 48.54
CA ILE D 223 11.31 -22.36 48.99
C ILE D 223 11.97 -22.31 50.35
N LYS D 224 11.50 -23.14 51.28
CA LYS D 224 12.09 -23.17 52.62
C LYS D 224 13.58 -23.49 52.58
N LYS D 225 13.95 -24.49 51.79
CA LYS D 225 15.35 -24.85 51.69
C LYS D 225 16.17 -23.63 51.31
N GLU D 226 15.84 -23.04 50.17
CA GLU D 226 16.55 -21.86 49.69
C GLU D 226 16.66 -20.75 50.72
N ILE D 227 15.60 -20.53 51.49
CA ILE D 227 15.62 -19.49 52.52
C ILE D 227 16.48 -19.90 53.70
N GLU D 228 16.54 -21.19 53.97
CA GLU D 228 17.34 -21.70 55.07
C GLU D 228 18.82 -21.54 54.76
N LEU D 229 19.16 -21.65 53.47
CA LEU D 229 20.54 -21.54 53.00
C LEU D 229 21.05 -20.10 52.87
N GLY D 230 20.17 -19.13 53.14
CA GLY D 230 20.55 -17.74 53.04
C GLY D 230 20.22 -17.04 51.72
N ASN D 231 19.44 -17.70 50.87
CA ASN D 231 19.08 -17.11 49.59
C ASN D 231 17.72 -16.41 49.62
N ARG D 232 17.42 -15.67 48.55
CA ARG D 232 16.15 -14.95 48.44
C ARG D 232 15.50 -15.49 47.18
N PRO D 233 14.73 -16.56 47.31
CA PRO D 233 14.06 -17.18 46.16
C PRO D 233 12.86 -16.41 45.65
N CYS D 234 12.44 -16.79 44.44
CA CYS D 234 11.27 -16.22 43.80
C CYS D 234 10.79 -17.37 42.91
N VAL D 235 9.47 -17.54 42.81
CA VAL D 235 8.92 -18.64 42.04
C VAL D 235 8.45 -18.27 40.65
N LEU D 236 8.76 -19.13 39.69
CA LEU D 236 8.34 -18.92 38.32
C LEU D 236 7.32 -20.03 38.04
N SER D 237 6.07 -19.80 38.41
CA SER D 237 5.03 -20.80 38.20
C SER D 237 4.64 -20.82 36.73
N THR D 238 4.04 -21.92 36.28
CA THR D 238 3.64 -22.06 34.89
C THR D 238 2.16 -22.40 34.85
N LEU D 239 1.39 -21.55 34.17
CA LEU D 239 -0.04 -21.71 34.07
C LEU D 239 -0.51 -22.40 32.81
N THR D 240 0.22 -22.23 31.72
CA THR D 240 -0.17 -22.86 30.46
C THR D 240 0.96 -23.68 29.88
N PHE D 241 0.70 -24.96 29.67
CA PHE D 241 1.73 -25.85 29.11
C PHE D 241 1.04 -26.95 28.32
N PHE D 242 1.80 -27.80 27.65
CA PHE D 242 1.22 -28.88 26.87
C PHE D 242 0.46 -29.88 27.75
N PRO D 243 -0.63 -30.44 27.21
CA PRO D 243 -1.55 -31.40 27.83
C PRO D 243 -1.03 -32.24 28.99
N PRO D 244 0.01 -33.05 28.73
CA PRO D 244 0.57 -33.91 29.78
C PRO D 244 0.57 -33.26 31.16
N ARG D 245 1.20 -32.10 31.25
CA ARG D 245 1.36 -31.36 32.50
C ARG D 245 0.16 -30.51 32.89
N ASN D 246 -0.15 -30.52 34.18
CA ASN D 246 -1.26 -29.75 34.75
C ASN D 246 -0.83 -28.32 35.04
N SER D 247 -1.72 -27.36 34.82
CA SER D 247 -1.40 -25.98 35.10
C SER D 247 -1.03 -25.98 36.58
N ASP D 248 -0.03 -25.22 36.98
CA ASP D 248 0.33 -25.21 38.39
C ASP D 248 -0.81 -24.65 39.23
N ASP D 249 -0.79 -24.93 40.52
CA ASP D 249 -1.80 -24.43 41.44
C ASP D 249 -1.38 -23.00 41.75
N ILE D 250 -1.68 -22.11 40.80
CA ILE D 250 -1.35 -20.70 40.90
C ILE D 250 -1.85 -20.05 42.18
N VAL D 251 -3.06 -20.42 42.58
CA VAL D 251 -3.67 -19.87 43.78
C VAL D 251 -2.82 -20.23 45.00
N GLU D 252 -2.63 -21.54 45.21
CA GLU D 252 -1.81 -22.04 46.33
C GLU D 252 -0.44 -21.39 46.40
N ILE D 253 0.31 -21.51 45.29
CA ILE D 253 1.64 -20.93 45.18
C ILE D 253 1.59 -19.44 45.48
N ALA D 254 0.51 -18.79 45.05
CA ALA D 254 0.37 -17.35 45.30
C ALA D 254 0.23 -17.06 46.80
N LYS D 255 -0.38 -17.97 47.54
CA LYS D 255 -0.54 -17.79 48.99
C LYS D 255 0.81 -17.98 49.65
N ILE D 256 1.48 -19.08 49.30
CA ILE D 256 2.79 -19.38 49.86
C ILE D 256 3.71 -18.18 49.76
N CYS D 257 3.83 -17.63 48.56
CA CYS D 257 4.69 -16.48 48.28
C CYS D 257 4.34 -15.26 49.15
N GLU D 258 3.05 -15.03 49.35
CA GLU D 258 2.64 -13.90 50.17
C GLU D 258 3.05 -14.15 51.60
N ASN D 259 2.89 -15.39 52.05
CA ASN D 259 3.26 -15.75 53.41
C ASN D 259 4.76 -15.59 53.60
N TYR D 260 5.54 -16.11 52.64
CA TYR D 260 6.98 -16.00 52.74
C TYR D 260 7.49 -14.63 52.31
N ASP D 261 6.61 -13.82 51.75
CA ASP D 261 6.99 -12.48 51.29
C ASP D 261 8.05 -12.67 50.22
N ILE D 262 7.70 -13.42 49.18
CA ILE D 262 8.61 -13.70 48.10
C ILE D 262 7.92 -13.40 46.78
N PRO D 263 8.69 -12.99 45.76
CA PRO D 263 8.11 -12.68 44.45
C PRO D 263 7.63 -13.93 43.72
N HIS D 264 6.53 -13.79 43.00
CA HIS D 264 5.93 -14.88 42.25
C HIS D 264 5.66 -14.37 40.84
N ILE D 265 6.20 -15.05 39.84
CA ILE D 265 6.00 -14.64 38.46
C ILE D 265 5.39 -15.80 37.69
N ILE D 266 4.35 -15.49 36.94
CA ILE D 266 3.67 -16.53 36.22
C ILE D 266 3.84 -16.50 34.71
N ASN D 267 4.23 -17.64 34.17
CA ASN D 267 4.38 -17.81 32.73
C ASN D 267 2.98 -18.16 32.25
N GLY D 268 2.26 -17.17 31.74
CA GLY D 268 0.91 -17.41 31.26
C GLY D 268 0.88 -17.36 29.74
N ALA D 269 1.90 -17.95 29.12
CA ALA D 269 2.04 -17.99 27.67
C ALA D 269 0.74 -17.77 26.89
N TYR D 270 -0.24 -18.63 27.08
CA TYR D 270 -1.51 -18.45 26.39
C TYR D 270 -2.68 -18.56 27.36
N ALA D 271 -2.62 -17.75 28.41
CA ALA D 271 -3.65 -17.74 29.44
C ALA D 271 -4.83 -16.85 29.08
N ILE D 272 -4.58 -15.78 28.34
CA ILE D 272 -5.60 -14.83 27.96
C ILE D 272 -6.72 -15.35 27.04
N GLN D 273 -6.45 -16.37 26.25
CA GLN D 273 -7.49 -16.85 25.33
C GLN D 273 -8.72 -17.59 25.86
N ASN D 274 -8.68 -18.11 27.08
CA ASN D 274 -9.88 -18.77 27.58
C ASN D 274 -10.06 -18.76 29.09
N ASN D 275 -11.33 -18.70 29.49
CA ASN D 275 -11.76 -18.63 30.88
C ASN D 275 -11.12 -19.57 31.87
N TYR D 276 -10.88 -20.81 31.47
CA TYR D 276 -10.30 -21.77 32.38
C TYR D 276 -9.12 -21.13 33.13
N TYR D 277 -8.20 -20.52 32.39
CA TYR D 277 -7.02 -19.88 32.97
C TYR D 277 -7.29 -18.50 33.56
N LEU D 278 -8.17 -17.73 32.93
CA LEU D 278 -8.48 -16.40 33.44
C LEU D 278 -9.00 -16.46 34.89
N GLU D 279 -9.84 -17.45 35.17
CA GLU D 279 -10.40 -17.63 36.51
C GLU D 279 -9.30 -17.91 37.52
N LYS D 280 -8.35 -18.78 37.16
CA LYS D 280 -7.26 -19.09 38.08
C LYS D 280 -6.47 -17.82 38.36
N LEU D 281 -6.26 -17.00 37.34
CA LEU D 281 -5.53 -15.75 37.54
C LEU D 281 -6.30 -14.81 38.45
N LYS D 282 -7.63 -14.75 38.27
CA LYS D 282 -8.48 -13.89 39.08
C LYS D 282 -8.33 -14.24 40.55
N LYS D 283 -8.42 -15.53 40.86
CA LYS D 283 -8.31 -16.01 42.23
C LYS D 283 -6.90 -15.93 42.78
N ALA D 284 -5.91 -16.05 41.91
CA ALA D 284 -4.52 -15.99 42.35
C ALA D 284 -4.15 -14.54 42.67
N PHE D 285 -4.72 -13.60 41.92
CA PHE D 285 -4.44 -12.20 42.13
C PHE D 285 -4.85 -11.74 43.54
N LYS D 286 -5.67 -12.53 44.21
CA LYS D 286 -6.09 -12.18 45.57
C LYS D 286 -4.87 -12.15 46.49
N TYR D 287 -3.90 -13.02 46.22
CA TYR D 287 -2.71 -13.05 47.05
C TYR D 287 -1.53 -12.45 46.33
N ARG D 288 -0.41 -13.17 46.22
CA ARG D 288 0.75 -12.59 45.57
C ARG D 288 1.19 -13.09 44.19
N VAL D 289 0.98 -12.24 43.20
CA VAL D 289 1.38 -12.51 41.84
C VAL D 289 2.04 -11.20 41.40
N ASP D 290 3.36 -11.17 41.40
CA ASP D 290 4.10 -9.98 41.01
C ASP D 290 3.86 -9.61 39.56
N ALA D 291 3.87 -10.60 38.68
CA ALA D 291 3.66 -10.35 37.27
C ALA D 291 3.29 -11.62 36.52
N VAL D 292 2.55 -11.43 35.44
CA VAL D 292 2.15 -12.53 34.57
C VAL D 292 2.73 -12.13 33.22
N VAL D 293 3.08 -13.13 32.41
CA VAL D 293 3.63 -12.86 31.09
C VAL D 293 2.85 -13.71 30.09
N SER D 294 2.41 -13.08 29.00
CA SER D 294 1.66 -13.80 28.00
C SER D 294 2.11 -13.44 26.60
N SER D 295 1.98 -14.41 25.71
CA SER D 295 2.36 -14.25 24.33
C SER D 295 1.31 -13.40 23.59
N SER D 296 1.76 -12.45 22.78
CA SER D 296 0.81 -11.61 22.05
C SER D 296 0.37 -12.27 20.75
N ASP D 297 1.14 -13.24 20.26
CA ASP D 297 0.77 -13.91 19.03
C ASP D 297 -0.18 -15.07 19.31
N LYS D 298 -0.03 -15.71 20.46
CA LYS D 298 -0.91 -16.82 20.84
C LYS D 298 -2.25 -16.33 21.35
N ASN D 299 -2.30 -15.12 21.92
CA ASN D 299 -3.54 -14.61 22.46
C ASN D 299 -4.26 -13.50 21.70
N LEU D 300 -3.51 -12.67 21.00
CA LEU D 300 -4.09 -11.56 20.26
C LEU D 300 -3.94 -11.73 18.75
N LEU D 301 -3.51 -12.92 18.33
CA LEU D 301 -3.33 -13.22 16.92
C LEU D 301 -2.43 -12.20 16.23
N THR D 302 -1.28 -11.94 16.84
CA THR D 302 -0.34 -11.00 16.28
C THR D 302 0.81 -11.79 15.65
N PRO D 303 1.51 -11.23 14.65
CA PRO D 303 2.60 -12.01 14.10
C PRO D 303 3.61 -12.24 15.23
N ILE D 304 4.49 -13.21 15.11
CA ILE D 304 5.45 -13.49 16.16
C ILE D 304 6.38 -12.34 16.54
N GLY D 305 6.67 -12.21 17.82
CA GLY D 305 7.58 -11.18 18.27
C GLY D 305 7.34 -10.40 19.54
N GLY D 306 6.11 -10.36 20.04
CA GLY D 306 5.86 -9.57 21.23
C GLY D 306 5.18 -10.21 22.42
N GLY D 307 5.24 -9.52 23.55
CA GLY D 307 4.65 -10.03 24.76
C GLY D 307 3.74 -9.06 25.48
N LEU D 308 3.00 -9.60 26.43
CA LEU D 308 2.05 -8.86 27.26
C LEU D 308 2.44 -9.19 28.70
N VAL D 309 2.67 -8.16 29.51
CA VAL D 309 3.03 -8.37 30.91
C VAL D 309 2.05 -7.58 31.74
N TYR D 310 1.44 -8.23 32.71
CA TYR D 310 0.45 -7.57 33.54
C TYR D 310 0.52 -7.96 35.00
N SER D 311 -0.09 -7.15 35.86
CA SER D 311 -0.08 -7.45 37.28
C SER D 311 -0.96 -6.46 37.99
N THR D 312 -1.09 -6.62 39.31
CA THR D 312 -1.89 -5.70 40.11
C THR D 312 -0.92 -4.73 40.75
N ASP D 313 0.37 -5.04 40.62
CA ASP D 313 1.44 -4.22 41.18
C ASP D 313 2.00 -3.20 40.18
N ALA D 314 1.44 -2.00 40.19
CA ALA D 314 1.92 -0.96 39.29
C ALA D 314 3.42 -0.74 39.52
N GLU D 315 3.85 -0.79 40.77
CA GLU D 315 5.26 -0.59 41.08
C GLU D 315 6.11 -1.61 40.33
N PHE D 316 5.69 -2.86 40.33
CA PHE D 316 6.46 -3.90 39.67
C PHE D 316 6.47 -3.79 38.14
N ILE D 317 5.35 -3.38 37.54
CA ILE D 317 5.36 -3.26 36.09
C ILE D 317 6.36 -2.17 35.66
N LYS D 318 6.43 -1.09 36.42
CA LYS D 318 7.37 -0.02 36.09
C LYS D 318 8.79 -0.55 36.09
N GLU D 319 9.16 -1.27 37.16
CA GLU D 319 10.49 -1.85 37.27
C GLU D 319 10.75 -2.74 36.07
N ILE D 320 9.72 -3.47 35.66
CA ILE D 320 9.84 -4.36 34.51
C ILE D 320 10.24 -3.57 33.26
N SER D 321 9.68 -2.38 33.07
CA SER D 321 10.03 -1.59 31.90
C SER D 321 11.36 -0.89 32.09
N LEU D 322 11.95 -1.03 33.28
CA LEU D 322 13.25 -0.42 33.55
C LEU D 322 14.38 -1.44 33.45
N SER D 323 14.04 -2.67 33.11
CA SER D 323 15.02 -3.73 33.00
C SER D 323 15.55 -3.85 31.59
N TYR D 324 14.75 -3.38 30.62
CA TYR D 324 15.12 -3.46 29.21
C TYR D 324 16.23 -2.49 28.87
N PRO D 325 17.35 -3.01 28.35
CA PRO D 325 18.45 -2.10 28.00
C PRO D 325 18.28 -1.47 26.62
N GLY D 326 18.39 -0.14 26.55
CA GLY D 326 18.29 0.55 25.29
C GLY D 326 16.88 0.75 24.75
N ARG D 327 16.82 1.18 23.49
CA ARG D 327 15.58 1.47 22.78
C ARG D 327 15.16 0.29 21.94
N ALA D 328 13.87 0.19 21.66
CA ALA D 328 13.37 -0.94 20.90
C ALA D 328 12.53 -0.60 19.68
N SER D 329 12.31 -1.61 18.86
CA SER D 329 11.49 -1.49 17.67
C SER D 329 10.05 -1.33 18.12
N ALA D 330 9.34 -0.41 17.49
CA ALA D 330 7.96 -0.17 17.85
C ALA D 330 7.03 -1.15 17.16
N THR D 331 7.53 -1.82 16.12
CA THR D 331 6.70 -2.76 15.36
C THR D 331 5.89 -3.78 16.15
N PRO D 332 6.52 -4.54 17.06
CA PRO D 332 5.72 -5.51 17.81
C PRO D 332 4.63 -4.88 18.66
N VAL D 333 4.92 -3.73 19.24
CA VAL D 333 3.92 -3.05 20.06
C VAL D 333 2.74 -2.60 19.17
N VAL D 334 3.04 -2.03 18.01
CA VAL D 334 2.00 -1.59 17.08
C VAL D 334 1.14 -2.78 16.65
N ASN D 335 1.77 -3.94 16.48
CA ASN D 335 1.04 -5.12 16.09
C ASN D 335 -0.04 -5.46 17.11
N THR D 336 0.29 -5.26 18.38
CA THR D 336 -0.67 -5.54 19.45
C THR D 336 -1.78 -4.50 19.39
N LEU D 337 -1.40 -3.23 19.35
CA LEU D 337 -2.36 -2.16 19.27
C LEU D 337 -3.28 -2.41 18.09
N VAL D 338 -2.76 -3.10 17.07
CA VAL D 338 -3.55 -3.40 15.88
C VAL D 338 -4.51 -4.57 16.10
N SER D 339 -4.16 -5.51 16.96
CA SER D 339 -5.05 -6.63 17.21
C SER D 339 -6.23 -6.11 18.01
N LEU D 340 -5.92 -5.28 19.01
CA LEU D 340 -6.93 -4.71 19.87
C LEU D 340 -7.95 -3.87 19.10
N LEU D 341 -7.49 -2.93 18.30
CA LEU D 341 -8.39 -2.05 17.53
C LEU D 341 -9.10 -2.76 16.37
N SER D 342 -8.41 -3.69 15.74
CA SER D 342 -8.96 -4.44 14.62
C SER D 342 -10.02 -5.47 15.03
N MSE D 343 -9.77 -6.20 16.10
CA MSE D 343 -10.74 -7.19 16.54
C MSE D 343 -11.88 -6.52 17.28
O MSE D 343 -13.02 -6.49 16.80
CB MSE D 343 -10.10 -8.22 17.48
CG MSE D 343 -9.06 -9.13 16.85
SE MSE D 343 -8.38 -10.42 18.15
CE MSE D 343 -7.57 -9.20 19.43
N GLY D 344 -11.57 -5.97 18.44
CA GLY D 344 -12.58 -5.34 19.27
C GLY D 344 -13.04 -6.38 20.26
N SER D 345 -13.74 -5.96 21.31
CA SER D 345 -14.23 -6.90 22.33
C SER D 345 -15.29 -7.90 21.81
N LYS D 346 -16.22 -7.44 20.99
CA LYS D 346 -17.24 -8.36 20.48
C LYS D 346 -16.57 -9.54 19.80
N ASN D 347 -15.92 -9.26 18.67
CA ASN D 347 -15.26 -10.32 17.92
C ASN D 347 -14.34 -11.19 18.75
N TYR D 348 -13.72 -10.61 19.80
CA TYR D 348 -12.83 -11.41 20.62
C TYR D 348 -13.60 -12.43 21.44
N LEU D 349 -14.64 -11.98 22.13
CA LEU D 349 -15.44 -12.89 22.94
C LEU D 349 -16.05 -13.96 22.05
N GLU D 350 -16.21 -13.63 20.77
CA GLU D 350 -16.76 -14.56 19.81
C GLU D 350 -15.72 -15.62 19.42
N LEU D 351 -14.46 -15.22 19.28
CA LEU D 351 -13.43 -16.18 18.95
C LEU D 351 -13.34 -17.13 20.12
N VAL D 352 -13.49 -16.59 21.33
CA VAL D 352 -13.43 -17.42 22.52
C VAL D 352 -14.57 -18.44 22.54
N LYS D 353 -15.74 -18.04 22.08
CA LYS D 353 -16.88 -18.94 22.05
C LYS D 353 -16.60 -20.03 21.03
N ASN D 354 -16.15 -19.63 19.84
CA ASN D 354 -15.85 -20.61 18.80
C ASN D 354 -14.78 -21.58 19.27
N GLN D 355 -13.94 -21.14 20.20
CA GLN D 355 -12.89 -22.01 20.72
C GLN D 355 -13.55 -23.20 21.41
N LYS D 356 -14.40 -22.91 22.38
CA LYS D 356 -15.10 -23.95 23.14
C LYS D 356 -15.72 -25.02 22.26
N ASN D 357 -16.45 -24.61 21.22
CA ASN D 357 -17.09 -25.59 20.34
C ASN D 357 -16.08 -26.35 19.50
N SER D 358 -14.94 -25.71 19.22
CA SER D 358 -13.91 -26.35 18.43
C SER D 358 -13.24 -27.44 19.24
N LYS D 359 -13.01 -27.16 20.51
CA LYS D 359 -12.38 -28.10 21.42
C LYS D 359 -13.28 -29.33 21.52
N LYS D 360 -14.52 -29.10 21.95
CA LYS D 360 -15.48 -30.19 22.09
C LYS D 360 -15.52 -31.07 20.86
N LEU D 361 -15.60 -30.44 19.69
CA LEU D 361 -15.63 -31.20 18.45
C LEU D 361 -14.35 -32.03 18.40
N LEU D 362 -13.24 -31.38 18.72
CA LEU D 362 -11.94 -32.05 18.70
C LEU D 362 -11.92 -33.26 19.64
N ASP D 363 -12.67 -33.20 20.74
CA ASP D 363 -12.72 -34.32 21.66
C ASP D 363 -13.68 -35.39 21.13
N GLU D 364 -14.95 -35.01 21.02
CA GLU D 364 -15.97 -35.93 20.54
C GLU D 364 -15.78 -36.27 19.07
N LEU D 365 -14.54 -36.53 18.68
CA LEU D 365 -14.19 -36.90 17.32
C LEU D 365 -12.88 -37.68 17.42
N LEU D 366 -11.99 -37.17 18.24
CA LEU D 366 -10.69 -37.79 18.46
C LEU D 366 -10.94 -39.04 19.30
N ASN D 367 -12.00 -38.99 20.09
CA ASN D 367 -12.37 -40.11 20.95
C ASN D 367 -12.94 -41.24 20.09
N ASP D 368 -13.52 -40.87 18.95
CA ASP D 368 -14.08 -41.84 18.03
C ASP D 368 -12.97 -42.68 17.42
N LEU D 369 -11.87 -42.02 17.07
CA LEU D 369 -10.73 -42.71 16.48
C LEU D 369 -10.11 -43.68 17.49
N SER D 370 -10.44 -43.50 18.76
CA SER D 370 -9.94 -44.38 19.81
C SER D 370 -10.61 -45.75 19.65
N LYS D 371 -11.81 -45.73 19.08
CA LYS D 371 -12.56 -46.95 18.85
C LYS D 371 -11.94 -47.74 17.69
N LYS D 372 -11.46 -47.02 16.70
CA LYS D 372 -10.84 -47.64 15.52
C LYS D 372 -9.53 -48.34 15.86
N THR D 373 -8.56 -47.58 16.37
CA THR D 373 -7.27 -48.16 16.73
C THR D 373 -7.36 -48.72 18.15
N GLY D 374 -6.21 -49.01 18.75
CA GLY D 374 -6.19 -49.52 20.10
C GLY D 374 -7.15 -48.67 20.92
N GLY D 375 -6.83 -47.38 21.05
CA GLY D 375 -7.69 -46.48 21.78
C GLY D 375 -7.06 -45.76 22.96
N LYS D 376 -7.92 -45.15 23.78
CA LYS D 376 -7.53 -44.41 24.98
C LYS D 376 -7.36 -42.91 24.75
N PHE D 377 -8.49 -42.21 24.80
CA PHE D 377 -8.54 -40.76 24.66
C PHE D 377 -8.07 -40.27 26.03
N LEU D 378 -6.77 -39.98 26.15
CA LEU D 378 -6.21 -39.53 27.42
C LEU D 378 -7.04 -38.46 28.11
N ASP D 379 -7.05 -38.52 29.45
CA ASP D 379 -7.80 -37.56 30.24
C ASP D 379 -6.87 -36.52 30.87
N VAL D 380 -6.67 -35.42 30.14
CA VAL D 380 -5.80 -34.35 30.59
C VAL D 380 -6.56 -33.05 30.90
N GLU D 381 -5.89 -32.15 31.62
CA GLU D 381 -6.47 -30.87 32.03
C GLU D 381 -6.66 -29.82 30.94
N SER D 382 -5.70 -29.69 30.03
CA SER D 382 -5.77 -28.69 28.98
C SER D 382 -7.15 -28.41 28.39
N PRO D 383 -7.55 -27.13 28.35
CA PRO D 383 -8.84 -26.73 27.79
C PRO D 383 -8.62 -26.35 26.32
N ILE D 384 -7.42 -26.63 25.84
CA ILE D 384 -7.05 -26.31 24.47
C ILE D 384 -6.58 -27.53 23.69
N ALA D 385 -5.79 -28.39 24.34
CA ALA D 385 -5.26 -29.56 23.68
C ALA D 385 -5.71 -30.93 24.18
N SER D 386 -5.86 -31.87 23.24
CA SER D 386 -6.26 -33.24 23.56
C SER D 386 -5.13 -34.19 23.19
N CYS D 387 -5.18 -35.41 23.71
CA CYS D 387 -4.16 -36.41 23.42
C CYS D 387 -4.73 -37.80 23.20
N ILE D 388 -4.26 -38.46 22.15
CA ILE D 388 -4.71 -39.81 21.84
C ILE D 388 -3.51 -40.75 21.84
N SER D 389 -3.70 -41.97 22.32
CA SER D 389 -2.61 -42.94 22.33
C SER D 389 -2.50 -43.67 21.01
N VAL D 390 -1.32 -44.23 20.75
CA VAL D 390 -1.08 -44.94 19.51
C VAL D 390 0.07 -45.93 19.71
N ASN D 391 0.13 -46.97 18.87
CA ASN D 391 1.20 -47.97 19.00
C ASN D 391 2.47 -47.56 18.27
N SER D 392 2.34 -47.18 17.01
CA SER D 392 3.50 -46.79 16.21
C SER D 392 4.37 -45.76 16.92
N ASP D 393 5.52 -45.47 16.31
CA ASP D 393 6.43 -44.49 16.88
C ASP D 393 5.78 -43.13 16.68
N PRO D 394 5.53 -42.40 17.77
CA PRO D 394 4.90 -41.06 17.72
C PRO D 394 5.63 -40.15 16.76
N VAL D 395 6.91 -39.92 17.04
CA VAL D 395 7.77 -39.08 16.22
C VAL D 395 7.60 -39.33 14.73
N GLU D 396 7.45 -40.59 14.35
CA GLU D 396 7.27 -40.96 12.94
C GLU D 396 5.88 -40.61 12.44
N ILE D 397 4.87 -40.83 13.29
CA ILE D 397 3.50 -40.53 12.93
C ILE D 397 3.38 -39.01 12.80
N ALA D 398 4.12 -38.30 13.63
CA ALA D 398 4.12 -36.85 13.61
C ALA D 398 4.70 -36.39 12.27
N ALA D 399 5.95 -36.76 12.00
CA ALA D 399 6.63 -36.40 10.77
C ALA D 399 5.85 -36.86 9.53
N LYS D 400 5.07 -37.93 9.68
CA LYS D 400 4.28 -38.44 8.56
C LYS D 400 3.13 -37.47 8.36
N LEU D 401 2.83 -36.68 9.39
CA LEU D 401 1.78 -35.69 9.31
C LEU D 401 2.38 -34.39 8.75
N TYR D 402 3.59 -34.05 9.20
CA TYR D 402 4.26 -32.85 8.72
C TYR D 402 4.26 -32.91 7.21
N ASN D 403 4.39 -34.12 6.67
CA ASN D 403 4.40 -34.35 5.24
C ASN D 403 3.01 -34.70 4.75
N LEU D 404 2.03 -33.88 5.13
CA LEU D 404 0.64 -34.06 4.73
C LEU D 404 -0.09 -32.73 4.97
N ARG D 405 0.70 -31.65 5.03
CA ARG D 405 0.18 -30.30 5.24
C ARG D 405 -0.25 -29.99 6.68
N VAL D 406 -0.21 -30.99 7.53
CA VAL D 406 -0.61 -30.80 8.92
C VAL D 406 0.53 -30.15 9.69
N THR D 407 0.23 -29.02 10.33
CA THR D 407 1.21 -28.31 11.13
C THR D 407 0.73 -28.21 12.57
N GLY D 408 1.64 -28.40 13.52
CA GLY D 408 1.28 -28.31 14.91
C GLY D 408 1.08 -29.58 15.71
N PRO D 409 0.85 -30.73 15.07
CA PRO D 409 0.64 -31.95 15.87
C PRO D 409 1.94 -32.37 16.55
N ARG D 410 1.82 -32.92 17.75
CA ARG D 410 2.97 -33.38 18.51
C ARG D 410 2.94 -34.89 18.66
N GLY D 411 4.12 -35.51 18.56
CA GLY D 411 4.25 -36.94 18.70
C GLY D 411 5.29 -37.19 19.75
N ILE D 412 4.86 -37.61 20.94
CA ILE D 412 5.81 -37.85 22.01
C ILE D 412 5.93 -39.31 22.42
N LYS D 413 7.16 -39.73 22.72
CA LYS D 413 7.45 -41.09 23.14
C LYS D 413 7.41 -41.12 24.66
N LYS D 414 6.79 -42.17 25.21
CA LYS D 414 6.68 -42.31 26.66
C LYS D 414 8.04 -42.23 27.33
N THR D 415 9.09 -42.40 26.55
CA THR D 415 10.43 -42.35 27.07
C THR D 415 11.05 -40.97 26.85
N ASP D 416 10.25 -40.06 26.29
CA ASP D 416 10.68 -38.69 26.00
C ASP D 416 10.57 -37.77 27.22
N HIS D 417 11.60 -37.80 28.07
CA HIS D 417 11.64 -36.98 29.28
C HIS D 417 11.18 -35.54 29.07
N PHE D 418 11.90 -34.81 28.22
CA PHE D 418 11.58 -33.42 27.95
C PHE D 418 10.17 -33.23 27.43
N GLY D 419 9.77 -34.02 26.43
CA GLY D 419 8.44 -33.91 25.85
C GLY D 419 7.28 -34.21 26.79
N ASN D 420 7.55 -34.98 27.84
CA ASN D 420 6.51 -35.36 28.79
C ASN D 420 6.55 -34.50 30.06
N CYS D 421 7.64 -33.78 30.26
CA CYS D 421 7.75 -32.93 31.44
C CYS D 421 7.72 -33.83 32.68
N TYR D 422 8.21 -35.05 32.51
CA TYR D 422 8.27 -36.06 33.58
C TYR D 422 9.59 -36.83 33.45
N LEU D 423 10.43 -36.72 34.47
CA LEU D 423 11.73 -37.38 34.47
C LEU D 423 11.69 -38.90 34.45
N GLY D 424 10.63 -39.48 35.00
CA GLY D 424 10.55 -40.93 34.98
C GLY D 424 10.04 -41.33 33.61
N THR D 425 9.44 -42.52 33.54
CA THR D 425 8.88 -43.01 32.29
C THR D 425 7.38 -42.67 32.26
N TYR D 426 6.92 -42.08 31.17
CA TYR D 426 5.51 -41.75 31.08
C TYR D 426 4.72 -42.97 30.62
N THR D 427 3.42 -42.97 30.90
CA THR D 427 2.55 -44.08 30.59
C THR D 427 2.12 -44.30 29.13
N HIS D 428 2.31 -43.31 28.27
CA HIS D 428 1.86 -43.48 26.89
C HIS D 428 2.72 -42.88 25.79
N ASP D 429 2.43 -43.33 24.57
CA ASP D 429 3.05 -42.84 23.34
C ASP D 429 1.81 -42.20 22.72
N TYR D 430 1.82 -40.88 22.56
CA TYR D 430 0.63 -40.20 22.07
C TYR D 430 0.84 -39.13 20.98
N ILE D 431 -0.29 -38.56 20.56
CA ILE D 431 -0.32 -37.52 19.55
C ILE D 431 -1.26 -36.43 20.02
N VAL D 432 -0.70 -35.31 20.48
CA VAL D 432 -1.53 -34.21 20.95
C VAL D 432 -1.81 -33.17 19.88
N MSE D 433 -3.07 -32.72 19.84
CA MSE D 433 -3.51 -31.71 18.89
C MSE D 433 -4.14 -30.55 19.66
O MSE D 433 -4.67 -30.74 20.75
CB MSE D 433 -4.52 -32.31 17.92
CG MSE D 433 -3.95 -33.49 17.17
SE MSE D 433 -5.10 -34.15 15.79
CE MSE D 433 -4.02 -33.67 14.25
N ASN D 434 -4.07 -29.35 19.09
CA ASN D 434 -4.60 -28.18 19.77
C ASN D 434 -5.83 -27.54 19.15
N ALA D 435 -6.59 -26.85 19.99
CA ALA D 435 -7.77 -26.13 19.57
C ALA D 435 -7.53 -24.71 20.09
N ALA D 436 -6.51 -24.07 19.57
CA ALA D 436 -6.17 -22.71 19.98
C ALA D 436 -7.24 -21.74 19.52
N ILE D 437 -7.20 -20.54 20.06
CA ILE D 437 -8.17 -19.53 19.69
C ILE D 437 -8.01 -19.22 18.21
N GLY D 438 -9.12 -19.14 17.50
CA GLY D 438 -9.08 -18.85 16.08
C GLY D 438 -8.96 -20.06 15.19
N VAL D 439 -8.91 -21.25 15.78
CA VAL D 439 -8.80 -22.47 14.98
C VAL D 439 -10.08 -22.70 14.17
N ARG D 440 -9.91 -23.06 12.90
CA ARG D 440 -11.04 -23.30 12.00
C ARG D 440 -11.48 -24.76 12.05
N THR D 441 -12.77 -25.01 11.84
CA THR D 441 -13.30 -26.37 11.87
C THR D 441 -12.48 -27.30 10.99
N GLU D 442 -12.16 -26.83 9.78
CA GLU D 442 -11.35 -27.60 8.83
C GLU D 442 -10.08 -28.07 9.51
N ASP D 443 -9.40 -27.16 10.22
CA ASP D 443 -8.17 -27.55 10.92
C ASP D 443 -8.47 -28.76 11.80
N ILE D 444 -9.66 -28.78 12.39
CA ILE D 444 -10.04 -29.87 13.28
C ILE D 444 -10.48 -31.13 12.53
N VAL D 445 -11.61 -31.03 11.83
CA VAL D 445 -12.12 -32.16 11.06
C VAL D 445 -11.02 -32.85 10.23
N ASN D 446 -10.32 -32.07 9.42
CA ASN D 446 -9.29 -32.62 8.55
C ASN D 446 -8.00 -33.06 9.22
N SER D 447 -7.71 -32.55 10.42
CA SER D 447 -6.49 -32.97 11.09
C SER D 447 -6.74 -34.37 11.62
N VAL D 448 -7.97 -34.62 12.06
CA VAL D 448 -8.36 -35.92 12.58
C VAL D 448 -8.42 -36.92 11.44
N SER D 449 -8.93 -36.48 10.29
CA SER D 449 -9.03 -37.33 9.12
C SER D 449 -7.64 -37.82 8.71
N LYS D 450 -6.72 -36.89 8.46
CA LYS D 450 -5.36 -37.26 8.08
C LYS D 450 -4.74 -38.15 9.14
N LEU D 451 -5.32 -38.13 10.33
CA LEU D 451 -4.81 -38.95 11.44
C LEU D 451 -5.29 -40.40 11.29
N GLU D 452 -6.60 -40.58 11.15
CA GLU D 452 -7.18 -41.92 11.01
C GLU D 452 -6.38 -42.74 9.98
N LYS D 453 -6.04 -42.10 8.87
CA LYS D 453 -5.30 -42.74 7.79
C LYS D 453 -4.05 -43.45 8.30
N ILE D 454 -3.71 -43.21 9.57
CA ILE D 454 -2.53 -43.83 10.16
C ILE D 454 -2.86 -44.41 11.54
N1 PLP E . -3.56 14.17 -31.76
C2 PLP E . -2.24 14.40 -31.85
C2A PLP E . -1.74 15.52 -32.76
C3 PLP E . -1.34 13.60 -31.17
O3 PLP E . -0.01 13.82 -31.25
C4 PLP E . -1.82 12.54 -30.40
C4A PLP E . -0.84 11.64 -29.63
C5 PLP E . -3.20 12.32 -30.33
C6 PLP E . -4.03 13.18 -31.02
C5A PLP E . -3.82 11.11 -29.63
O4P PLP E . -4.45 11.48 -28.39
P PLP E . -5.47 10.46 -27.66
O1P PLP E . -6.87 10.69 -28.05
O2P PLP E . -5.20 10.69 -26.09
O3P PLP E . -4.98 8.97 -28.02
N1 PLP F . -29.53 4.61 -18.25
C2 PLP F . -30.10 4.09 -17.17
C2A PLP F . -31.57 3.66 -17.22
C3 PLP F . -29.37 3.92 -16.00
O3 PLP F . -29.92 3.35 -14.90
C4 PLP F . -28.02 4.30 -15.98
C4A PLP F . -27.21 4.14 -14.70
C5 PLP F . -27.45 4.84 -17.13
C6 PLP F . -28.25 4.98 -18.25
C5A PLP F . -25.95 5.11 -17.31
O4P PLP F . -25.43 6.15 -16.49
P PLP F . -23.88 6.57 -16.70
O1P PLP F . -23.59 6.96 -18.10
O2P PLP F . -23.02 5.29 -16.25
O3P PLP F . -23.57 7.74 -15.64
S SO4 G . -0.68 3.85 -31.42
O1 SO4 G . -1.35 2.49 -31.43
O2 SO4 G . -1.58 4.79 -30.62
O3 SO4 G . 0.52 3.71 -30.70
O4 SO4 G . -0.77 4.32 -32.76
N1 PLP H . 26.24 2.49 22.93
C2 PLP H . 26.53 3.71 22.45
C2A PLP H . 27.83 4.40 22.84
C3 PLP H . 25.63 4.35 21.59
O3 PLP H . 25.92 5.57 21.08
C4 PLP H . 24.46 3.70 21.23
C4A PLP H . 23.45 4.38 20.31
C5 PLP H . 24.20 2.42 21.72
C6 PLP H . 25.13 1.86 22.59
C5A PLP H . 23.03 1.56 21.27
O4P PLP H . 21.86 1.71 22.07
P PLP H . 20.57 0.81 21.73
O1P PLP H . 20.65 -0.55 22.30
O2P PLP H . 20.46 0.78 20.12
O3P PLP H . 19.29 1.63 22.24
S SO4 I . 10.21 -24.03 17.72
O1 SO4 I . 10.28 -25.28 16.86
O2 SO4 I . 11.02 -24.30 18.98
O3 SO4 I . 10.87 -23.00 17.01
O4 SO4 I . 8.85 -23.95 18.15
N1 PLP J . 6.27 -20.80 27.34
C2 PLP J . 5.37 -21.68 26.87
C2A PLP J . 4.89 -22.83 27.77
C3 PLP J . 4.87 -21.54 25.58
O3 PLP J . 3.98 -22.44 25.09
C4 PLP J . 5.32 -20.48 24.80
C4A PLP J . 4.81 -20.33 23.36
C5 PLP J . 6.24 -19.58 25.31
C6 PLP J . 6.70 -19.79 26.61
C5A PLP J . 6.68 -18.30 24.60
O4P PLP J . 7.77 -18.51 23.70
P PLP J . 8.47 -17.27 22.96
O1P PLP J . 9.39 -16.53 23.85
O2P PLP J . 7.28 -16.34 22.40
O3P PLP J . 9.22 -17.86 21.67
#